data_3LK1
# 
_entry.id   3LK1 
# 
_audit_conform.dict_name       mmcif_pdbx.dic 
_audit_conform.dict_version    5.387 
_audit_conform.dict_location   http://mmcif.pdb.org/dictionaries/ascii/mmcif_pdbx.dic 
# 
loop_
_database_2.database_id 
_database_2.database_code 
_database_2.pdbx_database_accession 
_database_2.pdbx_DOI 
PDB   3LK1         pdb_00003lk1 10.2210/pdb3lk1/pdb 
RCSB  RCSB057372   ?            ?                   
WWPDB D_1000057372 ?            ?                   
# 
loop_
_pdbx_audit_revision_history.ordinal 
_pdbx_audit_revision_history.data_content_type 
_pdbx_audit_revision_history.major_revision 
_pdbx_audit_revision_history.minor_revision 
_pdbx_audit_revision_history.revision_date 
1 'Structure model' 1 0 2010-12-29 
2 'Structure model' 1 1 2011-07-13 
3 'Structure model' 1 2 2017-11-01 
4 'Structure model' 1 3 2024-02-21 
# 
_pdbx_audit_revision_details.ordinal             1 
_pdbx_audit_revision_details.revision_ordinal    1 
_pdbx_audit_revision_details.data_content_type   'Structure model' 
_pdbx_audit_revision_details.provider            repository 
_pdbx_audit_revision_details.type                'Initial release' 
_pdbx_audit_revision_details.description         ? 
_pdbx_audit_revision_details.details             ? 
# 
loop_
_pdbx_audit_revision_group.ordinal 
_pdbx_audit_revision_group.revision_ordinal 
_pdbx_audit_revision_group.data_content_type 
_pdbx_audit_revision_group.group 
1 2 'Structure model' 'Version format compliance' 
2 3 'Structure model' 'Refinement description'    
3 4 'Structure model' 'Data collection'           
4 4 'Structure model' 'Database references'       
5 4 'Structure model' 'Derived calculations'      
# 
loop_
_pdbx_audit_revision_category.ordinal 
_pdbx_audit_revision_category.revision_ordinal 
_pdbx_audit_revision_category.data_content_type 
_pdbx_audit_revision_category.category 
1 3 'Structure model' software               
2 4 'Structure model' chem_comp_atom         
3 4 'Structure model' chem_comp_bond         
4 4 'Structure model' database_2             
5 4 'Structure model' pdbx_struct_conn_angle 
6 4 'Structure model' struct_conn            
7 4 'Structure model' struct_site            
# 
loop_
_pdbx_audit_revision_item.ordinal 
_pdbx_audit_revision_item.revision_ordinal 
_pdbx_audit_revision_item.data_content_type 
_pdbx_audit_revision_item.item 
1  4 'Structure model' '_database_2.pdbx_DOI'                        
2  4 'Structure model' '_database_2.pdbx_database_accession'         
3  4 'Structure model' '_pdbx_struct_conn_angle.ptnr1_auth_comp_id'  
4  4 'Structure model' '_pdbx_struct_conn_angle.ptnr1_auth_seq_id'   
5  4 'Structure model' '_pdbx_struct_conn_angle.ptnr1_label_asym_id' 
6  4 'Structure model' '_pdbx_struct_conn_angle.ptnr1_label_atom_id' 
7  4 'Structure model' '_pdbx_struct_conn_angle.ptnr1_label_comp_id' 
8  4 'Structure model' '_pdbx_struct_conn_angle.ptnr1_label_seq_id'  
9  4 'Structure model' '_pdbx_struct_conn_angle.ptnr2_auth_seq_id'   
10 4 'Structure model' '_pdbx_struct_conn_angle.ptnr2_label_asym_id' 
11 4 'Structure model' '_pdbx_struct_conn_angle.ptnr3_auth_comp_id'  
12 4 'Structure model' '_pdbx_struct_conn_angle.ptnr3_auth_seq_id'   
13 4 'Structure model' '_pdbx_struct_conn_angle.ptnr3_label_asym_id' 
14 4 'Structure model' '_pdbx_struct_conn_angle.ptnr3_label_atom_id' 
15 4 'Structure model' '_pdbx_struct_conn_angle.ptnr3_label_comp_id' 
16 4 'Structure model' '_pdbx_struct_conn_angle.ptnr3_label_seq_id'  
17 4 'Structure model' '_pdbx_struct_conn_angle.value'               
18 4 'Structure model' '_struct_conn.pdbx_dist_value'                
19 4 'Structure model' '_struct_conn.ptnr1_auth_comp_id'             
20 4 'Structure model' '_struct_conn.ptnr1_auth_seq_id'              
21 4 'Structure model' '_struct_conn.ptnr1_label_asym_id'            
22 4 'Structure model' '_struct_conn.ptnr1_label_atom_id'            
23 4 'Structure model' '_struct_conn.ptnr1_label_comp_id'            
24 4 'Structure model' '_struct_conn.ptnr1_label_seq_id'             
25 4 'Structure model' '_struct_conn.ptnr2_auth_comp_id'             
26 4 'Structure model' '_struct_conn.ptnr2_auth_seq_id'              
27 4 'Structure model' '_struct_conn.ptnr2_label_asym_id'            
28 4 'Structure model' '_struct_conn.ptnr2_label_atom_id'            
29 4 'Structure model' '_struct_conn.ptnr2_label_comp_id'            
30 4 'Structure model' '_struct_site.pdbx_auth_asym_id'              
31 4 'Structure model' '_struct_site.pdbx_auth_comp_id'              
32 4 'Structure model' '_struct_site.pdbx_auth_seq_id'               
# 
_pdbx_database_status.entry_id                        3LK1 
_pdbx_database_status.status_code                     REL 
_pdbx_database_status.deposit_site                    RCSB 
_pdbx_database_status.process_site                    RCSB 
_pdbx_database_status.recvd_initial_deposition_date   2010-01-26 
_pdbx_database_status.status_code_sf                  REL 
_pdbx_database_status.status_code_mr                  ? 
_pdbx_database_status.SG_entry                        ? 
_pdbx_database_status.status_code_cs                  ? 
_pdbx_database_status.pdb_format_compatible           Y 
_pdbx_database_status.methods_development_category    ? 
_pdbx_database_status.status_code_nmr_data            ? 
# 
_pdbx_database_related.db_name        PDB 
_pdbx_database_related.db_id          3LK0 
_pdbx_database_related.details        'X-ray structure of bovine SC0067,Ca(2+)-S100B' 
_pdbx_database_related.content_type   unspecified 
# 
loop_
_audit_author.name 
_audit_author.pdbx_ordinal 
'Charpentier, T.H.' 1 
'Weber, D.J.'       2 
'Wilder, P.W.'      3 
# 
_citation.id                        primary 
_citation.title                     
'In vitro screening and structural characterization of inhibitors of the S100B-p53 interaction.' 
_citation.journal_abbrev            'Int J High Throughput Screen' 
_citation.journal_volume            2010 
_citation.page_first                109 
_citation.page_last                 126 
_citation.year                      2010 
_citation.journal_id_ASTM           ? 
_citation.country                   UK 
_citation.journal_id_ISSN           1179-1381 
_citation.journal_id_CSD            0353 
_citation.book_publisher            ? 
_citation.pdbx_database_id_PubMed   21132089 
_citation.pdbx_database_id_DOI      10.2147/IJHTS.S8210 
# 
loop_
_citation_author.citation_id 
_citation_author.name 
_citation_author.ordinal 
_citation_author.identifier_ORCID 
primary 'Wilder, P.T.'      1  ? 
primary 'Charpentier, T.H.' 2  ? 
primary 'Liriano, M.A.'     3  ? 
primary 'Gianni, K.'        4  ? 
primary 'Varney, K.M.'      5  ? 
primary 'Pozharski, E.'     6  ? 
primary 'Coop, A.'          7  ? 
primary 'Toth, E.A.'        8  ? 
primary 'Mackerell, A.D.'   9  ? 
primary 'Weber, D.J.'       10 ? 
# 
loop_
_entity.id 
_entity.type 
_entity.src_method 
_entity.pdbx_description 
_entity.formula_weight 
_entity.pdbx_number_of_molecules 
_entity.pdbx_ec 
_entity.pdbx_mutation 
_entity.pdbx_fragment 
_entity.details 
1 polymer     man 'Protein S100-B'         10414.713 1  ? ? ? ? 
2 non-polymer syn 'CALCIUM ION'            40.078    2  ? ? ? ? 
3 non-polymer syn 'ETHYL MERCURY ION'      229.651   1  ? ? ? ? 
4 non-polymer syn '2-sulfanylbenzoic acid' 154.186   1  ? ? ? ? 
5 water       nat water                    18.015    47 ? ? ? ? 
# 
_entity_name_com.entity_id   1 
_entity_name_com.name        'S100 calcium-binding protein B, S-100 protein subunit beta, S-100 protein beta chain' 
# 
_entity_poly.entity_id                      1 
_entity_poly.type                           'polypeptide(L)' 
_entity_poly.nstd_linkage                   no 
_entity_poly.nstd_monomer                   no 
_entity_poly.pdbx_seq_one_letter_code       
;MSELEKAVVALIDVFHQYSGREGDKHKLKKSELKELINNELSHFLEEIKEQEVVDKVMETLDSDGDGECDFQEFMAFVAM
ITTACHEFFE
;
_entity_poly.pdbx_seq_one_letter_code_can   
;MSELEKAVVALIDVFHQYSGREGDKHKLKKSELKELINNELSHFLEEIKEQEVVDKVMETLDSDGDGECDFQEFMAFVAM
ITTACHEFFE
;
_entity_poly.pdbx_strand_id                 A 
_entity_poly.pdbx_target_identifier         ? 
# 
loop_
_pdbx_entity_nonpoly.entity_id 
_pdbx_entity_nonpoly.name 
_pdbx_entity_nonpoly.comp_id 
2 'CALCIUM ION'            CA  
3 'ETHYL MERCURY ION'      EMC 
4 '2-sulfanylbenzoic acid' JKE 
5 water                    HOH 
# 
loop_
_entity_poly_seq.entity_id 
_entity_poly_seq.num 
_entity_poly_seq.mon_id 
_entity_poly_seq.hetero 
1 1  MET n 
1 2  SER n 
1 3  GLU n 
1 4  LEU n 
1 5  GLU n 
1 6  LYS n 
1 7  ALA n 
1 8  VAL n 
1 9  VAL n 
1 10 ALA n 
1 11 LEU n 
1 12 ILE n 
1 13 ASP n 
1 14 VAL n 
1 15 PHE n 
1 16 HIS n 
1 17 GLN n 
1 18 TYR n 
1 19 SER n 
1 20 GLY n 
1 21 ARG n 
1 22 GLU n 
1 23 GLY n 
1 24 ASP n 
1 25 LYS n 
1 26 HIS n 
1 27 LYS n 
1 28 LEU n 
1 29 LYS n 
1 30 LYS n 
1 31 SER n 
1 32 GLU n 
1 33 LEU n 
1 34 LYS n 
1 35 GLU n 
1 36 LEU n 
1 37 ILE n 
1 38 ASN n 
1 39 ASN n 
1 40 GLU n 
1 41 LEU n 
1 42 SER n 
1 43 HIS n 
1 44 PHE n 
1 45 LEU n 
1 46 GLU n 
1 47 GLU n 
1 48 ILE n 
1 49 LYS n 
1 50 GLU n 
1 51 GLN n 
1 52 GLU n 
1 53 VAL n 
1 54 VAL n 
1 55 ASP n 
1 56 LYS n 
1 57 VAL n 
1 58 MET n 
1 59 GLU n 
1 60 THR n 
1 61 LEU n 
1 62 ASP n 
1 63 SER n 
1 64 ASP n 
1 65 GLY n 
1 66 ASP n 
1 67 GLY n 
1 68 GLU n 
1 69 CYS n 
1 70 ASP n 
1 71 PHE n 
1 72 GLN n 
1 73 GLU n 
1 74 PHE n 
1 75 MET n 
1 76 ALA n 
1 77 PHE n 
1 78 VAL n 
1 79 ALA n 
1 80 MET n 
1 81 ILE n 
1 82 THR n 
1 83 THR n 
1 84 ALA n 
1 85 CYS n 
1 86 HIS n 
1 87 GLU n 
1 88 PHE n 
1 89 PHE n 
1 90 GLU n 
# 
_entity_src_gen.entity_id                          1 
_entity_src_gen.pdbx_src_id                        1 
_entity_src_gen.pdbx_alt_source_flag               sample 
_entity_src_gen.pdbx_seq_type                      ? 
_entity_src_gen.pdbx_beg_seq_num                   ? 
_entity_src_gen.pdbx_end_seq_num                   ? 
_entity_src_gen.gene_src_common_name               bovine 
_entity_src_gen.gene_src_genus                     ? 
_entity_src_gen.pdbx_gene_src_gene                 S100B 
_entity_src_gen.gene_src_species                   ? 
_entity_src_gen.gene_src_strain                    ? 
_entity_src_gen.gene_src_tissue                    ? 
_entity_src_gen.gene_src_tissue_fraction           ? 
_entity_src_gen.gene_src_details                   ? 
_entity_src_gen.pdbx_gene_src_fragment             ? 
_entity_src_gen.pdbx_gene_src_scientific_name      'Bos taurus' 
_entity_src_gen.pdbx_gene_src_ncbi_taxonomy_id     9913 
_entity_src_gen.pdbx_gene_src_variant              ? 
_entity_src_gen.pdbx_gene_src_cell_line            ? 
_entity_src_gen.pdbx_gene_src_atcc                 ? 
_entity_src_gen.pdbx_gene_src_organ                ? 
_entity_src_gen.pdbx_gene_src_organelle            ? 
_entity_src_gen.pdbx_gene_src_cell                 ? 
_entity_src_gen.pdbx_gene_src_cellular_location    ? 
_entity_src_gen.host_org_common_name               ? 
_entity_src_gen.pdbx_host_org_scientific_name      'Escherichia coli' 
_entity_src_gen.pdbx_host_org_ncbi_taxonomy_id     562 
_entity_src_gen.host_org_genus                     ? 
_entity_src_gen.pdbx_host_org_gene                 ? 
_entity_src_gen.pdbx_host_org_organ                ? 
_entity_src_gen.host_org_species                   ? 
_entity_src_gen.pdbx_host_org_tissue               ? 
_entity_src_gen.pdbx_host_org_tissue_fraction      ? 
_entity_src_gen.pdbx_host_org_strain               'BL21(DE3)' 
_entity_src_gen.pdbx_host_org_variant              ? 
_entity_src_gen.pdbx_host_org_cell_line            ? 
_entity_src_gen.pdbx_host_org_atcc                 ? 
_entity_src_gen.pdbx_host_org_culture_collection   ? 
_entity_src_gen.pdbx_host_org_cell                 ? 
_entity_src_gen.pdbx_host_org_organelle            ? 
_entity_src_gen.pdbx_host_org_cellular_location    ? 
_entity_src_gen.pdbx_host_org_vector_type          plasmid 
_entity_src_gen.pdbx_host_org_vector               ? 
_entity_src_gen.host_org_details                   ? 
_entity_src_gen.expression_system_id               ? 
_entity_src_gen.plasmid_name                       pET11b 
_entity_src_gen.plasmid_details                    ? 
_entity_src_gen.pdbx_description                   ? 
# 
loop_
_chem_comp.id 
_chem_comp.type 
_chem_comp.mon_nstd_flag 
_chem_comp.name 
_chem_comp.pdbx_synonyms 
_chem_comp.formula 
_chem_comp.formula_weight 
ALA 'L-peptide linking' y ALANINE                  ? 'C3 H7 N O2'     89.093  
ARG 'L-peptide linking' y ARGININE                 ? 'C6 H15 N4 O2 1' 175.209 
ASN 'L-peptide linking' y ASPARAGINE               ? 'C4 H8 N2 O3'    132.118 
ASP 'L-peptide linking' y 'ASPARTIC ACID'          ? 'C4 H7 N O4'     133.103 
CA  non-polymer         . 'CALCIUM ION'            ? 'Ca 2'           40.078  
CYS 'L-peptide linking' y CYSTEINE                 ? 'C3 H7 N O2 S'   121.158 
EMC non-polymer         . 'ETHYL MERCURY ION'      ? 'C2 H5 Hg 1'     229.651 
GLN 'L-peptide linking' y GLUTAMINE                ? 'C5 H10 N2 O3'   146.144 
GLU 'L-peptide linking' y 'GLUTAMIC ACID'          ? 'C5 H9 N O4'     147.129 
GLY 'peptide linking'   y GLYCINE                  ? 'C2 H5 N O2'     75.067  
HIS 'L-peptide linking' y HISTIDINE                ? 'C6 H10 N3 O2 1' 156.162 
HOH non-polymer         . WATER                    ? 'H2 O'           18.015  
ILE 'L-peptide linking' y ISOLEUCINE               ? 'C6 H13 N O2'    131.173 
JKE non-polymer         . '2-sulfanylbenzoic acid' ? 'C7 H6 O2 S'     154.186 
LEU 'L-peptide linking' y LEUCINE                  ? 'C6 H13 N O2'    131.173 
LYS 'L-peptide linking' y LYSINE                   ? 'C6 H15 N2 O2 1' 147.195 
MET 'L-peptide linking' y METHIONINE               ? 'C5 H11 N O2 S'  149.211 
PHE 'L-peptide linking' y PHENYLALANINE            ? 'C9 H11 N O2'    165.189 
SER 'L-peptide linking' y SERINE                   ? 'C3 H7 N O3'     105.093 
THR 'L-peptide linking' y THREONINE                ? 'C4 H9 N O3'     119.119 
TYR 'L-peptide linking' y TYROSINE                 ? 'C9 H11 N O3'    181.189 
VAL 'L-peptide linking' y VALINE                   ? 'C5 H11 N O2'    117.146 
# 
loop_
_pdbx_poly_seq_scheme.asym_id 
_pdbx_poly_seq_scheme.entity_id 
_pdbx_poly_seq_scheme.seq_id 
_pdbx_poly_seq_scheme.mon_id 
_pdbx_poly_seq_scheme.ndb_seq_num 
_pdbx_poly_seq_scheme.pdb_seq_num 
_pdbx_poly_seq_scheme.auth_seq_num 
_pdbx_poly_seq_scheme.pdb_mon_id 
_pdbx_poly_seq_scheme.auth_mon_id 
_pdbx_poly_seq_scheme.pdb_strand_id 
_pdbx_poly_seq_scheme.pdb_ins_code 
_pdbx_poly_seq_scheme.hetero 
A 1 1  MET 1  0  0  MET MET A . n 
A 1 2  SER 2  1  1  SER SER A . n 
A 1 3  GLU 3  2  2  GLU GLU A . n 
A 1 4  LEU 4  3  3  LEU LEU A . n 
A 1 5  GLU 5  4  4  GLU GLU A . n 
A 1 6  LYS 6  5  5  LYS LYS A . n 
A 1 7  ALA 7  6  6  ALA ALA A . n 
A 1 8  VAL 8  7  7  VAL VAL A . n 
A 1 9  VAL 9  8  8  VAL VAL A . n 
A 1 10 ALA 10 9  9  ALA ALA A . n 
A 1 11 LEU 11 10 10 LEU LEU A . n 
A 1 12 ILE 12 11 11 ILE ILE A . n 
A 1 13 ASP 13 12 12 ASP ASP A . n 
A 1 14 VAL 14 13 13 VAL VAL A . n 
A 1 15 PHE 15 14 14 PHE PHE A . n 
A 1 16 HIS 16 15 15 HIS HIS A . n 
A 1 17 GLN 17 16 16 GLN GLN A . n 
A 1 18 TYR 18 17 17 TYR TYR A . n 
A 1 19 SER 19 18 18 SER SER A . n 
A 1 20 GLY 20 19 19 GLY GLY A . n 
A 1 21 ARG 21 20 20 ARG ARG A . n 
A 1 22 GLU 22 21 21 GLU GLU A . n 
A 1 23 GLY 23 22 22 GLY GLY A . n 
A 1 24 ASP 24 23 23 ASP ASP A . n 
A 1 25 LYS 25 24 24 LYS LYS A . n 
A 1 26 HIS 26 25 25 HIS HIS A . n 
A 1 27 LYS 27 26 26 LYS LYS A . n 
A 1 28 LEU 28 27 27 LEU LEU A . n 
A 1 29 LYS 29 28 28 LYS LYS A . n 
A 1 30 LYS 30 29 29 LYS LYS A . n 
A 1 31 SER 31 30 30 SER SER A . n 
A 1 32 GLU 32 31 31 GLU GLU A . n 
A 1 33 LEU 33 32 32 LEU LEU A . n 
A 1 34 LYS 34 33 33 LYS LYS A . n 
A 1 35 GLU 35 34 34 GLU GLU A . n 
A 1 36 LEU 36 35 35 LEU LEU A . n 
A 1 37 ILE 37 36 36 ILE ILE A . n 
A 1 38 ASN 38 37 37 ASN ASN A . n 
A 1 39 ASN 39 38 38 ASN ASN A . n 
A 1 40 GLU 40 39 39 GLU GLU A . n 
A 1 41 LEU 41 40 40 LEU LEU A . n 
A 1 42 SER 42 41 41 SER SER A . n 
A 1 43 HIS 43 42 42 HIS HIS A . n 
A 1 44 PHE 44 43 43 PHE PHE A . n 
A 1 45 LEU 45 44 44 LEU LEU A . n 
A 1 46 GLU 46 45 45 GLU GLU A . n 
A 1 47 GLU 47 46 46 GLU GLU A . n 
A 1 48 ILE 48 47 47 ILE ILE A . n 
A 1 49 LYS 49 48 48 LYS LYS A . n 
A 1 50 GLU 50 49 49 GLU GLU A . n 
A 1 51 GLN 51 50 50 GLN GLN A . n 
A 1 52 GLU 52 51 51 GLU GLU A . n 
A 1 53 VAL 53 52 52 VAL VAL A . n 
A 1 54 VAL 54 53 53 VAL VAL A . n 
A 1 55 ASP 55 54 54 ASP ASP A . n 
A 1 56 LYS 56 55 55 LYS LYS A . n 
A 1 57 VAL 57 56 56 VAL VAL A . n 
A 1 58 MET 58 57 57 MET MET A . n 
A 1 59 GLU 59 58 58 GLU GLU A . n 
A 1 60 THR 60 59 59 THR THR A . n 
A 1 61 LEU 61 60 60 LEU LEU A . n 
A 1 62 ASP 62 61 61 ASP ASP A . n 
A 1 63 SER 63 62 62 SER SER A . n 
A 1 64 ASP 64 63 63 ASP ASP A . n 
A 1 65 GLY 65 64 64 GLY GLY A . n 
A 1 66 ASP 66 65 65 ASP ASP A . n 
A 1 67 GLY 67 66 66 GLY GLY A . n 
A 1 68 GLU 68 67 67 GLU GLU A . n 
A 1 69 CYS 69 68 68 CYS CYS A . n 
A 1 70 ASP 70 69 69 ASP ASP A . n 
A 1 71 PHE 71 70 70 PHE PHE A . n 
A 1 72 GLN 72 71 71 GLN GLN A . n 
A 1 73 GLU 73 72 72 GLU GLU A . n 
A 1 74 PHE 74 73 73 PHE PHE A . n 
A 1 75 MET 75 74 74 MET MET A . n 
A 1 76 ALA 76 75 75 ALA ALA A . n 
A 1 77 PHE 77 76 76 PHE PHE A . n 
A 1 78 VAL 78 77 77 VAL VAL A . n 
A 1 79 ALA 79 78 78 ALA ALA A . n 
A 1 80 MET 80 79 79 MET MET A . n 
A 1 81 ILE 81 80 80 ILE ILE A . n 
A 1 82 THR 82 81 81 THR THR A . n 
A 1 83 THR 83 82 82 THR THR A . n 
A 1 84 ALA 84 83 83 ALA ALA A . n 
A 1 85 CYS 85 84 84 CYS CYS A . n 
A 1 86 HIS 86 85 85 HIS HIS A . n 
A 1 87 GLU 87 86 86 GLU GLU A . n 
A 1 88 PHE 88 87 87 PHE PHE A . n 
A 1 89 PHE 89 88 ?  ?   ?   A . n 
A 1 90 GLU 90 89 ?  ?   ?   A . n 
# 
loop_
_pdbx_nonpoly_scheme.asym_id 
_pdbx_nonpoly_scheme.entity_id 
_pdbx_nonpoly_scheme.mon_id 
_pdbx_nonpoly_scheme.ndb_seq_num 
_pdbx_nonpoly_scheme.pdb_seq_num 
_pdbx_nonpoly_scheme.auth_seq_num 
_pdbx_nonpoly_scheme.pdb_mon_id 
_pdbx_nonpoly_scheme.auth_mon_id 
_pdbx_nonpoly_scheme.pdb_strand_id 
_pdbx_nonpoly_scheme.pdb_ins_code 
B 2 CA  1  90  90  CA  CA  A . 
C 2 CA  1  91  91  CA  CA  A . 
D 3 EMC 1  92  92  EMC EMC A . 
E 4 JKE 1  93  93  JKE JKE A . 
F 5 HOH 1  94  94  HOH HOH A . 
F 5 HOH 2  95  95  HOH HOH A . 
F 5 HOH 3  96  96  HOH HOH A . 
F 5 HOH 4  97  97  HOH HOH A . 
F 5 HOH 5  98  98  HOH HOH A . 
F 5 HOH 6  99  99  HOH HOH A . 
F 5 HOH 7  100 100 HOH HOH A . 
F 5 HOH 8  101 101 HOH HOH A . 
F 5 HOH 9  102 102 HOH HOH A . 
F 5 HOH 10 103 103 HOH HOH A . 
F 5 HOH 11 104 104 HOH HOH A . 
F 5 HOH 12 105 105 HOH HOH A . 
F 5 HOH 13 106 106 HOH HOH A . 
F 5 HOH 14 107 107 HOH HOH A . 
F 5 HOH 15 108 108 HOH HOH A . 
F 5 HOH 16 109 109 HOH HOH A . 
F 5 HOH 17 110 110 HOH HOH A . 
F 5 HOH 18 111 111 HOH HOH A . 
F 5 HOH 19 112 112 HOH HOH A . 
F 5 HOH 20 113 113 HOH HOH A . 
F 5 HOH 21 114 114 HOH HOH A . 
F 5 HOH 22 115 115 HOH HOH A . 
F 5 HOH 23 116 116 HOH HOH A . 
F 5 HOH 24 117 117 HOH HOH A . 
F 5 HOH 25 118 118 HOH HOH A . 
F 5 HOH 26 119 119 HOH HOH A . 
F 5 HOH 27 120 120 HOH HOH A . 
F 5 HOH 28 121 121 HOH HOH A . 
F 5 HOH 29 122 122 HOH HOH A . 
F 5 HOH 30 123 123 HOH HOH A . 
F 5 HOH 31 124 124 HOH HOH A . 
F 5 HOH 32 125 125 HOH HOH A . 
F 5 HOH 33 126 126 HOH HOH A . 
F 5 HOH 34 127 127 HOH HOH A . 
F 5 HOH 35 128 128 HOH HOH A . 
F 5 HOH 36 129 129 HOH HOH A . 
F 5 HOH 37 130 130 HOH HOH A . 
F 5 HOH 38 131 131 HOH HOH A . 
F 5 HOH 39 132 132 HOH HOH A . 
F 5 HOH 40 133 133 HOH HOH A . 
F 5 HOH 41 134 134 HOH HOH A . 
F 5 HOH 42 135 135 HOH HOH A . 
F 5 HOH 43 136 136 HOH HOH A . 
F 5 HOH 44 137 137 HOH HOH A . 
F 5 HOH 45 138 138 HOH HOH A . 
F 5 HOH 46 139 139 HOH HOH A . 
F 5 HOH 47 140 140 HOH HOH A . 
# 
loop_
_pdbx_unobs_or_zero_occ_atoms.id 
_pdbx_unobs_or_zero_occ_atoms.PDB_model_num 
_pdbx_unobs_or_zero_occ_atoms.polymer_flag 
_pdbx_unobs_or_zero_occ_atoms.occupancy_flag 
_pdbx_unobs_or_zero_occ_atoms.auth_asym_id 
_pdbx_unobs_or_zero_occ_atoms.auth_comp_id 
_pdbx_unobs_or_zero_occ_atoms.auth_seq_id 
_pdbx_unobs_or_zero_occ_atoms.PDB_ins_code 
_pdbx_unobs_or_zero_occ_atoms.auth_atom_id 
_pdbx_unobs_or_zero_occ_atoms.label_alt_id 
_pdbx_unobs_or_zero_occ_atoms.label_asym_id 
_pdbx_unobs_or_zero_occ_atoms.label_comp_id 
_pdbx_unobs_or_zero_occ_atoms.label_seq_id 
_pdbx_unobs_or_zero_occ_atoms.label_atom_id 
1  1 Y 1 A MET 0  ? CG  ? A MET 1  CG  
2  1 Y 1 A MET 0  ? SD  ? A MET 1  SD  
3  1 Y 1 A MET 0  ? CE  ? A MET 1  CE  
4  1 Y 1 A LYS 5  ? NZ  ? A LYS 6  NZ  
5  1 Y 1 A LYS 26 ? CE  ? A LYS 27 CE  
6  1 Y 1 A LYS 26 ? NZ  ? A LYS 27 NZ  
7  1 Y 1 A LYS 28 ? CE  ? A LYS 29 CE  
8  1 Y 1 A LYS 28 ? NZ  ? A LYS 29 NZ  
9  1 Y 1 A GLU 45 ? CD  ? A GLU 46 CD  
10 1 Y 1 A GLU 45 ? OE1 ? A GLU 46 OE1 
11 1 Y 1 A GLU 45 ? OE2 ? A GLU 46 OE2 
12 1 Y 1 A GLN 71 ? OE1 ? A GLN 72 OE1 
13 1 Y 1 A GLN 71 ? NE2 ? A GLN 72 NE2 
# 
loop_
_software.pdbx_ordinal 
_software.name 
_software.version 
_software.date 
_software.type 
_software.contact_author 
_software.contact_author_email 
_software.classification 
_software.location 
_software.language 
_software.citation_id 
1 DENZO       .     ?                          package 'Zbyszek Otwinowski' hkl@hkl-xray.com            'data reduction'  
http://www.hkl-xray.com/                     ?          ? 
2 SCALEPACK   .     ?                          package 'Zbyszek Otwinowski' hkl@hkl-xray.com            'data scaling'    
http://www.hkl-xray.com/                     ?          ? 
3 PHASER      1.3.3 'Tue Nov 14 15:28:12 2006' program 'Randy J. Read'      cimr-phaser@lists.cam.ac.uk phasing           
http://www-structmed.cimr.cam.ac.uk/phaser/  ?          ? 
4 REFMAC      .     ?                          program 'Garib N. Murshudov' garib@ysbl.york.ac.uk       refinement        
http://www.ccp4.ac.uk/dist/html/refmac5.html Fortran_77 ? 
5 PDB_EXTRACT 3.005 'June 11, 2008'            package PDB                  help@deposit.rcsb.org       'data extraction' 
http://sw-tools.pdb.org/apps/PDB_EXTRACT/    C++        ? 
6 HKL-2000    .     ?                          ?       ?                    ?                           'data reduction'  ? ? ? 
7 HKL-2000    .     ?                          ?       ?                    ?                           'data scaling'    ? ? ? 
# 
_cell.entry_id           3LK1 
_cell.length_a           35.194 
_cell.length_b           88.792 
_cell.length_c           58.996 
_cell.angle_alpha        90.00 
_cell.angle_beta         90.00 
_cell.angle_gamma        90.00 
_cell.Z_PDB              8 
_cell.pdbx_unique_axis   ? 
_cell.length_a_esd       ? 
_cell.length_b_esd       ? 
_cell.length_c_esd       ? 
_cell.angle_alpha_esd    ? 
_cell.angle_beta_esd     ? 
_cell.angle_gamma_esd    ? 
# 
_symmetry.entry_id                         3LK1 
_symmetry.space_group_name_H-M             'C 2 2 21' 
_symmetry.pdbx_full_space_group_name_H-M   ? 
_symmetry.cell_setting                     ? 
_symmetry.Int_Tables_number                20 
_symmetry.space_group_name_Hall            ? 
# 
_exptl.crystals_number   1 
_exptl.entry_id          3LK1 
_exptl.method            'X-RAY DIFFRACTION' 
# 
_exptl_crystal.id                    1 
_exptl_crystal.density_Matthews      2.21 
_exptl_crystal.density_meas          ? 
_exptl_crystal.density_percent_sol   44.41 
_exptl_crystal.description           ? 
_exptl_crystal.F_000                 ? 
_exptl_crystal.preparation           ? 
# 
_exptl_crystal_grow.crystal_id      1 
_exptl_crystal_grow.method          'VAPOR DIFFUSION, SITTING DROP' 
_exptl_crystal_grow.pH              7.4 
_exptl_crystal_grow.temp            298 
_exptl_crystal_grow.pdbx_details    
'PEGMME550, CaCl2, MgCl2, SC0322, HEPES buffer, pH 7.4, VAPOR DIFFUSION, SITTING DROP, temperature 298K' 
_exptl_crystal_grow.temp_details    ? 
_exptl_crystal_grow.pdbx_pH_range   ? 
# 
_diffrn.id                     1 
_diffrn.ambient_temp           100 
_diffrn.ambient_temp_details   ? 
_diffrn.crystal_id             1 
# 
_diffrn_detector.diffrn_id              1 
_diffrn_detector.detector               CCD 
_diffrn_detector.type                   'ADSC QUANTUM 315r' 
_diffrn_detector.pdbx_collection_date   2008-08-09 
_diffrn_detector.details                ? 
# 
_diffrn_radiation.diffrn_id                        1 
_diffrn_radiation.pdbx_diffrn_protocol             'SINGLE WAVELENGTH' 
_diffrn_radiation.monochromator                    ? 
_diffrn_radiation.wavelength_id                    1 
_diffrn_radiation.pdbx_monochromatic_or_laue_m_l   M 
_diffrn_radiation.pdbx_scattering_type             x-ray 
# 
_diffrn_radiation_wavelength.id           1 
_diffrn_radiation_wavelength.wavelength   0.97607 
_diffrn_radiation_wavelength.wt           1.0 
# 
_diffrn_source.diffrn_id                   1 
_diffrn_source.source                      SYNCHROTRON 
_diffrn_source.type                        'SSRL BEAMLINE BL9-1' 
_diffrn_source.pdbx_wavelength_list        0.97607 
_diffrn_source.pdbx_wavelength             ? 
_diffrn_source.pdbx_synchrotron_site       SSRL 
_diffrn_source.pdbx_synchrotron_beamline   BL9-1 
# 
_reflns.entry_id                     3LK1 
_reflns.d_resolution_high            1.79 
_reflns.d_resolution_low             50.000 
_reflns.number_obs                   7607 
_reflns.pdbx_Rmerge_I_obs            0.057 
_reflns.pdbx_netI_over_sigmaI        16.800 
_reflns.pdbx_chi_squared             1.220 
_reflns.pdbx_redundancy              5.900 
_reflns.percent_possible_obs         84.600 
_reflns.observed_criterion_sigma_F   ? 
_reflns.observed_criterion_sigma_I   ? 
_reflns.number_all                   ? 
_reflns.pdbx_Rsym_value              ? 
_reflns.B_iso_Wilson_estimate        ? 
_reflns.R_free_details               ? 
_reflns.limit_h_max                  ? 
_reflns.limit_h_min                  ? 
_reflns.limit_k_max                  ? 
_reflns.limit_k_min                  ? 
_reflns.limit_l_max                  ? 
_reflns.limit_l_min                  ? 
_reflns.observed_criterion_F_max     ? 
_reflns.observed_criterion_F_min     ? 
_reflns.pdbx_scaling_rejects         ? 
_reflns.pdbx_diffrn_id               1 
_reflns.pdbx_ordinal                 1 
# 
loop_
_reflns_shell.d_res_high 
_reflns_shell.d_res_low 
_reflns_shell.number_measured_obs 
_reflns_shell.number_measured_all 
_reflns_shell.number_unique_obs 
_reflns_shell.Rmerge_I_obs 
_reflns_shell.meanI_over_sigI_obs 
_reflns_shell.pdbx_Rsym_value 
_reflns_shell.pdbx_chi_squared 
_reflns_shell.pdbx_redundancy 
_reflns_shell.percent_possible_obs 
_reflns_shell.number_unique_all 
_reflns_shell.percent_possible_all 
_reflns_shell.pdbx_diffrn_id 
_reflns_shell.pdbx_ordinal 
1.80 1.86  ? ? ? 0.308 ? ? 0.853 3.40 ? 297 33.40 ? 1  
1.86 1.94  ? ? ? 0.270 ? ? 0.870 3.80 ? 477 54.80 ? 2  
1.94 2.03  ? ? ? 0.244 ? ? 1.048 4.30 ? 674 76.40 ? 3  
2.03 2.13  ? ? ? 0.201 ? ? 1.191 5.10 ? 785 89.50 ? 4  
2.13 2.27  ? ? ? 0.151 ? ? 1.333 5.80 ? 859 96.80 ? 5  
2.27 2.44  ? ? ? 0.130 ? ? 1.339 6.50 ? 890 99.90 ? 6  
2.44 2.69  ? ? ? 0.102 ? ? 1.173 6.90 ? 905 99.90 ? 7  
2.69 3.08  ? ? ? 0.078 ? ? 1.187 6.80 ? 888 99.90 ? 8  
3.08 3.88  ? ? ? 0.053 ? ? 1.281 6.50 ? 921 99.90 ? 9  
3.88 50.00 ? ? ? 0.044 ? ? 1.275 6.40 ? 911 93.30 ? 10 
# 
_refine.entry_id                                 3LK1 
_refine.ls_d_res_high                            1.790 
_refine.ls_d_res_low                             29.50 
_refine.pdbx_ls_sigma_F                          0.00 
_refine.pdbx_data_cutoff_high_absF               ? 
_refine.pdbx_data_cutoff_low_absF                ? 
_refine.ls_percent_reflns_obs                    84.360 
_refine.ls_number_reflns_obs                     7593 
_refine.ls_number_reflns_all                     ? 
_refine.pdbx_ls_cross_valid_method               THROUGHOUT 
_refine.pdbx_R_Free_selection_details            RANDOM 
_refine.details                                  'HYDROGENS HAVE BEEN ADDED IN THE RIDING POSITIONS' 
_refine.ls_R_factor_all                          ? 
_refine.ls_R_factor_obs                          0.198 
_refine.ls_R_factor_R_work                       0.196 
_refine.ls_wR_factor_R_work                      0.231 
_refine.ls_R_factor_R_free                       0.242 
_refine.ls_wR_factor_R_free                      0.277 
_refine.ls_percent_reflns_R_free                 4.800 
_refine.ls_number_reflns_R_free                  364 
_refine.ls_R_factor_R_free_error                 ? 
_refine.B_iso_mean                               49.817 
_refine.solvent_model_param_bsol                 ? 
_refine.solvent_model_param_ksol                 ? 
_refine.pdbx_isotropic_thermal_model             ? 
_refine.aniso_B[1][1]                            -0.330 
_refine.aniso_B[2][2]                            -2.440 
_refine.aniso_B[3][3]                            2.770 
_refine.aniso_B[1][2]                            0.000 
_refine.aniso_B[1][3]                            0.000 
_refine.aniso_B[2][3]                            0.000 
_refine.correlation_coeff_Fo_to_Fc               0.961 
_refine.correlation_coeff_Fo_to_Fc_free          0.947 
_refine.overall_SU_R_Cruickshank_DPI             0.174 
_refine.overall_SU_R_free                        0.165 
_refine.pdbx_overall_ESU_R                       0.161 
_refine.pdbx_overall_ESU_R_Free                  0.151 
_refine.overall_SU_ML                            0.106 
_refine.overall_SU_B                             6.640 
_refine.solvent_model_details                    MASK 
_refine.pdbx_solvent_vdw_probe_radii             1.200 
_refine.pdbx_solvent_ion_probe_radii             0.800 
_refine.pdbx_solvent_shrinkage_radii             0.800 
_refine.ls_number_parameters                     ? 
_refine.ls_number_restraints                     ? 
_refine.pdbx_starting_model                      ? 
_refine.pdbx_method_to_determine_struct          'MOLECULAR REPLACEMENT' 
_refine.pdbx_stereochemistry_target_values       'MAXIMUM LIKELIHOOD' 
_refine.pdbx_stereochem_target_val_spec_case     ? 
_refine.overall_FOM_work_R_set                   0.833 
_refine.B_iso_max                                447.11 
_refine.B_iso_min                                37.95 
_refine.occupancy_max                            1.00 
_refine.occupancy_min                            0.25 
_refine.pdbx_ls_sigma_I                          ? 
_refine.ls_redundancy_reflns_obs                 ? 
_refine.ls_R_factor_R_free_error_details         ? 
_refine.pdbx_data_cutoff_high_rms_absF           ? 
_refine.overall_FOM_free_R_set                   ? 
_refine.pdbx_overall_phase_error                 ? 
_refine.pdbx_refine_id                           'X-RAY DIFFRACTION' 
_refine.pdbx_diffrn_id                           1 
_refine.pdbx_TLS_residual_ADP_flag               ? 
_refine.pdbx_overall_SU_R_free_Cruickshank_DPI   ? 
_refine.pdbx_overall_SU_R_Blow_DPI               ? 
_refine.pdbx_overall_SU_R_free_Blow_DPI          ? 
# 
_refine_hist.pdbx_refine_id                   'X-RAY DIFFRACTION' 
_refine_hist.cycle_id                         LAST 
_refine_hist.pdbx_number_atoms_protein        694 
_refine_hist.pdbx_number_atoms_nucleic_acid   0 
_refine_hist.pdbx_number_atoms_ligand         15 
_refine_hist.number_atoms_solvent             47 
_refine_hist.number_atoms_total               756 
_refine_hist.d_res_high                       1.790 
_refine_hist.d_res_low                        29.50 
# 
loop_
_refine_ls_restr.type 
_refine_ls_restr.number 
_refine_ls_restr.dev_ideal 
_refine_ls_restr.dev_ideal_target 
_refine_ls_restr.weight 
_refine_ls_restr.pdbx_refine_id 
_refine_ls_restr.pdbx_restraint_function 
r_bond_refined_d         716 0.012  0.021  ? 'X-RAY DIFFRACTION' ? 
r_angle_refined_deg      958 1.427  1.965  ? 'X-RAY DIFFRACTION' ? 
r_dihedral_angle_1_deg   87  8.772  5.000  ? 'X-RAY DIFFRACTION' ? 
r_dihedral_angle_2_deg   36  31.557 26.389 ? 'X-RAY DIFFRACTION' ? 
r_dihedral_angle_3_deg   133 14.211 15.000 ? 'X-RAY DIFFRACTION' ? 
r_dihedral_angle_4_deg   1   21.691 15.000 ? 'X-RAY DIFFRACTION' ? 
r_chiral_restr           106 0.108  0.200  ? 'X-RAY DIFFRACTION' ? 
r_gen_planes_refined     535 0.005  0.020  ? 'X-RAY DIFFRACTION' ? 
r_nbd_refined            334 0.223  0.200  ? 'X-RAY DIFFRACTION' ? 
r_nbtor_refined          495 0.298  0.200  ? 'X-RAY DIFFRACTION' ? 
r_xyhbond_nbd_refined    38  0.174  0.200  ? 'X-RAY DIFFRACTION' ? 
r_metal_ion_refined      9   0.187  0.200  ? 'X-RAY DIFFRACTION' ? 
r_symmetry_vdw_refined   33  0.165  0.200  ? 'X-RAY DIFFRACTION' ? 
r_symmetry_hbond_refined 6   0.164  0.200  ? 'X-RAY DIFFRACTION' ? 
r_mcbond_it              451 0.558  1.500  ? 'X-RAY DIFFRACTION' ? 
r_mcangle_it             697 0.806  2.000  ? 'X-RAY DIFFRACTION' ? 
r_scbond_it              295 1.497  3.000  ? 'X-RAY DIFFRACTION' ? 
r_scangle_it             261 2.285  4.500  ? 'X-RAY DIFFRACTION' ? 
# 
_refine_ls_shell.d_res_high                       1.79 
_refine_ls_shell.d_res_low                        1.84 
_refine_ls_shell.pdbx_total_number_of_bins_used   20 
_refine_ls_shell.percent_reflns_obs               30.400 
_refine_ls_shell.number_reflns_R_work             188 
_refine_ls_shell.R_factor_all                     ? 
_refine_ls_shell.R_factor_R_work                  0.236 
_refine_ls_shell.R_factor_R_free                  0.288 
_refine_ls_shell.percent_reflns_R_free            ? 
_refine_ls_shell.number_reflns_R_free             12 
_refine_ls_shell.R_factor_R_free_error            ? 
_refine_ls_shell.number_reflns_all                200 
_refine_ls_shell.number_reflns_obs                ? 
_refine_ls_shell.redundancy_reflns_obs            ? 
_refine_ls_shell.pdbx_refine_id                   'X-RAY DIFFRACTION' 
# 
_struct.entry_id                  3LK1 
_struct.title                     'X-ray structure of bovine SC0322,Ca(2+)-S100B' 
_struct.pdbx_model_details        ? 
_struct.pdbx_CASP_flag            ? 
_struct.pdbx_model_type_details   ? 
# 
_struct_keywords.entry_id        3LK1 
_struct_keywords.text            'EF hand, Alpha helical, Metal-binding, METAL BINDING PROTEIN' 
_struct_keywords.pdbx_keywords   'METAL BINDING PROTEIN' 
# 
loop_
_struct_asym.id 
_struct_asym.pdbx_blank_PDB_chainid_flag 
_struct_asym.pdbx_modified 
_struct_asym.entity_id 
_struct_asym.details 
A N N 1 ? 
B N N 2 ? 
C N N 2 ? 
D N N 3 ? 
E N N 4 ? 
F N N 5 ? 
# 
_struct_ref.id                         1 
_struct_ref.db_name                    UNP 
_struct_ref.db_code                    S100B_BOVIN 
_struct_ref.pdbx_db_accession          P02638 
_struct_ref.entity_id                  1 
_struct_ref.pdbx_seq_one_letter_code   
;MSELEKAVVALIDVFHQYSGREGDKHKLKKSELKELINNELSHFLEEIKEQEVVDKVMETLDSDGDGECDFQEFMAFVAM
ITTACHEFFE
;
_struct_ref.pdbx_align_begin           1 
_struct_ref.pdbx_db_isoform            ? 
# 
_struct_ref_seq.align_id                      1 
_struct_ref_seq.ref_id                        1 
_struct_ref_seq.pdbx_PDB_id_code              3LK1 
_struct_ref_seq.pdbx_strand_id                A 
_struct_ref_seq.seq_align_beg                 1 
_struct_ref_seq.pdbx_seq_align_beg_ins_code   ? 
_struct_ref_seq.seq_align_end                 90 
_struct_ref_seq.pdbx_seq_align_end_ins_code   ? 
_struct_ref_seq.pdbx_db_accession             P02638 
_struct_ref_seq.db_align_beg                  1 
_struct_ref_seq.pdbx_db_align_beg_ins_code    ? 
_struct_ref_seq.db_align_end                  90 
_struct_ref_seq.pdbx_db_align_end_ins_code    ? 
_struct_ref_seq.pdbx_auth_seq_align_beg       0 
_struct_ref_seq.pdbx_auth_seq_align_end       89 
# 
_pdbx_struct_assembly.id                   1 
_pdbx_struct_assembly.details              author_and_software_defined_assembly 
_pdbx_struct_assembly.method_details       PISA 
_pdbx_struct_assembly.oligomeric_details   dimeric 
_pdbx_struct_assembly.oligomeric_count     2 
# 
loop_
_pdbx_struct_assembly_prop.biol_id 
_pdbx_struct_assembly_prop.type 
_pdbx_struct_assembly_prop.value 
_pdbx_struct_assembly_prop.details 
1 'ABSA (A^2)' 2640 ? 
1 MORE         -29  ? 
1 'SSA (A^2)'  9400 ? 
# 
_pdbx_struct_assembly_gen.assembly_id       1 
_pdbx_struct_assembly_gen.oper_expression   1,2 
_pdbx_struct_assembly_gen.asym_id_list      A,B,C,D,E,F 
# 
loop_
_pdbx_struct_oper_list.id 
_pdbx_struct_oper_list.type 
_pdbx_struct_oper_list.name 
_pdbx_struct_oper_list.symmetry_operation 
_pdbx_struct_oper_list.matrix[1][1] 
_pdbx_struct_oper_list.matrix[1][2] 
_pdbx_struct_oper_list.matrix[1][3] 
_pdbx_struct_oper_list.vector[1] 
_pdbx_struct_oper_list.matrix[2][1] 
_pdbx_struct_oper_list.matrix[2][2] 
_pdbx_struct_oper_list.matrix[2][3] 
_pdbx_struct_oper_list.vector[2] 
_pdbx_struct_oper_list.matrix[3][1] 
_pdbx_struct_oper_list.matrix[3][2] 
_pdbx_struct_oper_list.matrix[3][3] 
_pdbx_struct_oper_list.vector[3] 
1 'identity operation'         1_555 x,y,z   1.0000000000 0.0000000000 0.0000000000  0.0000000000  0.0000000000 1.0000000000  0.0000000000  0.0000000000   0.0000000000  0.0000000000  1.0000000000  0.0000000000  
2 'crystal symmetry operation' 4_555 x,-y,-z 0.8363098120 0.0293275139 -0.5474721868 -0.1981119125 0.0293275139 -0.9995316133 -0.0087436216 -21.3536121262 -0.5474721868 -0.0087436216 -0.8367781987 -1.8083899583 
# 
_struct_biol.id        1 
_struct_biol.details   ? 
# 
loop_
_struct_conf.conf_type_id 
_struct_conf.id 
_struct_conf.pdbx_PDB_helix_id 
_struct_conf.beg_label_comp_id 
_struct_conf.beg_label_asym_id 
_struct_conf.beg_label_seq_id 
_struct_conf.pdbx_beg_PDB_ins_code 
_struct_conf.end_label_comp_id 
_struct_conf.end_label_asym_id 
_struct_conf.end_label_seq_id 
_struct_conf.pdbx_end_PDB_ins_code 
_struct_conf.beg_auth_comp_id 
_struct_conf.beg_auth_asym_id 
_struct_conf.beg_auth_seq_id 
_struct_conf.end_auth_comp_id 
_struct_conf.end_auth_asym_id 
_struct_conf.end_auth_seq_id 
_struct_conf.pdbx_PDB_helix_class 
_struct_conf.details 
_struct_conf.pdbx_PDB_helix_length 
HELX_P HELX_P1 1 SER A 2  ? GLY A 20 ? SER A 1  GLY A 19 1 ? 19 
HELX_P HELX_P2 2 LYS A 29 ? LEU A 41 ? LYS A 28 LEU A 40 1 ? 13 
HELX_P HELX_P3 3 GLU A 50 ? ASP A 62 ? GLU A 49 ASP A 61 1 ? 13 
HELX_P HELX_P4 4 PHE A 71 ? ALA A 84 ? PHE A 70 ALA A 83 1 ? 14 
# 
_struct_conf_type.id          HELX_P 
_struct_conf_type.criteria    ? 
_struct_conf_type.reference   ? 
# 
loop_
_struct_conn.id 
_struct_conn.conn_type_id 
_struct_conn.pdbx_leaving_atom_flag 
_struct_conn.pdbx_PDB_id 
_struct_conn.ptnr1_label_asym_id 
_struct_conn.ptnr1_label_comp_id 
_struct_conn.ptnr1_label_seq_id 
_struct_conn.ptnr1_label_atom_id 
_struct_conn.pdbx_ptnr1_label_alt_id 
_struct_conn.pdbx_ptnr1_PDB_ins_code 
_struct_conn.pdbx_ptnr1_standard_comp_id 
_struct_conn.ptnr1_symmetry 
_struct_conn.ptnr2_label_asym_id 
_struct_conn.ptnr2_label_comp_id 
_struct_conn.ptnr2_label_seq_id 
_struct_conn.ptnr2_label_atom_id 
_struct_conn.pdbx_ptnr2_label_alt_id 
_struct_conn.pdbx_ptnr2_PDB_ins_code 
_struct_conn.ptnr1_auth_asym_id 
_struct_conn.ptnr1_auth_comp_id 
_struct_conn.ptnr1_auth_seq_id 
_struct_conn.ptnr2_auth_asym_id 
_struct_conn.ptnr2_auth_comp_id 
_struct_conn.ptnr2_auth_seq_id 
_struct_conn.ptnr2_symmetry 
_struct_conn.pdbx_ptnr3_label_atom_id 
_struct_conn.pdbx_ptnr3_label_seq_id 
_struct_conn.pdbx_ptnr3_label_comp_id 
_struct_conn.pdbx_ptnr3_label_asym_id 
_struct_conn.pdbx_ptnr3_label_alt_id 
_struct_conn.pdbx_ptnr3_PDB_ins_code 
_struct_conn.details 
_struct_conn.pdbx_dist_value 
_struct_conn.pdbx_value_order 
_struct_conn.pdbx_role 
metalc1  metalc ? ? A SER 19 O   ? ? ? 1_555 C CA  . CA ? ? A SER 18 A CA  91  1_555 ? ? ? ? ? ? ? 2.336 ? ? 
metalc2  metalc ? ? A GLU 22 O   ? ? ? 1_555 C CA  . CA ? ? A GLU 21 A CA  91  1_555 ? ? ? ? ? ? ? 2.356 ? ? 
metalc3  metalc ? ? A ASP 24 O   ? ? ? 1_555 C CA  . CA ? ? A ASP 23 A CA  91  1_555 ? ? ? ? ? ? ? 2.376 ? ? 
metalc4  metalc ? ? A LYS 27 O   ? ? ? 1_555 C CA  . CA ? ? A LYS 26 A CA  91  1_555 ? ? ? ? ? ? ? 2.466 ? ? 
metalc5  metalc ? ? A GLU 32 OE1 ? ? ? 1_555 C CA  . CA ? ? A GLU 31 A CA  91  1_555 ? ? ? ? ? ? ? 2.324 ? ? 
metalc6  metalc ? ? A GLU 32 OE2 ? ? ? 1_555 C CA  . CA ? ? A GLU 31 A CA  91  1_555 ? ? ? ? ? ? ? 2.608 ? ? 
metalc7  metalc ? ? A ASP 62 OD1 ? ? ? 1_555 B CA  . CA ? ? A ASP 61 A CA  90  1_555 ? ? ? ? ? ? ? 2.225 ? ? 
metalc8  metalc ? ? A ASP 64 OD1 ? ? ? 1_555 B CA  . CA ? ? A ASP 63 A CA  90  1_555 ? ? ? ? ? ? ? 2.468 ? ? 
metalc9  metalc ? ? A ASP 66 OD1 ? ? ? 1_555 B CA  . CA ? ? A ASP 65 A CA  90  1_555 ? ? ? ? ? ? ? 2.321 ? ? 
metalc10 metalc ? ? A GLU 68 O   ? ? ? 1_555 B CA  . CA ? ? A GLU 67 A CA  90  1_555 ? ? ? ? ? ? ? 2.338 ? ? 
metalc11 metalc ? ? A GLU 73 OE1 ? ? ? 1_555 B CA  . CA ? ? A GLU 72 A CA  90  1_555 ? ? ? ? ? ? ? 2.459 ? ? 
metalc12 metalc ? ? A GLU 73 OE2 ? ? ? 1_555 B CA  . CA ? ? A GLU 72 A CA  90  1_555 ? ? ? ? ? ? ? 2.565 ? ? 
metalc13 metalc ? ? A CYS 85 SG  ? ? ? 1_555 D EMC . HG ? ? A CYS 84 A EMC 92  1_555 ? ? ? ? ? ? ? 2.718 ? ? 
metalc14 metalc ? ? B CA  .  CA  ? ? ? 1_555 F HOH . O  ? ? A CA  90 A HOH 105 1_555 ? ? ? ? ? ? ? 2.152 ? ? 
metalc15 metalc ? ? C CA  .  CA  ? ? ? 1_555 F HOH . O  ? ? A CA  91 A HOH 120 1_555 ? ? ? ? ? ? ? 2.452 ? ? 
metalc16 metalc ? ? D EMC .  HG  ? ? ? 1_555 F HOH . O  ? ? A EMC 92 A HOH 126 1_555 ? ? ? ? ? ? ? 2.791 ? ? 
# 
_struct_conn_type.id          metalc 
_struct_conn_type.criteria    ? 
_struct_conn_type.reference   ? 
# 
loop_
_pdbx_struct_conn_angle.id 
_pdbx_struct_conn_angle.ptnr1_label_atom_id 
_pdbx_struct_conn_angle.ptnr1_label_alt_id 
_pdbx_struct_conn_angle.ptnr1_label_asym_id 
_pdbx_struct_conn_angle.ptnr1_label_comp_id 
_pdbx_struct_conn_angle.ptnr1_label_seq_id 
_pdbx_struct_conn_angle.ptnr1_auth_atom_id 
_pdbx_struct_conn_angle.ptnr1_auth_asym_id 
_pdbx_struct_conn_angle.ptnr1_auth_comp_id 
_pdbx_struct_conn_angle.ptnr1_auth_seq_id 
_pdbx_struct_conn_angle.ptnr1_PDB_ins_code 
_pdbx_struct_conn_angle.ptnr1_symmetry 
_pdbx_struct_conn_angle.ptnr2_label_atom_id 
_pdbx_struct_conn_angle.ptnr2_label_alt_id 
_pdbx_struct_conn_angle.ptnr2_label_asym_id 
_pdbx_struct_conn_angle.ptnr2_label_comp_id 
_pdbx_struct_conn_angle.ptnr2_label_seq_id 
_pdbx_struct_conn_angle.ptnr2_auth_atom_id 
_pdbx_struct_conn_angle.ptnr2_auth_asym_id 
_pdbx_struct_conn_angle.ptnr2_auth_comp_id 
_pdbx_struct_conn_angle.ptnr2_auth_seq_id 
_pdbx_struct_conn_angle.ptnr2_PDB_ins_code 
_pdbx_struct_conn_angle.ptnr2_symmetry 
_pdbx_struct_conn_angle.ptnr3_label_atom_id 
_pdbx_struct_conn_angle.ptnr3_label_alt_id 
_pdbx_struct_conn_angle.ptnr3_label_asym_id 
_pdbx_struct_conn_angle.ptnr3_label_comp_id 
_pdbx_struct_conn_angle.ptnr3_label_seq_id 
_pdbx_struct_conn_angle.ptnr3_auth_atom_id 
_pdbx_struct_conn_angle.ptnr3_auth_asym_id 
_pdbx_struct_conn_angle.ptnr3_auth_comp_id 
_pdbx_struct_conn_angle.ptnr3_auth_seq_id 
_pdbx_struct_conn_angle.ptnr3_PDB_ins_code 
_pdbx_struct_conn_angle.ptnr3_symmetry 
_pdbx_struct_conn_angle.value 
_pdbx_struct_conn_angle.value_esd 
1  O   ? A SER 19 ? A SER 18 ? 1_555 CA ? C CA  . ? A CA  91 ? 1_555 O   ? A GLU 22 ? A GLU 21  ? 1_555 106.2 ? 
2  O   ? A SER 19 ? A SER 18 ? 1_555 CA ? C CA  . ? A CA  91 ? 1_555 O   ? A ASP 24 ? A ASP 23  ? 1_555 78.3  ? 
3  O   ? A GLU 22 ? A GLU 21 ? 1_555 CA ? C CA  . ? A CA  91 ? 1_555 O   ? A ASP 24 ? A ASP 23  ? 1_555 84.5  ? 
4  O   ? A SER 19 ? A SER 18 ? 1_555 CA ? C CA  . ? A CA  91 ? 1_555 O   ? A LYS 27 ? A LYS 26  ? 1_555 86.7  ? 
5  O   ? A GLU 22 ? A GLU 21 ? 1_555 CA ? C CA  . ? A CA  91 ? 1_555 O   ? A LYS 27 ? A LYS 26  ? 1_555 159.8 ? 
6  O   ? A ASP 24 ? A ASP 23 ? 1_555 CA ? C CA  . ? A CA  91 ? 1_555 O   ? A LYS 27 ? A LYS 26  ? 1_555 83.0  ? 
7  O   ? A SER 19 ? A SER 18 ? 1_555 CA ? C CA  . ? A CA  91 ? 1_555 OE1 ? A GLU 32 ? A GLU 31  ? 1_555 99.9  ? 
8  O   ? A GLU 22 ? A GLU 21 ? 1_555 CA ? C CA  . ? A CA  91 ? 1_555 OE1 ? A GLU 32 ? A GLU 31  ? 1_555 115.2 ? 
9  O   ? A ASP 24 ? A ASP 23 ? 1_555 CA ? C CA  . ? A CA  91 ? 1_555 OE1 ? A GLU 32 ? A GLU 31  ? 1_555 159.5 ? 
10 O   ? A LYS 27 ? A LYS 26 ? 1_555 CA ? C CA  . ? A CA  91 ? 1_555 OE1 ? A GLU 32 ? A GLU 31  ? 1_555 76.6  ? 
11 O   ? A SER 19 ? A SER 18 ? 1_555 CA ? C CA  . ? A CA  91 ? 1_555 OE2 ? A GLU 32 ? A GLU 31  ? 1_555 80.1  ? 
12 O   ? A GLU 22 ? A GLU 21 ? 1_555 CA ? C CA  . ? A CA  91 ? 1_555 OE2 ? A GLU 32 ? A GLU 31  ? 1_555 76.1  ? 
13 O   ? A ASP 24 ? A ASP 23 ? 1_555 CA ? C CA  . ? A CA  91 ? 1_555 OE2 ? A GLU 32 ? A GLU 31  ? 1_555 145.5 ? 
14 O   ? A LYS 27 ? A LYS 26 ? 1_555 CA ? C CA  . ? A CA  91 ? 1_555 OE2 ? A GLU 32 ? A GLU 31  ? 1_555 122.2 ? 
15 OE1 ? A GLU 32 ? A GLU 31 ? 1_555 CA ? C CA  . ? A CA  91 ? 1_555 OE2 ? A GLU 32 ? A GLU 31  ? 1_555 51.5  ? 
16 O   ? A SER 19 ? A SER 18 ? 1_555 CA ? C CA  . ? A CA  91 ? 1_555 O   ? F HOH .  ? A HOH 120 ? 1_555 170.2 ? 
17 O   ? A GLU 22 ? A GLU 21 ? 1_555 CA ? C CA  . ? A CA  91 ? 1_555 O   ? F HOH .  ? A HOH 120 ? 1_555 79.6  ? 
18 O   ? A ASP 24 ? A ASP 23 ? 1_555 CA ? C CA  . ? A CA  91 ? 1_555 O   ? F HOH .  ? A HOH 120 ? 1_555 94.7  ? 
19 O   ? A LYS 27 ? A LYS 26 ? 1_555 CA ? C CA  . ? A CA  91 ? 1_555 O   ? F HOH .  ? A HOH 120 ? 1_555 85.6  ? 
20 OE1 ? A GLU 32 ? A GLU 31 ? 1_555 CA ? C CA  . ? A CA  91 ? 1_555 O   ? F HOH .  ? A HOH 120 ? 1_555 84.2  ? 
21 OE2 ? A GLU 32 ? A GLU 31 ? 1_555 CA ? C CA  . ? A CA  91 ? 1_555 O   ? F HOH .  ? A HOH 120 ? 1_555 109.2 ? 
22 OD1 ? A ASP 62 ? A ASP 61 ? 1_555 CA ? B CA  . ? A CA  90 ? 1_555 OD1 ? A ASP 64 ? A ASP 63  ? 1_555 82.9  ? 
23 OD1 ? A ASP 62 ? A ASP 61 ? 1_555 CA ? B CA  . ? A CA  90 ? 1_555 OD1 ? A ASP 66 ? A ASP 65  ? 1_555 82.3  ? 
24 OD1 ? A ASP 64 ? A ASP 63 ? 1_555 CA ? B CA  . ? A CA  90 ? 1_555 OD1 ? A ASP 66 ? A ASP 65  ? 1_555 82.7  ? 
25 OD1 ? A ASP 62 ? A ASP 61 ? 1_555 CA ? B CA  . ? A CA  90 ? 1_555 O   ? A GLU 68 ? A GLU 67  ? 1_555 83.1  ? 
26 OD1 ? A ASP 64 ? A ASP 63 ? 1_555 CA ? B CA  . ? A CA  90 ? 1_555 O   ? A GLU 68 ? A GLU 67  ? 1_555 160.3 ? 
27 OD1 ? A ASP 66 ? A ASP 65 ? 1_555 CA ? B CA  . ? A CA  90 ? 1_555 O   ? A GLU 68 ? A GLU 67  ? 1_555 81.9  ? 
28 OD1 ? A ASP 62 ? A ASP 61 ? 1_555 CA ? B CA  . ? A CA  90 ? 1_555 OE1 ? A GLU 73 ? A GLU 72  ? 1_555 111.0 ? 
29 OD1 ? A ASP 64 ? A ASP 63 ? 1_555 CA ? B CA  . ? A CA  90 ? 1_555 OE1 ? A GLU 73 ? A GLU 72  ? 1_555 120.9 ? 
30 OD1 ? A ASP 66 ? A ASP 65 ? 1_555 CA ? B CA  . ? A CA  90 ? 1_555 OE1 ? A GLU 73 ? A GLU 72  ? 1_555 153.3 ? 
31 O   ? A GLU 68 ? A GLU 67 ? 1_555 CA ? B CA  . ? A CA  90 ? 1_555 OE1 ? A GLU 73 ? A GLU 72  ? 1_555 77.2  ? 
32 OD1 ? A ASP 62 ? A ASP 61 ? 1_555 CA ? B CA  . ? A CA  90 ? 1_555 OE2 ? A GLU 73 ? A GLU 72  ? 1_555 90.8  ? 
33 OD1 ? A ASP 64 ? A ASP 63 ? 1_555 CA ? B CA  . ? A CA  90 ? 1_555 OE2 ? A GLU 73 ? A GLU 72  ? 1_555 72.1  ? 
34 OD1 ? A ASP 66 ? A ASP 65 ? 1_555 CA ? B CA  . ? A CA  90 ? 1_555 OE2 ? A GLU 73 ? A GLU 72  ? 1_555 154.5 ? 
35 O   ? A GLU 68 ? A GLU 67 ? 1_555 CA ? B CA  . ? A CA  90 ? 1_555 OE2 ? A GLU 73 ? A GLU 72  ? 1_555 121.8 ? 
36 OE1 ? A GLU 73 ? A GLU 72 ? 1_555 CA ? B CA  . ? A CA  90 ? 1_555 OE2 ? A GLU 73 ? A GLU 72  ? 1_555 51.5  ? 
37 OD1 ? A ASP 62 ? A ASP 61 ? 1_555 CA ? B CA  . ? A CA  90 ? 1_555 O   ? F HOH .  ? A HOH 105 ? 1_555 162.6 ? 
38 OD1 ? A ASP 64 ? A ASP 63 ? 1_555 CA ? B CA  . ? A CA  90 ? 1_555 O   ? F HOH .  ? A HOH 105 ? 1_555 89.4  ? 
39 OD1 ? A ASP 66 ? A ASP 65 ? 1_555 CA ? B CA  . ? A CA  90 ? 1_555 O   ? F HOH .  ? A HOH 105 ? 1_555 81.3  ? 
40 O   ? A GLU 68 ? A GLU 67 ? 1_555 CA ? B CA  . ? A CA  90 ? 1_555 O   ? F HOH .  ? A HOH 105 ? 1_555 100.2 ? 
41 OE1 ? A GLU 73 ? A GLU 72 ? 1_555 CA ? B CA  . ? A CA  90 ? 1_555 O   ? F HOH .  ? A HOH 105 ? 1_555 86.3  ? 
42 OE2 ? A GLU 73 ? A GLU 72 ? 1_555 CA ? B CA  . ? A CA  90 ? 1_555 O   ? F HOH .  ? A HOH 105 ? 1_555 101.7 ? 
43 SG  ? A CYS 85 ? A CYS 84 ? 1_555 HG ? D EMC . ? A EMC 92 ? 1_555 C1  ? D EMC .  ? A EMC 92  ? 1_555 96.6  ? 
44 SG  ? A CYS 85 ? A CYS 84 ? 1_555 HG ? D EMC . ? A EMC 92 ? 1_555 O   ? F HOH .  ? A HOH 126 ? 1_555 127.8 ? 
45 C1  ? D EMC .  ? A EMC 92 ? 1_555 HG ? D EMC . ? A EMC 92 ? 1_555 O   ? F HOH .  ? A HOH 126 ? 1_555 79.3  ? 
# 
_struct_sheet.id               A 
_struct_sheet.type             ? 
_struct_sheet.number_strands   2 
_struct_sheet.details          ? 
# 
_struct_sheet_order.sheet_id     A 
_struct_sheet_order.range_id_1   1 
_struct_sheet_order.range_id_2   2 
_struct_sheet_order.offset       ? 
_struct_sheet_order.sense        anti-parallel 
# 
loop_
_struct_sheet_range.sheet_id 
_struct_sheet_range.id 
_struct_sheet_range.beg_label_comp_id 
_struct_sheet_range.beg_label_asym_id 
_struct_sheet_range.beg_label_seq_id 
_struct_sheet_range.pdbx_beg_PDB_ins_code 
_struct_sheet_range.end_label_comp_id 
_struct_sheet_range.end_label_asym_id 
_struct_sheet_range.end_label_seq_id 
_struct_sheet_range.pdbx_end_PDB_ins_code 
_struct_sheet_range.beg_auth_comp_id 
_struct_sheet_range.beg_auth_asym_id 
_struct_sheet_range.beg_auth_seq_id 
_struct_sheet_range.end_auth_comp_id 
_struct_sheet_range.end_auth_asym_id 
_struct_sheet_range.end_auth_seq_id 
A 1 LYS A 27 ? LEU A 28 ? LYS A 26 LEU A 27 
A 2 CYS A 69 ? ASP A 70 ? CYS A 68 ASP A 69 
# 
_pdbx_struct_sheet_hbond.sheet_id                A 
_pdbx_struct_sheet_hbond.range_id_1              1 
_pdbx_struct_sheet_hbond.range_id_2              2 
_pdbx_struct_sheet_hbond.range_1_label_atom_id   N 
_pdbx_struct_sheet_hbond.range_1_label_comp_id   LEU 
_pdbx_struct_sheet_hbond.range_1_label_asym_id   A 
_pdbx_struct_sheet_hbond.range_1_label_seq_id    28 
_pdbx_struct_sheet_hbond.range_1_PDB_ins_code    ? 
_pdbx_struct_sheet_hbond.range_1_auth_atom_id    N 
_pdbx_struct_sheet_hbond.range_1_auth_comp_id    LEU 
_pdbx_struct_sheet_hbond.range_1_auth_asym_id    A 
_pdbx_struct_sheet_hbond.range_1_auth_seq_id     27 
_pdbx_struct_sheet_hbond.range_2_label_atom_id   O 
_pdbx_struct_sheet_hbond.range_2_label_comp_id   CYS 
_pdbx_struct_sheet_hbond.range_2_label_asym_id   A 
_pdbx_struct_sheet_hbond.range_2_label_seq_id    69 
_pdbx_struct_sheet_hbond.range_2_PDB_ins_code    ? 
_pdbx_struct_sheet_hbond.range_2_auth_atom_id    O 
_pdbx_struct_sheet_hbond.range_2_auth_comp_id    CYS 
_pdbx_struct_sheet_hbond.range_2_auth_asym_id    A 
_pdbx_struct_sheet_hbond.range_2_auth_seq_id     68 
# 
loop_
_struct_site.id 
_struct_site.pdbx_evidence_code 
_struct_site.pdbx_auth_asym_id 
_struct_site.pdbx_auth_comp_id 
_struct_site.pdbx_auth_seq_id 
_struct_site.pdbx_auth_ins_code 
_struct_site.pdbx_num_residues 
_struct_site.details 
AC1 Software A CA  90 ? 6 'BINDING SITE FOR RESIDUE CA A 90'  
AC2 Software A CA  91 ? 6 'BINDING SITE FOR RESIDUE CA A 91'  
AC3 Software A EMC 92 ? 3 'BINDING SITE FOR RESIDUE EMC A 92' 
AC4 Software A JKE 93 ? 1 'BINDING SITE FOR RESIDUE JKE A 93' 
# 
loop_
_struct_site_gen.id 
_struct_site_gen.site_id 
_struct_site_gen.pdbx_num_res 
_struct_site_gen.label_comp_id 
_struct_site_gen.label_asym_id 
_struct_site_gen.label_seq_id 
_struct_site_gen.pdbx_auth_ins_code 
_struct_site_gen.auth_comp_id 
_struct_site_gen.auth_asym_id 
_struct_site_gen.auth_seq_id 
_struct_site_gen.label_atom_id 
_struct_site_gen.label_alt_id 
_struct_site_gen.symmetry 
_struct_site_gen.details 
1  AC1 6 ASP A 62 ? ASP A 61  . ? 1_555 ? 
2  AC1 6 ASP A 64 ? ASP A 63  . ? 1_555 ? 
3  AC1 6 ASP A 66 ? ASP A 65  . ? 1_555 ? 
4  AC1 6 GLU A 68 ? GLU A 67  . ? 1_555 ? 
5  AC1 6 GLU A 73 ? GLU A 72  . ? 1_555 ? 
6  AC1 6 HOH F .  ? HOH A 105 . ? 1_555 ? 
7  AC2 6 SER A 19 ? SER A 18  . ? 1_555 ? 
8  AC2 6 GLU A 22 ? GLU A 21  . ? 1_555 ? 
9  AC2 6 ASP A 24 ? ASP A 23  . ? 1_555 ? 
10 AC2 6 LYS A 27 ? LYS A 26  . ? 1_555 ? 
11 AC2 6 GLU A 32 ? GLU A 31  . ? 1_555 ? 
12 AC2 6 HOH F .  ? HOH A 120 . ? 1_555 ? 
13 AC3 3 CYS A 85 ? CYS A 84  . ? 1_555 ? 
14 AC3 3 PHE A 88 ? PHE A 87  . ? 1_555 ? 
15 AC3 3 HOH F .  ? HOH A 126 . ? 1_555 ? 
16 AC4 1 THR A 60 ? THR A 59  . ? 1_555 ? 
# 
_pdbx_validate_rmsd_bond.id                        1 
_pdbx_validate_rmsd_bond.PDB_model_num             1 
_pdbx_validate_rmsd_bond.auth_atom_id_1            C 
_pdbx_validate_rmsd_bond.auth_asym_id_1            A 
_pdbx_validate_rmsd_bond.auth_comp_id_1            PHE 
_pdbx_validate_rmsd_bond.auth_seq_id_1             87 
_pdbx_validate_rmsd_bond.PDB_ins_code_1            ? 
_pdbx_validate_rmsd_bond.label_alt_id_1            ? 
_pdbx_validate_rmsd_bond.auth_atom_id_2            O 
_pdbx_validate_rmsd_bond.auth_asym_id_2            A 
_pdbx_validate_rmsd_bond.auth_comp_id_2            PHE 
_pdbx_validate_rmsd_bond.auth_seq_id_2             87 
_pdbx_validate_rmsd_bond.PDB_ins_code_2            ? 
_pdbx_validate_rmsd_bond.label_alt_id_2            ? 
_pdbx_validate_rmsd_bond.bond_value                1.395 
_pdbx_validate_rmsd_bond.bond_target_value         1.229 
_pdbx_validate_rmsd_bond.bond_deviation            0.166 
_pdbx_validate_rmsd_bond.bond_standard_deviation   0.019 
_pdbx_validate_rmsd_bond.linker_flag               N 
# 
loop_
_pdbx_validate_torsion.id 
_pdbx_validate_torsion.PDB_model_num 
_pdbx_validate_torsion.auth_comp_id 
_pdbx_validate_torsion.auth_asym_id 
_pdbx_validate_torsion.auth_seq_id 
_pdbx_validate_torsion.PDB_ins_code 
_pdbx_validate_torsion.label_alt_id 
_pdbx_validate_torsion.phi 
_pdbx_validate_torsion.psi 
1 1 ALA A 83 ? ? -65.05  4.26   
2 1 CYS A 84 ? ? -166.18 12.32  
3 1 HIS A 85 ? ? -49.91  74.58  
4 1 GLU A 86 ? ? -178.46 -49.45 
# 
_pdbx_validate_peptide_omega.id               1 
_pdbx_validate_peptide_omega.PDB_model_num    1 
_pdbx_validate_peptide_omega.auth_comp_id_1   CYS 
_pdbx_validate_peptide_omega.auth_asym_id_1   A 
_pdbx_validate_peptide_omega.auth_seq_id_1    84 
_pdbx_validate_peptide_omega.PDB_ins_code_1   ? 
_pdbx_validate_peptide_omega.label_alt_id_1   ? 
_pdbx_validate_peptide_omega.auth_comp_id_2   HIS 
_pdbx_validate_peptide_omega.auth_asym_id_2   A 
_pdbx_validate_peptide_omega.auth_seq_id_2    85 
_pdbx_validate_peptide_omega.PDB_ins_code_2   ? 
_pdbx_validate_peptide_omega.label_alt_id_2   ? 
_pdbx_validate_peptide_omega.omega            65.49 
# 
_pdbx_struct_special_symmetry.id              1 
_pdbx_struct_special_symmetry.PDB_model_num   1 
_pdbx_struct_special_symmetry.auth_asym_id    A 
_pdbx_struct_special_symmetry.auth_comp_id    HOH 
_pdbx_struct_special_symmetry.auth_seq_id     138 
_pdbx_struct_special_symmetry.PDB_ins_code    ? 
_pdbx_struct_special_symmetry.label_asym_id   F 
_pdbx_struct_special_symmetry.label_comp_id   HOH 
_pdbx_struct_special_symmetry.label_seq_id    . 
# 
loop_
_pdbx_refine_tls.pdbx_refine_id 
_pdbx_refine_tls.id 
_pdbx_refine_tls.details 
_pdbx_refine_tls.method 
_pdbx_refine_tls.origin_x 
_pdbx_refine_tls.origin_y 
_pdbx_refine_tls.origin_z 
_pdbx_refine_tls.T[1][1] 
_pdbx_refine_tls.T[2][2] 
_pdbx_refine_tls.T[3][3] 
_pdbx_refine_tls.T[1][2] 
_pdbx_refine_tls.T[1][3] 
_pdbx_refine_tls.T[2][3] 
_pdbx_refine_tls.L[1][1] 
_pdbx_refine_tls.L[2][2] 
_pdbx_refine_tls.L[3][3] 
_pdbx_refine_tls.L[1][2] 
_pdbx_refine_tls.L[1][3] 
_pdbx_refine_tls.L[2][3] 
_pdbx_refine_tls.S[1][1] 
_pdbx_refine_tls.S[2][2] 
_pdbx_refine_tls.S[3][3] 
_pdbx_refine_tls.S[1][2] 
_pdbx_refine_tls.S[1][3] 
_pdbx_refine_tls.S[2][3] 
_pdbx_refine_tls.S[2][1] 
_pdbx_refine_tls.S[3][1] 
_pdbx_refine_tls.S[3][2] 
'X-RAY DIFFRACTION' 1 ? refined -11.2979 -16.3666 -0.9829 -0.1546 -0.1659 0.1021  0.0038  0.0389  -0.0245 15.8056 61.6990 20.3406 7.6930  10.8314  7.1193  0.2732  0.4789  -0.7521 -0.2780 0.6276  1.5382  1.6329  0.6377  -1.0017 
'X-RAY DIFFRACTION' 2 ? refined -7.5717  -4.5359  -4.7866 -0.0683 -0.1283 -0.0195 0.0235  -0.0844 -0.0358 2.0190  55.4076 2.0344  9.8045  -1.3852  -9.6340 -0.2994 0.5225  -0.2230 0.3406  -0.2456 0.8584  -0.5915 -0.1801 -0.5558 
'X-RAY DIFFRACTION' 3 ? refined -3.1209  6.0644   -2.9384 -0.1455 -0.2040 -0.1424 0.0188  -0.0200 0.0017  5.8395  5.8024  9.8378  0.1592  -2.0637  -0.6173 -0.1530 -0.0115 0.1645  0.3652  0.3735  0.3216  -0.4428 -0.4385 -0.2121 
'X-RAY DIFFRACTION' 4 ? refined 4.9516   5.5378   5.1364  -0.1562 -0.1868 -0.1239 0.0228  -0.0143 0.0119  5.7947  6.4842  6.6373  1.4940  -2.1632  -0.3532 -0.0100 -0.0674 0.0774  -0.2085 -0.0672 -0.5367 0.2900  -0.0743 0.1001  
'X-RAY DIFFRACTION' 5 ? refined 3.9290   -1.8526  -4.5681 -0.1100 -0.1779 -0.0645 -0.0077 0.1064  -0.0667 4.7303  14.7599 8.8579  1.7125  -1.7036  -4.3178 -0.2559 0.3517  -0.0957 0.3739  -0.2167 -0.4273 -0.8979 0.0231  -0.1511 
'X-RAY DIFFRACTION' 6 ? refined 3.7440   -10.1683 10.4198 0.2889  0.0424  0.1526  0.1568  0.0294  -0.0872 15.1835 5.0048  39.3889 -4.9998 -15.2277 -3.9853 -1.0573 0.7142  0.3432  -1.5518 -0.3800 -0.4085 1.6005  1.5001  1.5930 
# 
loop_
_pdbx_refine_tls_group.pdbx_refine_id 
_pdbx_refine_tls_group.id 
_pdbx_refine_tls_group.refine_tls_id 
_pdbx_refine_tls_group.beg_auth_asym_id 
_pdbx_refine_tls_group.beg_auth_seq_id 
_pdbx_refine_tls_group.end_auth_asym_id 
_pdbx_refine_tls_group.end_auth_seq_id 
_pdbx_refine_tls_group.selection_details 
_pdbx_refine_tls_group.beg_label_asym_id 
_pdbx_refine_tls_group.beg_label_seq_id 
_pdbx_refine_tls_group.end_label_asym_id 
_pdbx_refine_tls_group.end_label_seq_id 
_pdbx_refine_tls_group.selection 
'X-RAY DIFFRACTION' 1 1 A 1  A 5  ? . . . . ? 
'X-RAY DIFFRACTION' 2 2 A 6  A 16 ? . . . . ? 
'X-RAY DIFFRACTION' 3 3 A 17 A 40 ? . . . . ? 
'X-RAY DIFFRACTION' 4 4 A 41 A 63 ? . . . . ? 
'X-RAY DIFFRACTION' 5 5 A 64 A 78 ? . . . . ? 
'X-RAY DIFFRACTION' 6 6 A 79 A 87 ? . . . . ? 
# 
_pdbx_phasing_MR.entry_id                     3LK1 
_pdbx_phasing_MR.method_rotation              ? 
_pdbx_phasing_MR.method_translation           ? 
_pdbx_phasing_MR.model_details                'Phaser MODE: MR_AUTO' 
_pdbx_phasing_MR.R_factor                     ? 
_pdbx_phasing_MR.R_rigid_body                 ? 
_pdbx_phasing_MR.correlation_coeff_Fo_to_Fc   ? 
_pdbx_phasing_MR.correlation_coeff_Io_to_Ic   ? 
_pdbx_phasing_MR.d_res_high_rotation          2.500 
_pdbx_phasing_MR.d_res_low_rotation           29.500 
_pdbx_phasing_MR.d_res_high_translation       2.500 
_pdbx_phasing_MR.d_res_low_translation        29.500 
_pdbx_phasing_MR.packing                      ? 
_pdbx_phasing_MR.reflns_percent_rotation      ? 
_pdbx_phasing_MR.reflns_percent_translation   ? 
_pdbx_phasing_MR.sigma_F_rotation             ? 
_pdbx_phasing_MR.sigma_F_translation          ? 
_pdbx_phasing_MR.sigma_I_rotation             ? 
_pdbx_phasing_MR.sigma_I_translation          ? 
# 
loop_
_pdbx_unobs_or_zero_occ_residues.id 
_pdbx_unobs_or_zero_occ_residues.PDB_model_num 
_pdbx_unobs_or_zero_occ_residues.polymer_flag 
_pdbx_unobs_or_zero_occ_residues.occupancy_flag 
_pdbx_unobs_or_zero_occ_residues.auth_asym_id 
_pdbx_unobs_or_zero_occ_residues.auth_comp_id 
_pdbx_unobs_or_zero_occ_residues.auth_seq_id 
_pdbx_unobs_or_zero_occ_residues.PDB_ins_code 
_pdbx_unobs_or_zero_occ_residues.label_asym_id 
_pdbx_unobs_or_zero_occ_residues.label_comp_id 
_pdbx_unobs_or_zero_occ_residues.label_seq_id 
1 1 Y 1 A PHE 88 ? A PHE 89 
2 1 Y 1 A GLU 89 ? A GLU 90 
# 
loop_
_chem_comp_atom.comp_id 
_chem_comp_atom.atom_id 
_chem_comp_atom.type_symbol 
_chem_comp_atom.pdbx_aromatic_flag 
_chem_comp_atom.pdbx_stereo_config 
_chem_comp_atom.pdbx_ordinal 
ALA N    N  N N 1   
ALA CA   C  N S 2   
ALA C    C  N N 3   
ALA O    O  N N 4   
ALA CB   C  N N 5   
ALA OXT  O  N N 6   
ALA H    H  N N 7   
ALA H2   H  N N 8   
ALA HA   H  N N 9   
ALA HB1  H  N N 10  
ALA HB2  H  N N 11  
ALA HB3  H  N N 12  
ALA HXT  H  N N 13  
ARG N    N  N N 14  
ARG CA   C  N S 15  
ARG C    C  N N 16  
ARG O    O  N N 17  
ARG CB   C  N N 18  
ARG CG   C  N N 19  
ARG CD   C  N N 20  
ARG NE   N  N N 21  
ARG CZ   C  N N 22  
ARG NH1  N  N N 23  
ARG NH2  N  N N 24  
ARG OXT  O  N N 25  
ARG H    H  N N 26  
ARG H2   H  N N 27  
ARG HA   H  N N 28  
ARG HB2  H  N N 29  
ARG HB3  H  N N 30  
ARG HG2  H  N N 31  
ARG HG3  H  N N 32  
ARG HD2  H  N N 33  
ARG HD3  H  N N 34  
ARG HE   H  N N 35  
ARG HH11 H  N N 36  
ARG HH12 H  N N 37  
ARG HH21 H  N N 38  
ARG HH22 H  N N 39  
ARG HXT  H  N N 40  
ASN N    N  N N 41  
ASN CA   C  N S 42  
ASN C    C  N N 43  
ASN O    O  N N 44  
ASN CB   C  N N 45  
ASN CG   C  N N 46  
ASN OD1  O  N N 47  
ASN ND2  N  N N 48  
ASN OXT  O  N N 49  
ASN H    H  N N 50  
ASN H2   H  N N 51  
ASN HA   H  N N 52  
ASN HB2  H  N N 53  
ASN HB3  H  N N 54  
ASN HD21 H  N N 55  
ASN HD22 H  N N 56  
ASN HXT  H  N N 57  
ASP N    N  N N 58  
ASP CA   C  N S 59  
ASP C    C  N N 60  
ASP O    O  N N 61  
ASP CB   C  N N 62  
ASP CG   C  N N 63  
ASP OD1  O  N N 64  
ASP OD2  O  N N 65  
ASP OXT  O  N N 66  
ASP H    H  N N 67  
ASP H2   H  N N 68  
ASP HA   H  N N 69  
ASP HB2  H  N N 70  
ASP HB3  H  N N 71  
ASP HD2  H  N N 72  
ASP HXT  H  N N 73  
CA  CA   CA N N 74  
CYS N    N  N N 75  
CYS CA   C  N R 76  
CYS C    C  N N 77  
CYS O    O  N N 78  
CYS CB   C  N N 79  
CYS SG   S  N N 80  
CYS OXT  O  N N 81  
CYS H    H  N N 82  
CYS H2   H  N N 83  
CYS HA   H  N N 84  
CYS HB2  H  N N 85  
CYS HB3  H  N N 86  
CYS HG   H  N N 87  
CYS HXT  H  N N 88  
EMC HG   HG N N 89  
EMC C1   C  N N 90  
EMC C2   C  N N 91  
EMC H11  H  N N 92  
EMC H12  H  N N 93  
EMC H21  H  N N 94  
EMC H22  H  N N 95  
EMC H23  H  N N 96  
GLN N    N  N N 97  
GLN CA   C  N S 98  
GLN C    C  N N 99  
GLN O    O  N N 100 
GLN CB   C  N N 101 
GLN CG   C  N N 102 
GLN CD   C  N N 103 
GLN OE1  O  N N 104 
GLN NE2  N  N N 105 
GLN OXT  O  N N 106 
GLN H    H  N N 107 
GLN H2   H  N N 108 
GLN HA   H  N N 109 
GLN HB2  H  N N 110 
GLN HB3  H  N N 111 
GLN HG2  H  N N 112 
GLN HG3  H  N N 113 
GLN HE21 H  N N 114 
GLN HE22 H  N N 115 
GLN HXT  H  N N 116 
GLU N    N  N N 117 
GLU CA   C  N S 118 
GLU C    C  N N 119 
GLU O    O  N N 120 
GLU CB   C  N N 121 
GLU CG   C  N N 122 
GLU CD   C  N N 123 
GLU OE1  O  N N 124 
GLU OE2  O  N N 125 
GLU OXT  O  N N 126 
GLU H    H  N N 127 
GLU H2   H  N N 128 
GLU HA   H  N N 129 
GLU HB2  H  N N 130 
GLU HB3  H  N N 131 
GLU HG2  H  N N 132 
GLU HG3  H  N N 133 
GLU HE2  H  N N 134 
GLU HXT  H  N N 135 
GLY N    N  N N 136 
GLY CA   C  N N 137 
GLY C    C  N N 138 
GLY O    O  N N 139 
GLY OXT  O  N N 140 
GLY H    H  N N 141 
GLY H2   H  N N 142 
GLY HA2  H  N N 143 
GLY HA3  H  N N 144 
GLY HXT  H  N N 145 
HIS N    N  N N 146 
HIS CA   C  N S 147 
HIS C    C  N N 148 
HIS O    O  N N 149 
HIS CB   C  N N 150 
HIS CG   C  Y N 151 
HIS ND1  N  Y N 152 
HIS CD2  C  Y N 153 
HIS CE1  C  Y N 154 
HIS NE2  N  Y N 155 
HIS OXT  O  N N 156 
HIS H    H  N N 157 
HIS H2   H  N N 158 
HIS HA   H  N N 159 
HIS HB2  H  N N 160 
HIS HB3  H  N N 161 
HIS HD1  H  N N 162 
HIS HD2  H  N N 163 
HIS HE1  H  N N 164 
HIS HE2  H  N N 165 
HIS HXT  H  N N 166 
HOH O    O  N N 167 
HOH H1   H  N N 168 
HOH H2   H  N N 169 
ILE N    N  N N 170 
ILE CA   C  N S 171 
ILE C    C  N N 172 
ILE O    O  N N 173 
ILE CB   C  N S 174 
ILE CG1  C  N N 175 
ILE CG2  C  N N 176 
ILE CD1  C  N N 177 
ILE OXT  O  N N 178 
ILE H    H  N N 179 
ILE H2   H  N N 180 
ILE HA   H  N N 181 
ILE HB   H  N N 182 
ILE HG12 H  N N 183 
ILE HG13 H  N N 184 
ILE HG21 H  N N 185 
ILE HG22 H  N N 186 
ILE HG23 H  N N 187 
ILE HD11 H  N N 188 
ILE HD12 H  N N 189 
ILE HD13 H  N N 190 
ILE HXT  H  N N 191 
JKE SD   S  N N 192 
JKE CG   C  N N 193 
JKE CZ   C  Y N 194 
JKE CD1  C  Y N 195 
JKE OD1  O  N N 196 
JKE CD2  C  Y N 197 
JKE OD2  O  N N 198 
JKE CE1  C  Y N 199 
JKE CE2  C  Y N 200 
JKE CG1  C  Y N 201 
JKE HSD  H  N N 202 
JKE HD1  H  N N 203 
JKE HD2  H  N N 204 
JKE HE2  H  N N 205 
JKE HG1  H  N N 206 
JKE H6   H  N N 207 
LEU N    N  N N 208 
LEU CA   C  N S 209 
LEU C    C  N N 210 
LEU O    O  N N 211 
LEU CB   C  N N 212 
LEU CG   C  N N 213 
LEU CD1  C  N N 214 
LEU CD2  C  N N 215 
LEU OXT  O  N N 216 
LEU H    H  N N 217 
LEU H2   H  N N 218 
LEU HA   H  N N 219 
LEU HB2  H  N N 220 
LEU HB3  H  N N 221 
LEU HG   H  N N 222 
LEU HD11 H  N N 223 
LEU HD12 H  N N 224 
LEU HD13 H  N N 225 
LEU HD21 H  N N 226 
LEU HD22 H  N N 227 
LEU HD23 H  N N 228 
LEU HXT  H  N N 229 
LYS N    N  N N 230 
LYS CA   C  N S 231 
LYS C    C  N N 232 
LYS O    O  N N 233 
LYS CB   C  N N 234 
LYS CG   C  N N 235 
LYS CD   C  N N 236 
LYS CE   C  N N 237 
LYS NZ   N  N N 238 
LYS OXT  O  N N 239 
LYS H    H  N N 240 
LYS H2   H  N N 241 
LYS HA   H  N N 242 
LYS HB2  H  N N 243 
LYS HB3  H  N N 244 
LYS HG2  H  N N 245 
LYS HG3  H  N N 246 
LYS HD2  H  N N 247 
LYS HD3  H  N N 248 
LYS HE2  H  N N 249 
LYS HE3  H  N N 250 
LYS HZ1  H  N N 251 
LYS HZ2  H  N N 252 
LYS HZ3  H  N N 253 
LYS HXT  H  N N 254 
MET N    N  N N 255 
MET CA   C  N S 256 
MET C    C  N N 257 
MET O    O  N N 258 
MET CB   C  N N 259 
MET CG   C  N N 260 
MET SD   S  N N 261 
MET CE   C  N N 262 
MET OXT  O  N N 263 
MET H    H  N N 264 
MET H2   H  N N 265 
MET HA   H  N N 266 
MET HB2  H  N N 267 
MET HB3  H  N N 268 
MET HG2  H  N N 269 
MET HG3  H  N N 270 
MET HE1  H  N N 271 
MET HE2  H  N N 272 
MET HE3  H  N N 273 
MET HXT  H  N N 274 
PHE N    N  N N 275 
PHE CA   C  N S 276 
PHE C    C  N N 277 
PHE O    O  N N 278 
PHE CB   C  N N 279 
PHE CG   C  Y N 280 
PHE CD1  C  Y N 281 
PHE CD2  C  Y N 282 
PHE CE1  C  Y N 283 
PHE CE2  C  Y N 284 
PHE CZ   C  Y N 285 
PHE OXT  O  N N 286 
PHE H    H  N N 287 
PHE H2   H  N N 288 
PHE HA   H  N N 289 
PHE HB2  H  N N 290 
PHE HB3  H  N N 291 
PHE HD1  H  N N 292 
PHE HD2  H  N N 293 
PHE HE1  H  N N 294 
PHE HE2  H  N N 295 
PHE HZ   H  N N 296 
PHE HXT  H  N N 297 
SER N    N  N N 298 
SER CA   C  N S 299 
SER C    C  N N 300 
SER O    O  N N 301 
SER CB   C  N N 302 
SER OG   O  N N 303 
SER OXT  O  N N 304 
SER H    H  N N 305 
SER H2   H  N N 306 
SER HA   H  N N 307 
SER HB2  H  N N 308 
SER HB3  H  N N 309 
SER HG   H  N N 310 
SER HXT  H  N N 311 
THR N    N  N N 312 
THR CA   C  N S 313 
THR C    C  N N 314 
THR O    O  N N 315 
THR CB   C  N R 316 
THR OG1  O  N N 317 
THR CG2  C  N N 318 
THR OXT  O  N N 319 
THR H    H  N N 320 
THR H2   H  N N 321 
THR HA   H  N N 322 
THR HB   H  N N 323 
THR HG1  H  N N 324 
THR HG21 H  N N 325 
THR HG22 H  N N 326 
THR HG23 H  N N 327 
THR HXT  H  N N 328 
TYR N    N  N N 329 
TYR CA   C  N S 330 
TYR C    C  N N 331 
TYR O    O  N N 332 
TYR CB   C  N N 333 
TYR CG   C  Y N 334 
TYR CD1  C  Y N 335 
TYR CD2  C  Y N 336 
TYR CE1  C  Y N 337 
TYR CE2  C  Y N 338 
TYR CZ   C  Y N 339 
TYR OH   O  N N 340 
TYR OXT  O  N N 341 
TYR H    H  N N 342 
TYR H2   H  N N 343 
TYR HA   H  N N 344 
TYR HB2  H  N N 345 
TYR HB3  H  N N 346 
TYR HD1  H  N N 347 
TYR HD2  H  N N 348 
TYR HE1  H  N N 349 
TYR HE2  H  N N 350 
TYR HH   H  N N 351 
TYR HXT  H  N N 352 
VAL N    N  N N 353 
VAL CA   C  N S 354 
VAL C    C  N N 355 
VAL O    O  N N 356 
VAL CB   C  N N 357 
VAL CG1  C  N N 358 
VAL CG2  C  N N 359 
VAL OXT  O  N N 360 
VAL H    H  N N 361 
VAL H2   H  N N 362 
VAL HA   H  N N 363 
VAL HB   H  N N 364 
VAL HG11 H  N N 365 
VAL HG12 H  N N 366 
VAL HG13 H  N N 367 
VAL HG21 H  N N 368 
VAL HG22 H  N N 369 
VAL HG23 H  N N 370 
VAL HXT  H  N N 371 
# 
loop_
_chem_comp_bond.comp_id 
_chem_comp_bond.atom_id_1 
_chem_comp_bond.atom_id_2 
_chem_comp_bond.value_order 
_chem_comp_bond.pdbx_aromatic_flag 
_chem_comp_bond.pdbx_stereo_config 
_chem_comp_bond.pdbx_ordinal 
ALA N   CA   sing N N 1   
ALA N   H    sing N N 2   
ALA N   H2   sing N N 3   
ALA CA  C    sing N N 4   
ALA CA  CB   sing N N 5   
ALA CA  HA   sing N N 6   
ALA C   O    doub N N 7   
ALA C   OXT  sing N N 8   
ALA CB  HB1  sing N N 9   
ALA CB  HB2  sing N N 10  
ALA CB  HB3  sing N N 11  
ALA OXT HXT  sing N N 12  
ARG N   CA   sing N N 13  
ARG N   H    sing N N 14  
ARG N   H2   sing N N 15  
ARG CA  C    sing N N 16  
ARG CA  CB   sing N N 17  
ARG CA  HA   sing N N 18  
ARG C   O    doub N N 19  
ARG C   OXT  sing N N 20  
ARG CB  CG   sing N N 21  
ARG CB  HB2  sing N N 22  
ARG CB  HB3  sing N N 23  
ARG CG  CD   sing N N 24  
ARG CG  HG2  sing N N 25  
ARG CG  HG3  sing N N 26  
ARG CD  NE   sing N N 27  
ARG CD  HD2  sing N N 28  
ARG CD  HD3  sing N N 29  
ARG NE  CZ   sing N N 30  
ARG NE  HE   sing N N 31  
ARG CZ  NH1  sing N N 32  
ARG CZ  NH2  doub N N 33  
ARG NH1 HH11 sing N N 34  
ARG NH1 HH12 sing N N 35  
ARG NH2 HH21 sing N N 36  
ARG NH2 HH22 sing N N 37  
ARG OXT HXT  sing N N 38  
ASN N   CA   sing N N 39  
ASN N   H    sing N N 40  
ASN N   H2   sing N N 41  
ASN CA  C    sing N N 42  
ASN CA  CB   sing N N 43  
ASN CA  HA   sing N N 44  
ASN C   O    doub N N 45  
ASN C   OXT  sing N N 46  
ASN CB  CG   sing N N 47  
ASN CB  HB2  sing N N 48  
ASN CB  HB3  sing N N 49  
ASN CG  OD1  doub N N 50  
ASN CG  ND2  sing N N 51  
ASN ND2 HD21 sing N N 52  
ASN ND2 HD22 sing N N 53  
ASN OXT HXT  sing N N 54  
ASP N   CA   sing N N 55  
ASP N   H    sing N N 56  
ASP N   H2   sing N N 57  
ASP CA  C    sing N N 58  
ASP CA  CB   sing N N 59  
ASP CA  HA   sing N N 60  
ASP C   O    doub N N 61  
ASP C   OXT  sing N N 62  
ASP CB  CG   sing N N 63  
ASP CB  HB2  sing N N 64  
ASP CB  HB3  sing N N 65  
ASP CG  OD1  doub N N 66  
ASP CG  OD2  sing N N 67  
ASP OD2 HD2  sing N N 68  
ASP OXT HXT  sing N N 69  
CYS N   CA   sing N N 70  
CYS N   H    sing N N 71  
CYS N   H2   sing N N 72  
CYS CA  C    sing N N 73  
CYS CA  CB   sing N N 74  
CYS CA  HA   sing N N 75  
CYS C   O    doub N N 76  
CYS C   OXT  sing N N 77  
CYS CB  SG   sing N N 78  
CYS CB  HB2  sing N N 79  
CYS CB  HB3  sing N N 80  
CYS SG  HG   sing N N 81  
CYS OXT HXT  sing N N 82  
EMC HG  C1   sing N N 83  
EMC C1  C2   sing N N 84  
EMC C1  H11  sing N N 85  
EMC C1  H12  sing N N 86  
EMC C2  H21  sing N N 87  
EMC C2  H22  sing N N 88  
EMC C2  H23  sing N N 89  
GLN N   CA   sing N N 90  
GLN N   H    sing N N 91  
GLN N   H2   sing N N 92  
GLN CA  C    sing N N 93  
GLN CA  CB   sing N N 94  
GLN CA  HA   sing N N 95  
GLN C   O    doub N N 96  
GLN C   OXT  sing N N 97  
GLN CB  CG   sing N N 98  
GLN CB  HB2  sing N N 99  
GLN CB  HB3  sing N N 100 
GLN CG  CD   sing N N 101 
GLN CG  HG2  sing N N 102 
GLN CG  HG3  sing N N 103 
GLN CD  OE1  doub N N 104 
GLN CD  NE2  sing N N 105 
GLN NE2 HE21 sing N N 106 
GLN NE2 HE22 sing N N 107 
GLN OXT HXT  sing N N 108 
GLU N   CA   sing N N 109 
GLU N   H    sing N N 110 
GLU N   H2   sing N N 111 
GLU CA  C    sing N N 112 
GLU CA  CB   sing N N 113 
GLU CA  HA   sing N N 114 
GLU C   O    doub N N 115 
GLU C   OXT  sing N N 116 
GLU CB  CG   sing N N 117 
GLU CB  HB2  sing N N 118 
GLU CB  HB3  sing N N 119 
GLU CG  CD   sing N N 120 
GLU CG  HG2  sing N N 121 
GLU CG  HG3  sing N N 122 
GLU CD  OE1  doub N N 123 
GLU CD  OE2  sing N N 124 
GLU OE2 HE2  sing N N 125 
GLU OXT HXT  sing N N 126 
GLY N   CA   sing N N 127 
GLY N   H    sing N N 128 
GLY N   H2   sing N N 129 
GLY CA  C    sing N N 130 
GLY CA  HA2  sing N N 131 
GLY CA  HA3  sing N N 132 
GLY C   O    doub N N 133 
GLY C   OXT  sing N N 134 
GLY OXT HXT  sing N N 135 
HIS N   CA   sing N N 136 
HIS N   H    sing N N 137 
HIS N   H2   sing N N 138 
HIS CA  C    sing N N 139 
HIS CA  CB   sing N N 140 
HIS CA  HA   sing N N 141 
HIS C   O    doub N N 142 
HIS C   OXT  sing N N 143 
HIS CB  CG   sing N N 144 
HIS CB  HB2  sing N N 145 
HIS CB  HB3  sing N N 146 
HIS CG  ND1  sing Y N 147 
HIS CG  CD2  doub Y N 148 
HIS ND1 CE1  doub Y N 149 
HIS ND1 HD1  sing N N 150 
HIS CD2 NE2  sing Y N 151 
HIS CD2 HD2  sing N N 152 
HIS CE1 NE2  sing Y N 153 
HIS CE1 HE1  sing N N 154 
HIS NE2 HE2  sing N N 155 
HIS OXT HXT  sing N N 156 
HOH O   H1   sing N N 157 
HOH O   H2   sing N N 158 
ILE N   CA   sing N N 159 
ILE N   H    sing N N 160 
ILE N   H2   sing N N 161 
ILE CA  C    sing N N 162 
ILE CA  CB   sing N N 163 
ILE CA  HA   sing N N 164 
ILE C   O    doub N N 165 
ILE C   OXT  sing N N 166 
ILE CB  CG1  sing N N 167 
ILE CB  CG2  sing N N 168 
ILE CB  HB   sing N N 169 
ILE CG1 CD1  sing N N 170 
ILE CG1 HG12 sing N N 171 
ILE CG1 HG13 sing N N 172 
ILE CG2 HG21 sing N N 173 
ILE CG2 HG22 sing N N 174 
ILE CG2 HG23 sing N N 175 
ILE CD1 HD11 sing N N 176 
ILE CD1 HD12 sing N N 177 
ILE CD1 HD13 sing N N 178 
ILE OXT HXT  sing N N 179 
JKE SD  CE1  sing N N 180 
JKE SD  HSD  sing N N 181 
JKE CG  CZ   sing N N 182 
JKE CG  OD1  doub N N 183 
JKE CG  OD2  sing N N 184 
JKE CZ  CE1  doub Y N 185 
JKE CZ  CE2  sing Y N 186 
JKE CD1 CE1  sing Y N 187 
JKE CD1 CG1  doub Y N 188 
JKE CD1 HD1  sing N N 189 
JKE CD2 CE2  doub Y N 190 
JKE CD2 CG1  sing Y N 191 
JKE CD2 HD2  sing N N 192 
JKE CE2 HE2  sing N N 193 
JKE CG1 HG1  sing N N 194 
JKE OD2 H6   sing N N 195 
LEU N   CA   sing N N 196 
LEU N   H    sing N N 197 
LEU N   H2   sing N N 198 
LEU CA  C    sing N N 199 
LEU CA  CB   sing N N 200 
LEU CA  HA   sing N N 201 
LEU C   O    doub N N 202 
LEU C   OXT  sing N N 203 
LEU CB  CG   sing N N 204 
LEU CB  HB2  sing N N 205 
LEU CB  HB3  sing N N 206 
LEU CG  CD1  sing N N 207 
LEU CG  CD2  sing N N 208 
LEU CG  HG   sing N N 209 
LEU CD1 HD11 sing N N 210 
LEU CD1 HD12 sing N N 211 
LEU CD1 HD13 sing N N 212 
LEU CD2 HD21 sing N N 213 
LEU CD2 HD22 sing N N 214 
LEU CD2 HD23 sing N N 215 
LEU OXT HXT  sing N N 216 
LYS N   CA   sing N N 217 
LYS N   H    sing N N 218 
LYS N   H2   sing N N 219 
LYS CA  C    sing N N 220 
LYS CA  CB   sing N N 221 
LYS CA  HA   sing N N 222 
LYS C   O    doub N N 223 
LYS C   OXT  sing N N 224 
LYS CB  CG   sing N N 225 
LYS CB  HB2  sing N N 226 
LYS CB  HB3  sing N N 227 
LYS CG  CD   sing N N 228 
LYS CG  HG2  sing N N 229 
LYS CG  HG3  sing N N 230 
LYS CD  CE   sing N N 231 
LYS CD  HD2  sing N N 232 
LYS CD  HD3  sing N N 233 
LYS CE  NZ   sing N N 234 
LYS CE  HE2  sing N N 235 
LYS CE  HE3  sing N N 236 
LYS NZ  HZ1  sing N N 237 
LYS NZ  HZ2  sing N N 238 
LYS NZ  HZ3  sing N N 239 
LYS OXT HXT  sing N N 240 
MET N   CA   sing N N 241 
MET N   H    sing N N 242 
MET N   H2   sing N N 243 
MET CA  C    sing N N 244 
MET CA  CB   sing N N 245 
MET CA  HA   sing N N 246 
MET C   O    doub N N 247 
MET C   OXT  sing N N 248 
MET CB  CG   sing N N 249 
MET CB  HB2  sing N N 250 
MET CB  HB3  sing N N 251 
MET CG  SD   sing N N 252 
MET CG  HG2  sing N N 253 
MET CG  HG3  sing N N 254 
MET SD  CE   sing N N 255 
MET CE  HE1  sing N N 256 
MET CE  HE2  sing N N 257 
MET CE  HE3  sing N N 258 
MET OXT HXT  sing N N 259 
PHE N   CA   sing N N 260 
PHE N   H    sing N N 261 
PHE N   H2   sing N N 262 
PHE CA  C    sing N N 263 
PHE CA  CB   sing N N 264 
PHE CA  HA   sing N N 265 
PHE C   O    doub N N 266 
PHE C   OXT  sing N N 267 
PHE CB  CG   sing N N 268 
PHE CB  HB2  sing N N 269 
PHE CB  HB3  sing N N 270 
PHE CG  CD1  doub Y N 271 
PHE CG  CD2  sing Y N 272 
PHE CD1 CE1  sing Y N 273 
PHE CD1 HD1  sing N N 274 
PHE CD2 CE2  doub Y N 275 
PHE CD2 HD2  sing N N 276 
PHE CE1 CZ   doub Y N 277 
PHE CE1 HE1  sing N N 278 
PHE CE2 CZ   sing Y N 279 
PHE CE2 HE2  sing N N 280 
PHE CZ  HZ   sing N N 281 
PHE OXT HXT  sing N N 282 
SER N   CA   sing N N 283 
SER N   H    sing N N 284 
SER N   H2   sing N N 285 
SER CA  C    sing N N 286 
SER CA  CB   sing N N 287 
SER CA  HA   sing N N 288 
SER C   O    doub N N 289 
SER C   OXT  sing N N 290 
SER CB  OG   sing N N 291 
SER CB  HB2  sing N N 292 
SER CB  HB3  sing N N 293 
SER OG  HG   sing N N 294 
SER OXT HXT  sing N N 295 
THR N   CA   sing N N 296 
THR N   H    sing N N 297 
THR N   H2   sing N N 298 
THR CA  C    sing N N 299 
THR CA  CB   sing N N 300 
THR CA  HA   sing N N 301 
THR C   O    doub N N 302 
THR C   OXT  sing N N 303 
THR CB  OG1  sing N N 304 
THR CB  CG2  sing N N 305 
THR CB  HB   sing N N 306 
THR OG1 HG1  sing N N 307 
THR CG2 HG21 sing N N 308 
THR CG2 HG22 sing N N 309 
THR CG2 HG23 sing N N 310 
THR OXT HXT  sing N N 311 
TYR N   CA   sing N N 312 
TYR N   H    sing N N 313 
TYR N   H2   sing N N 314 
TYR CA  C    sing N N 315 
TYR CA  CB   sing N N 316 
TYR CA  HA   sing N N 317 
TYR C   O    doub N N 318 
TYR C   OXT  sing N N 319 
TYR CB  CG   sing N N 320 
TYR CB  HB2  sing N N 321 
TYR CB  HB3  sing N N 322 
TYR CG  CD1  doub Y N 323 
TYR CG  CD2  sing Y N 324 
TYR CD1 CE1  sing Y N 325 
TYR CD1 HD1  sing N N 326 
TYR CD2 CE2  doub Y N 327 
TYR CD2 HD2  sing N N 328 
TYR CE1 CZ   doub Y N 329 
TYR CE1 HE1  sing N N 330 
TYR CE2 CZ   sing Y N 331 
TYR CE2 HE2  sing N N 332 
TYR CZ  OH   sing N N 333 
TYR OH  HH   sing N N 334 
TYR OXT HXT  sing N N 335 
VAL N   CA   sing N N 336 
VAL N   H    sing N N 337 
VAL N   H2   sing N N 338 
VAL CA  C    sing N N 339 
VAL CA  CB   sing N N 340 
VAL CA  HA   sing N N 341 
VAL C   O    doub N N 342 
VAL C   OXT  sing N N 343 
VAL CB  CG1  sing N N 344 
VAL CB  CG2  sing N N 345 
VAL CB  HB   sing N N 346 
VAL CG1 HG11 sing N N 347 
VAL CG1 HG12 sing N N 348 
VAL CG1 HG13 sing N N 349 
VAL CG2 HG21 sing N N 350 
VAL CG2 HG22 sing N N 351 
VAL CG2 HG23 sing N N 352 
VAL OXT HXT  sing N N 353 
# 
_atom_sites.entry_id                    3LK1 
_atom_sites.fract_transf_matrix[1][1]   -0.02722641 
_atom_sites.fract_transf_matrix[1][2]   -0.00043483 
_atom_sites.fract_transf_matrix[1][3]   0.00811720 
_atom_sites.fract_transf_matrix[2][1]   0.00023897 
_atom_sites.fract_transf_matrix[2][2]   0.01117208 
_atom_sites.fract_transf_matrix[2][3]   0.00140003 
_atom_sites.fract_transf_matrix[3][1]   -0.00483580 
_atom_sites.fract_transf_matrix[3][2]   0.00212182 
_atom_sites.fract_transf_matrix[3][3]   -0.01610638 
_atom_sites.fract_transf_vector[1]      -0.216526 
_atom_sites.fract_transf_vector[2]      0.120572 
_atom_sites.fract_transf_vector[3]      0.007612 
# 
loop_
_atom_type.symbol 
C  
CA 
HG 
N  
O  
S  
# 
loop_
_atom_site.group_PDB 
_atom_site.id 
_atom_site.type_symbol 
_atom_site.label_atom_id 
_atom_site.label_alt_id 
_atom_site.label_comp_id 
_atom_site.label_asym_id 
_atom_site.label_entity_id 
_atom_site.label_seq_id 
_atom_site.pdbx_PDB_ins_code 
_atom_site.Cartn_x 
_atom_site.Cartn_y 
_atom_site.Cartn_z 
_atom_site.occupancy 
_atom_site.B_iso_or_equiv 
_atom_site.pdbx_formal_charge 
_atom_site.auth_seq_id 
_atom_site.auth_comp_id 
_atom_site.auth_asym_id 
_atom_site.auth_atom_id 
_atom_site.pdbx_PDB_model_num 
ATOM   1   N  N   . MET A 1 1  ? -15.119 -16.949 -4.539  1.00 54.62  ? 0   MET A N   1 
ATOM   2   C  CA  . MET A 1 1  ? -15.974 -17.718 -3.575  1.00 53.89  ? 0   MET A CA  1 
ATOM   3   C  C   . MET A 1 1  ? -15.252 -18.150 -2.302  1.00 53.12  ? 0   MET A C   1 
ATOM   4   O  O   . MET A 1 1  ? -15.822 -18.039 -1.211  1.00 53.83  ? 0   MET A O   1 
ATOM   5   C  CB  . MET A 1 1  ? -16.646 -18.931 -4.264  1.00 54.49  ? 0   MET A CB  1 
ATOM   6   N  N   . SER A 1 2  ? -14.022 -18.656 -2.418  1.00 55.43  ? 1   SER A N   1 
ATOM   7   C  CA  . SER A 1 2  ? -13.271 -19.059 -1.223  1.00 52.24  ? 1   SER A CA  1 
ATOM   8   C  C   . SER A 1 2  ? -12.791 -17.819 -0.480  1.00 50.24  ? 1   SER A C   1 
ATOM   9   O  O   . SER A 1 2  ? -12.689 -16.740 -1.073  1.00 47.74  ? 1   SER A O   1 
ATOM   10  C  CB  . SER A 1 2  ? -12.091 -19.964 -1.582  1.00 48.62  ? 1   SER A CB  1 
ATOM   11  O  OG  . SER A 1 2  ? -10.900 -19.218 -1.818  1.00 42.63  ? 1   SER A OG  1 
ATOM   12  N  N   . GLU A 1 3  ? -12.474 -17.959 0.803   1.00 53.19  ? 2   GLU A N   1 
ATOM   13  C  CA  . GLU A 1 3  ? -11.982 -16.803 1.569   1.00 54.20  ? 2   GLU A CA  1 
ATOM   14  C  C   . GLU A 1 3  ? -10.642 -16.267 1.042   1.00 48.03  ? 2   GLU A C   1 
ATOM   15  O  O   . GLU A 1 3  ? -10.398 -15.057 1.098   1.00 47.84  ? 2   GLU A O   1 
ATOM   16  C  CB  . GLU A 1 3  ? -11.923 -17.111 3.068   1.00 63.24  ? 2   GLU A CB  1 
ATOM   17  C  CG  . GLU A 1 3  ? -13.291 -17.376 3.696   1.00 75.50  ? 2   GLU A CG  1 
ATOM   18  C  CD  . GLU A 1 3  ? -14.207 -16.155 3.690   1.00 82.51  ? 2   GLU A CD  1 
ATOM   19  O  OE1 . GLU A 1 3  ? -13.717 -15.029 3.916   1.00 82.14  ? 2   GLU A OE1 1 
ATOM   20  O  OE2 . GLU A 1 3  ? -15.428 -16.325 3.475   1.00 91.37  ? 2   GLU A OE2 1 
ATOM   21  N  N   . LEU A 1 4  ? -9.800  -17.159 0.508   1.00 45.06  ? 3   LEU A N   1 
ATOM   22  C  CA  . LEU A 1 4  ? -8.553  -16.767 -0.166  1.00 43.22  ? 3   LEU A CA  1 
ATOM   23  C  C   . LEU A 1 4  ? -8.842  -15.982 -1.446  1.00 40.89  ? 3   LEU A C   1 
ATOM   24  O  O   . LEU A 1 4  ? -8.213  -14.961 -1.718  1.00 41.96  ? 3   LEU A O   1 
ATOM   25  C  CB  . LEU A 1 4  ? -7.709  -18.000 -0.522  1.00 45.30  ? 3   LEU A CB  1 
ATOM   26  C  CG  . LEU A 1 4  ? -6.189  -18.108 -0.368  1.00 52.00  ? 3   LEU A CG  1 
ATOM   27  C  CD1 . LEU A 1 4  ? -5.635  -19.253 -1.211  1.00 53.87  ? 3   LEU A CD1 1 
ATOM   28  C  CD2 . LEU A 1 4  ? -5.383  -16.805 -0.603  1.00 53.97  ? 3   LEU A CD2 1 
ATOM   29  N  N   . GLU A 1 5  ? -9.786  -16.465 -2.247  1.00 40.03  ? 4   GLU A N   1 
ATOM   30  C  CA  . GLU A 1 5  ? -10.138 -15.786 -3.497  1.00 41.15  ? 4   GLU A CA  1 
ATOM   31  C  C   . GLU A 1 5  ? -10.744 -14.405 -3.248  1.00 42.90  ? 4   GLU A C   1 
ATOM   32  O  O   . GLU A 1 5  ? -10.469 -13.460 -3.993  1.00 45.25  ? 4   GLU A O   1 
ATOM   33  C  CB  . GLU A 1 5  ? -11.059 -16.670 -4.339  1.00 43.47  ? 4   GLU A CB  1 
ATOM   34  C  CG  . GLU A 1 5  ? -10.314 -17.878 -4.895  1.00 44.13  ? 4   GLU A CG  1 
ATOM   35  C  CD  . GLU A 1 5  ? -11.214 -18.944 -5.494  1.00 47.58  ? 4   GLU A CD  1 
ATOM   36  O  OE1 . GLU A 1 5  ? -12.309 -19.200 -4.953  1.00 48.18  ? 4   GLU A OE1 1 
ATOM   37  O  OE2 . GLU A 1 5  ? -10.803 -19.543 -6.509  1.00 50.81  ? 4   GLU A OE2 1 
ATOM   38  N  N   . LYS A 1 6  ? -11.545 -14.288 -2.189  1.00 43.45  ? 5   LYS A N   1 
ATOM   39  C  CA  . LYS A 1 6  ? -12.059 -12.985 -1.754  1.00 47.37  ? 5   LYS A CA  1 
ATOM   40  C  C   . LYS A 1 6  ? -10.943 -12.021 -1.341  1.00 45.92  ? 5   LYS A C   1 
ATOM   41  O  O   . LYS A 1 6  ? -11.050 -10.819 -1.563  1.00 49.36  ? 5   LYS A O   1 
ATOM   42  C  CB  . LYS A 1 6  ? -13.044 -13.143 -0.597  1.00 52.94  ? 5   LYS A CB  1 
ATOM   43  C  CG  . LYS A 1 6  ? -14.378 -13.744 -0.985  1.00 60.06  ? 5   LYS A CG  1 
ATOM   44  C  CD  . LYS A 1 6  ? -15.240 -13.906 0.251   1.00 71.83  ? 5   LYS A CD  1 
ATOM   45  C  CE  . LYS A 1 6  ? -16.308 -14.967 0.061   1.00 79.94  ? 5   LYS A CE  1 
ATOM   46  N  N   . ALA A 1 7  ? -9.883  -12.549 -0.736  1.00 45.81  ? 6   ALA A N   1 
ATOM   47  C  CA  . ALA A 1 7  ? -8.724  -11.738 -0.338  1.00 45.33  ? 6   ALA A CA  1 
ATOM   48  C  C   . ALA A 1 7  ? -7.936  -11.259 -1.542  1.00 43.12  ? 6   ALA A C   1 
ATOM   49  O  O   . ALA A 1 7  ? -7.491  -10.110 -1.576  1.00 43.42  ? 6   ALA A O   1 
ATOM   50  C  CB  . ALA A 1 7  ? -7.817  -12.526 0.597   1.00 47.19  ? 6   ALA A CB  1 
ATOM   51  N  N   . VAL A 1 8  ? -7.765  -12.145 -2.526  1.00 43.25  ? 7   VAL A N   1 
ATOM   52  C  CA  . VAL A 1 8  ? -7.054  -11.802 -3.750  1.00 43.06  ? 7   VAL A CA  1 
ATOM   53  C  C   . VAL A 1 8  ? -7.748  -10.642 -4.463  1.00 43.85  ? 7   VAL A C   1 
ATOM   54  O  O   . VAL A 1 8  ? -7.095  -9.663  -4.832  1.00 43.35  ? 7   VAL A O   1 
ATOM   55  C  CB  . VAL A 1 8  ? -6.893  -13.016 -4.676  1.00 46.00  ? 7   VAL A CB  1 
ATOM   56  C  CG1 . VAL A 1 8  ? -6.402  -12.576 -6.048  1.00 49.15  ? 7   VAL A CG1 1 
ATOM   57  C  CG2 . VAL A 1 8  ? -5.922  -14.041 -4.053  1.00 45.90  ? 7   VAL A CG2 1 
ATOM   58  N  N   . VAL A 1 9  ? -9.066  -10.735 -4.633  1.00 45.33  ? 8   VAL A N   1 
ATOM   59  C  CA  . VAL A 1 9  ? -9.827  -9.646  -5.260  1.00 47.90  ? 8   VAL A CA  1 
ATOM   60  C  C   . VAL A 1 9  ? -9.834  -8.343  -4.439  1.00 46.36  ? 8   VAL A C   1 
ATOM   61  O  O   . VAL A 1 9  ? -9.781  -7.253  -5.009  1.00 47.62  ? 8   VAL A O   1 
ATOM   62  C  CB  . VAL A 1 9  ? -11.264 -10.071 -5.659  1.00 53.89  ? 8   VAL A CB  1 
ATOM   63  C  CG1 . VAL A 1 9  ? -11.255 -11.370 -6.503  1.00 56.07  ? 8   VAL A CG1 1 
ATOM   64  C  CG2 . VAL A 1 9  ? -12.146 -10.236 -4.444  1.00 57.05  ? 8   VAL A CG2 1 
ATOM   65  N  N   . ALA A 1 10 ? -9.906  -8.454  -3.114  1.00 44.66  ? 9   ALA A N   1 
ATOM   66  C  CA  . ALA A 1 10 ? -9.838  -7.277  -2.235  1.00 45.12  ? 9   ALA A CA  1 
ATOM   67  C  C   . ALA A 1 10 ? -8.507  -6.530  -2.350  1.00 42.25  ? 9   ALA A C   1 
ATOM   68  O  O   . ALA A 1 10 ? -8.488  -5.298  -2.348  1.00 42.12  ? 9   ALA A O   1 
ATOM   69  C  CB  . ALA A 1 10 ? -10.108 -7.655  -0.789  1.00 47.35  ? 9   ALA A CB  1 
ATOM   70  N  N   . LEU A 1 11 ? -7.403  -7.267  -2.441  1.00 40.44  ? 10  LEU A N   1 
ATOM   71  C  CA  . LEU A 1 11 ? -6.092  -6.638  -2.662  1.00 40.61  ? 10  LEU A CA  1 
ATOM   72  C  C   . LEU A 1 11 ? -6.087  -5.819  -3.976  1.00 40.90  ? 10  LEU A C   1 
ATOM   73  O  O   . LEU A 1 11 ? -5.660  -4.650  -3.993  1.00 41.46  ? 10  LEU A O   1 
ATOM   74  C  CB  . LEU A 1 11 ? -4.964  -7.681  -2.632  1.00 41.88  ? 10  LEU A CB  1 
ATOM   75  C  CG  . LEU A 1 11 ? -4.638  -8.421  -1.326  1.00 44.56  ? 10  LEU A CG  1 
ATOM   76  C  CD1 . LEU A 1 11 ? -3.815  -9.696  -1.592  1.00 46.58  ? 10  LEU A CD1 1 
ATOM   77  C  CD2 . LEU A 1 11 ? -3.921  -7.558  -0.297  1.00 48.74  ? 10  LEU A CD2 1 
ATOM   78  N  N   . ILE A 1 12 ? -6.606  -6.412  -5.053  1.00 41.28  ? 11  ILE A N   1 
ATOM   79  C  CA  . ILE A 1 12 ? -6.699  -5.740  -6.356  1.00 43.21  ? 11  ILE A CA  1 
ATOM   80  C  C   . ILE A 1 12 ? -7.616  -4.508  -6.264  1.00 43.37  ? 11  ILE A C   1 
ATOM   81  O  O   . ILE A 1 12 ? -7.247  -3.408  -6.688  1.00 43.74  ? 11  ILE A O   1 
ATOM   82  C  CB  . ILE A 1 12 ? -7.185  -6.721  -7.472  1.00 47.59  ? 11  ILE A CB  1 
ATOM   83  C  CG1 . ILE A 1 12 ? -6.183  -7.872  -7.647  1.00 47.29  ? 11  ILE A CG1 1 
ATOM   84  C  CG2 . ILE A 1 12 ? -7.427  -5.982  -8.802  1.00 51.99  ? 11  ILE A CG2 1 
ATOM   85  C  CD1 . ILE A 1 12 ? -6.665  -8.973  -8.550  1.00 54.28  ? 11  ILE A CD1 1 
ATOM   86  N  N   . ASP A 1 13 ? -8.790  -4.705  -5.672  1.00 45.14  ? 12  ASP A N   1 
ATOM   87  C  CA  . ASP A 1 13 ? -9.812  -3.667  -5.530  1.00 48.18  ? 12  ASP A CA  1 
ATOM   88  C  C   . ASP A 1 13 ? -9.274  -2.451  -4.769  1.00 45.82  ? 12  ASP A C   1 
ATOM   89  O  O   . ASP A 1 13 ? -9.397  -1.311  -5.238  1.00 46.51  ? 12  ASP A O   1 
ATOM   90  C  CB  . ASP A 1 13 ? -11.042 -4.259  -4.821  1.00 52.34  ? 12  ASP A CB  1 
ATOM   91  C  CG  . ASP A 1 13 ? -12.238 -3.328  -4.818  1.00 61.73  ? 12  ASP A CG  1 
ATOM   92  O  OD1 . ASP A 1 13 ? -12.338 -2.447  -5.700  1.00 65.21  ? 12  ASP A OD1 1 
ATOM   93  O  OD2 . ASP A 1 13 ? -13.106 -3.497  -3.933  1.00 69.43  ? 12  ASP A OD2 1 
ATOM   94  N  N   . VAL A 1 14 ? -8.667  -2.679  -3.607  1.00 43.35  ? 13  VAL A N   1 
ATOM   95  C  CA  . VAL A 1 14 ? -8.270  -1.545  -2.765  1.00 44.29  ? 13  VAL A CA  1 
ATOM   96  C  C   . VAL A 1 14 ? -7.071  -0.807  -3.349  1.00 41.43  ? 13  VAL A C   1 
ATOM   97  O  O   . VAL A 1 14 ? -7.034  0.414   -3.317  1.00 42.05  ? 13  VAL A O   1 
ATOM   98  C  CB  . VAL A 1 14 ? -8.019  -1.931  -1.298  1.00 46.18  ? 13  VAL A CB  1 
ATOM   99  C  CG1 . VAL A 1 14 ? -7.663  -0.696  -0.476  1.00 48.28  ? 13  VAL A CG1 1 
ATOM   100 C  CG2 . VAL A 1 14 ? -9.254  -2.612  -0.721  1.00 52.07  ? 13  VAL A CG2 1 
ATOM   101 N  N   . PHE A 1 15 ? -6.111  -1.537  -3.909  1.00 40.33  ? 14  PHE A N   1 
ATOM   102 C  CA  . PHE A 1 15 ? -5.000  -0.869  -4.590  1.00 40.17  ? 14  PHE A CA  1 
ATOM   103 C  C   . PHE A 1 15 ? -5.509  0.143   -5.622  1.00 40.59  ? 14  PHE A C   1 
ATOM   104 O  O   . PHE A 1 15 ? -5.119  1.315   -5.605  1.00 39.07  ? 14  PHE A O   1 
ATOM   105 C  CB  . PHE A 1 15 ? -4.059  -1.859  -5.276  1.00 41.37  ? 14  PHE A CB  1 
ATOM   106 C  CG  . PHE A 1 15 ? -2.954  -1.182  -6.051  1.00 44.68  ? 14  PHE A CG  1 
ATOM   107 C  CD1 . PHE A 1 15 ? -1.794  -0.758  -5.405  1.00 46.18  ? 14  PHE A CD1 1 
ATOM   108 C  CD2 . PHE A 1 15 ? -3.080  -0.956  -7.426  1.00 45.19  ? 14  PHE A CD2 1 
ATOM   109 C  CE1 . PHE A 1 15 ? -0.770  -0.134  -6.108  1.00 49.50  ? 14  PHE A CE1 1 
ATOM   110 C  CE2 . PHE A 1 15 ? -2.067  -0.323  -8.140  1.00 50.39  ? 14  PHE A CE2 1 
ATOM   111 C  CZ  . PHE A 1 15 ? -0.911  0.096   -7.476  1.00 53.06  ? 14  PHE A CZ  1 
ATOM   112 N  N   . HIS A 1 16 ? -6.374  -0.326  -6.522  1.00 42.31  ? 15  HIS A N   1 
ATOM   113 C  CA  . HIS A 1 16 ? -6.854  0.498   -7.620  1.00 45.30  ? 15  HIS A CA  1 
ATOM   114 C  C   . HIS A 1 16 ? -7.806  1.617   -7.205  1.00 46.11  ? 15  HIS A C   1 
ATOM   115 O  O   . HIS A 1 16 ? -7.925  2.622   -7.907  1.00 47.80  ? 15  HIS A O   1 
ATOM   116 C  CB  . HIS A 1 16 ? -7.471  -0.387  -8.719  1.00 50.51  ? 15  HIS A CB  1 
ATOM   117 C  CG  . HIS A 1 16 ? -6.460  -1.222  -9.431  1.00 53.44  ? 15  HIS A CG  1 
ATOM   118 N  ND1 . HIS A 1 16 ? -6.073  -2.466  -8.978  1.00 54.10  ? 15  HIS A ND1 1 
ATOM   119 C  CD2 . HIS A 1 16 ? -5.708  -0.971  -10.527 1.00 59.61  ? 15  HIS A CD2 1 
ATOM   120 C  CE1 . HIS A 1 16 ? -5.152  -2.960  -9.785  1.00 58.45  ? 15  HIS A CE1 1 
ATOM   121 N  NE2 . HIS A 1 16 ? -4.913  -2.072  -10.734 1.00 63.77  ? 15  HIS A NE2 1 
ATOM   122 N  N   . GLN A 1 17 ? -8.482  1.448   -6.073  1.00 46.16  ? 16  GLN A N   1 
ATOM   123 C  CA  . GLN A 1 17 ? -9.344  2.494   -5.541  1.00 49.75  ? 16  GLN A CA  1 
ATOM   124 C  C   . GLN A 1 17 ? -8.500  3.720   -5.213  1.00 46.89  ? 16  GLN A C   1 
ATOM   125 O  O   . GLN A 1 17 ? -8.962  4.847   -5.301  1.00 48.58  ? 16  GLN A O   1 
ATOM   126 C  CB  . GLN A 1 17 ? -10.063 2.005   -4.282  1.00 52.67  ? 16  GLN A CB  1 
ATOM   127 C  CG  . GLN A 1 17 ? -11.333 1.213   -4.571  1.00 59.57  ? 16  GLN A CG  1 
ATOM   128 C  CD  . GLN A 1 17 ? -11.963 0.600   -3.326  0.80 64.11  ? 16  GLN A CD  1 
ATOM   129 O  OE1 . GLN A 1 17 ? -11.599 0.930   -2.193  0.80 67.50  ? 16  GLN A OE1 1 
ATOM   130 N  NE2 . GLN A 1 17 ? -12.914 -0.305  -3.539  0.80 70.39  ? 16  GLN A NE2 1 
ATOM   131 N  N   . TYR A 1 18 ? -7.256  3.466   -4.815  1.00 40.06  ? 17  TYR A N   1 
ATOM   132 C  CA  . TYR A 1 18 ? -6.328  4.516   -4.418  1.00 37.87  ? 17  TYR A CA  1 
ATOM   133 C  C   . TYR A 1 18 ? -5.421  4.923   -5.565  1.00 38.51  ? 17  TYR A C   1 
ATOM   134 O  O   . TYR A 1 18 ? -5.220  6.118   -5.794  1.00 39.66  ? 17  TYR A O   1 
ATOM   135 C  CB  . TYR A 1 18 ? -5.541  4.074   -3.183  1.00 35.34  ? 17  TYR A CB  1 
ATOM   136 C  CG  . TYR A 1 18 ? -6.391  4.202   -1.930  1.00 35.02  ? 17  TYR A CG  1 
ATOM   137 C  CD1 . TYR A 1 18 ? -7.177  3.145   -1.481  1.00 35.34  ? 17  TYR A CD1 1 
ATOM   138 C  CD2 . TYR A 1 18 ? -6.443  5.410   -1.231  1.00 34.56  ? 17  TYR A CD2 1 
ATOM   139 C  CE1 . TYR A 1 18 ? -7.984  3.292   -0.337  1.00 38.01  ? 17  TYR A CE1 1 
ATOM   140 C  CE2 . TYR A 1 18 ? -7.236  5.563   -0.114  1.00 36.08  ? 17  TYR A CE2 1 
ATOM   141 C  CZ  . TYR A 1 18 ? -8.005  4.506   0.326   1.00 36.69  ? 17  TYR A CZ  1 
ATOM   142 O  OH  . TYR A 1 18 ? -8.795  4.683   1.433   1.00 38.00  ? 17  TYR A OH  1 
ATOM   143 N  N   . SER A 1 19 ? -4.887  3.947   -6.296  1.00 38.23  ? 18  SER A N   1 
ATOM   144 C  CA  . SER A 1 19 ? -3.936  4.259   -7.378  1.00 39.36  ? 18  SER A CA  1 
ATOM   145 C  C   . SER A 1 19 ? -4.592  5.037   -8.517  1.00 42.16  ? 18  SER A C   1 
ATOM   146 O  O   . SER A 1 19 ? -3.915  5.800   -9.230  1.00 43.51  ? 18  SER A O   1 
ATOM   147 C  CB  . SER A 1 19 ? -3.307  2.981   -7.941  1.00 39.06  ? 18  SER A CB  1 
ATOM   148 O  OG  . SER A 1 19 ? -4.232  2.309   -8.773  1.00 41.86  ? 18  SER A OG  1 
ATOM   149 N  N   . GLY A 1 20 ? -5.895  4.832   -8.690  1.00 43.99  ? 19  GLY A N   1 
ATOM   150 C  CA  . GLY A 1 20 ? -6.650  5.452   -9.777  1.00 47.51  ? 19  GLY A CA  1 
ATOM   151 C  C   . GLY A 1 20 ? -7.102  6.876   -9.510  1.00 48.96  ? 19  GLY A C   1 
ATOM   152 O  O   . GLY A 1 20 ? -7.746  7.501   -10.353 1.00 52.43  ? 19  GLY A O   1 
ATOM   153 N  N   . ARG A 1 21 ? -6.756  7.408   -8.348  1.00 46.52  ? 20  ARG A N   1 
ATOM   154 C  CA  . ARG A 1 21 ? -7.186  8.746   -7.980  1.00 48.56  ? 20  ARG A CA  1 
ATOM   155 C  C   . ARG A 1 21 ? -6.527  9.827   -8.836  1.00 51.00  ? 20  ARG A C   1 
ATOM   156 O  O   . ARG A 1 21 ? -7.205  10.667  -9.401  1.00 54.60  ? 20  ARG A O   1 
ATOM   157 C  CB  . ARG A 1 21 ? -6.913  8.988   -6.494  1.00 46.05  ? 20  ARG A CB  1 
ATOM   158 C  CG  . ARG A 1 21 ? -7.945  8.326   -5.599  1.00 44.89  ? 20  ARG A CG  1 
ATOM   159 C  CD  . ARG A 1 21 ? -7.518  8.406   -4.166  1.00 41.03  ? 20  ARG A CD  1 
ATOM   160 N  NE  . ARG A 1 21 ? -8.528  7.819   -3.305  1.00 41.86  ? 20  ARG A NE  1 
ATOM   161 C  CZ  . ARG A 1 21 ? -8.650  8.094   -2.009  1.00 43.99  ? 20  ARG A CZ  1 
ATOM   162 N  NH1 . ARG A 1 21 ? -7.833  8.967   -1.426  1.00 42.05  ? 20  ARG A NH1 1 
ATOM   163 N  NH2 . ARG A 1 21 ? -9.599  7.505   -1.297  1.00 43.31  ? 20  ARG A NH2 1 
ATOM   164 N  N   . GLU A 1 22 ? -5.204  9.789   -8.940  1.00 49.78  ? 21  GLU A N   1 
ATOM   165 C  CA  . GLU A 1 22 ? -4.445  10.884  -9.555  1.00 53.24  ? 21  GLU A CA  1 
ATOM   166 C  C   . GLU A 1 22 ? -3.301  10.346  -10.403 1.00 52.21  ? 21  GLU A C   1 
ATOM   167 O  O   . GLU A 1 22 ? -2.767  9.255   -10.134 1.00 49.13  ? 21  GLU A O   1 
ATOM   168 C  CB  . GLU A 1 22 ? -3.886  11.838  -8.484  1.00 52.87  ? 21  GLU A CB  1 
ATOM   169 C  CG  . GLU A 1 22 ? -4.942  12.473  -7.541  1.00 56.34  ? 21  GLU A CG  1 
ATOM   170 C  CD  . GLU A 1 22 ? -4.409  13.656  -6.715  1.00 57.99  ? 21  GLU A CD  1 
ATOM   171 O  OE1 . GLU A 1 22 ? -5.191  14.607  -6.468  1.00 66.37  ? 21  GLU A OE1 1 
ATOM   172 O  OE2 . GLU A 1 22 ? -3.220  13.643  -6.310  1.00 59.73  ? 21  GLU A OE2 1 
ATOM   173 N  N   . GLY A 1 23 ? -2.925  11.112  -11.426 1.00 54.86  ? 22  GLY A N   1 
ATOM   174 C  CA  . GLY A 1 23 ? -1.820  10.744  -12.312 1.00 55.58  ? 22  GLY A CA  1 
ATOM   175 C  C   . GLY A 1 23 ? -1.964  9.340   -12.885 1.00 54.53  ? 22  GLY A C   1 
ATOM   176 O  O   . GLY A 1 23 ? -3.051  8.940   -13.315 1.00 55.86  ? 22  GLY A O   1 
ATOM   177 N  N   . ASP A 1 24 ? -0.866  8.591   -12.882 1.00 52.89  ? 23  ASP A N   1 
ATOM   178 C  CA  . ASP A 1 24 ? -0.878  7.215   -13.337 1.00 52.95  ? 23  ASP A CA  1 
ATOM   179 C  C   . ASP A 1 24 ? -1.940  6.457   -12.554 1.00 50.90  ? 23  ASP A C   1 
ATOM   180 O  O   . ASP A 1 24 ? -1.907  6.436   -11.333 1.00 47.14  ? 23  ASP A O   1 
ATOM   181 C  CB  . ASP A 1 24 ? 0.490   6.568   -13.104 1.00 51.73  ? 23  ASP A CB  1 
ATOM   182 C  CG  . ASP A 1 24 ? 0.623   5.222   -13.792 1.00 53.86  ? 23  ASP A CG  1 
ATOM   183 O  OD1 . ASP A 1 24 ? -0.364  4.452   -13.823 1.00 53.04  ? 23  ASP A OD1 1 
ATOM   184 O  OD2 . ASP A 1 24 ? 1.722   4.936   -14.313 1.00 57.57  ? 23  ASP A OD2 1 
ATOM   185 N  N   . LYS A 1 25 ? -2.895  5.859   -13.252 1.00 53.16  ? 24  LYS A N   1 
ATOM   186 C  CA  . LYS A 1 25 ? -4.007  5.195   -12.564 1.00 52.00  ? 24  LYS A CA  1 
ATOM   187 C  C   . LYS A 1 25 ? -3.640  3.809   -12.073 1.00 50.21  ? 24  LYS A C   1 
ATOM   188 O  O   . LYS A 1 25 ? -4.447  3.145   -11.416 1.00 49.85  ? 24  LYS A O   1 
ATOM   189 C  CB  . LYS A 1 25 ? -5.245  5.153   -13.462 1.00 56.14  ? 24  LYS A CB  1 
ATOM   190 C  CG  . LYS A 1 25 ? -5.856  6.524   -13.634 1.00 58.21  ? 24  LYS A CG  1 
ATOM   191 C  CD  . LYS A 1 25 ? -7.230  6.481   -14.267 1.00 63.21  ? 24  LYS A CD  1 
ATOM   192 C  CE  . LYS A 1 25 ? -7.803  7.890   -14.341 1.00 65.90  ? 24  LYS A CE  1 
ATOM   193 N  NZ  . LYS A 1 25 ? -7.742  8.550   -12.991 1.00 63.56  ? 24  LYS A NZ  1 
ATOM   194 N  N   . HIS A 1 26 ? -2.409  3.392   -12.361 1.00 49.77  ? 25  HIS A N   1 
ATOM   195 C  CA  . HIS A 1 26 ? -1.929  2.058   -11.976 1.00 48.87  ? 25  HIS A CA  1 
ATOM   196 C  C   . HIS A 1 26 ? -0.795  2.097   -10.959 1.00 45.78  ? 25  HIS A C   1 
ATOM   197 O  O   . HIS A 1 26 ? -0.220  1.061   -10.626 1.00 44.99  ? 25  HIS A O   1 
ATOM   198 C  CB  . HIS A 1 26 ? -1.477  1.284   -13.219 1.00 52.28  ? 25  HIS A CB  1 
ATOM   199 C  CG  . HIS A 1 26 ? -2.582  1.005   -14.190 1.00 55.90  ? 25  HIS A CG  1 
ATOM   200 N  ND1 . HIS A 1 26 ? -3.593  0.104   -13.926 1.00 57.56  ? 25  HIS A ND1 1 
ATOM   201 C  CD2 . HIS A 1 26 ? -2.841  1.512   -15.418 1.00 60.20  ? 25  HIS A CD2 1 
ATOM   202 C  CE1 . HIS A 1 26 ? -4.426  0.068   -14.952 1.00 62.19  ? 25  HIS A CE1 1 
ATOM   203 N  NE2 . HIS A 1 26 ? -3.991  0.913   -15.870 1.00 62.66  ? 25  HIS A NE2 1 
ATOM   204 N  N   . LYS A 1 27 ? -0.461  3.290   -10.477 1.00 44.64  ? 26  LYS A N   1 
ATOM   205 C  CA  . LYS A 1 27 ? 0.579   3.435   -9.457  1.00 42.22  ? 26  LYS A CA  1 
ATOM   206 C  C   . LYS A 1 27 ? 0.104   4.368   -8.347  1.00 40.92  ? 26  LYS A C   1 
ATOM   207 O  O   . LYS A 1 27 ? -0.724  5.256   -8.594  1.00 40.98  ? 26  LYS A O   1 
ATOM   208 C  CB  . LYS A 1 27 ? 1.859   4.022   -10.064 1.00 44.55  ? 26  LYS A CB  1 
ATOM   209 C  CG  . LYS A 1 27 ? 2.583   3.129   -11.075 1.00 46.11  ? 26  LYS A CG  1 
ATOM   210 C  CD  . LYS A 1 27 ? 3.704   3.895   -11.764 1.00 49.09  ? 26  LYS A CD  1 
ATOM   211 N  N   . LEU A 1 28 ? 0.634   4.162   -7.134  1.00 37.54  ? 27  LEU A N   1 
ATOM   212 C  CA  . LEU A 1 28 ? 0.335   5.035   -5.999  1.00 36.71  ? 27  LEU A CA  1 
ATOM   213 C  C   . LEU A 1 28 ? 1.398   6.119   -5.884  1.00 37.32  ? 27  LEU A C   1 
ATOM   214 O  O   . LEU A 1 28 ? 2.577   5.810   -5.661  1.00 38.65  ? 27  LEU A O   1 
ATOM   215 C  CB  . LEU A 1 28 ? 0.298   4.227   -4.689  1.00 34.68  ? 27  LEU A CB  1 
ATOM   216 C  CG  . LEU A 1 28 ? -0.715  3.085   -4.569  1.00 34.65  ? 27  LEU A CG  1 
ATOM   217 C  CD1 . LEU A 1 28 ? -0.350  2.106   -3.429  1.00 35.29  ? 27  LEU A CD1 1 
ATOM   218 C  CD2 . LEU A 1 28 ? -2.088  3.658   -4.386  1.00 33.42  ? 27  LEU A CD2 1 
ATOM   219 N  N   . LYS A 1 29 ? 0.999   7.378   -6.025  1.00 37.75  ? 28  LYS A N   1 
ATOM   220 C  CA  . LYS A 1 29 ? 1.895   8.482   -5.673  1.00 39.80  ? 28  LYS A CA  1 
ATOM   221 C  C   . LYS A 1 29 ? 1.885   8.574   -4.156  1.00 38.32  ? 28  LYS A C   1 
ATOM   222 O  O   . LYS A 1 29 ? 1.113   7.865   -3.497  1.00 36.43  ? 28  LYS A O   1 
ATOM   223 C  CB  . LYS A 1 29 ? 1.452   9.809   -6.326  1.00 42.09  ? 28  LYS A CB  1 
ATOM   224 C  CG  . LYS A 1 29 ? 0.082   10.308  -5.885  1.00 42.43  ? 28  LYS A CG  1 
ATOM   225 C  CD  . LYS A 1 29 ? -0.331  11.589  -6.624  1.00 46.40  ? 28  LYS A CD  1 
ATOM   226 N  N   . LYS A 1 30 ? 2.733   9.428   -3.594  1.00 40.01  ? 29  LYS A N   1 
ATOM   227 C  CA  . LYS A 1 30 ? 2.825   9.566   -2.135  1.00 39.26  ? 29  LYS A CA  1 
ATOM   228 C  C   . LYS A 1 30 ? 1.487   9.839   -1.411  1.00 38.81  ? 29  LYS A C   1 
ATOM   229 O  O   . LYS A 1 30 ? 1.219   9.242   -0.360  1.00 36.41  ? 29  LYS A O   1 
ATOM   230 C  CB  . LYS A 1 30 ? 3.836   10.641  -1.766  1.00 42.09  ? 29  LYS A CB  1 
ATOM   231 C  CG  . LYS A 1 30 ? 5.278   10.235  -1.880  1.00 41.91  ? 29  LYS A CG  1 
ATOM   232 C  CD  . LYS A 1 30 ? 6.147   11.355  -1.309  1.00 43.74  ? 29  LYS A CD  1 
ATOM   233 C  CE  . LYS A 1 30 ? 7.519   11.347  -1.893  1.00 46.30  ? 29  LYS A CE  1 
ATOM   234 N  NZ  . LYS A 1 30 ? 8.367   12.419  -1.293  1.00 48.95  ? 29  LYS A NZ  1 
ATOM   235 N  N   . SER A 1 31 ? 0.677   10.757  -1.941  1.00 39.87  ? 30  SER A N   1 
ATOM   236 C  CA  . SER A 1 31 ? -0.595  11.114  -1.305  1.00 40.71  ? 30  SER A CA  1 
ATOM   237 C  C   . SER A 1 31 ? -1.587  9.955   -1.363  1.00 38.50  ? 30  SER A C   1 
ATOM   238 O  O   . SER A 1 31 ? -2.321  9.727   -0.409  1.00 38.66  ? 30  SER A O   1 
ATOM   239 C  CB  . SER A 1 31 ? -1.211  12.374  -1.932  1.00 43.82  ? 30  SER A CB  1 
ATOM   240 O  OG  . SER A 1 31 ? -1.481  12.143  -3.298  1.00 45.80  ? 30  SER A OG  1 
ATOM   241 N  N   . GLU A 1 32 ? -1.585  9.202   -2.460  1.00 38.21  ? 31  GLU A N   1 
ATOM   242 C  CA  . GLU A 1 32 ? -2.422  7.991   -2.575  1.00 36.34  ? 31  GLU A CA  1 
ATOM   243 C  C   . GLU A 1 32 ? -2.018  6.898   -1.580  1.00 34.93  ? 31  GLU A C   1 
ATOM   244 O  O   . GLU A 1 32 ? -2.885  6.248   -0.966  1.00 34.16  ? 31  GLU A O   1 
ATOM   245 C  CB  . GLU A 1 32 ? -2.392  7.438   -4.010  1.00 36.69  ? 31  GLU A CB  1 
ATOM   246 C  CG  . GLU A 1 32 ? -3.120  8.340   -5.024  1.00 38.57  ? 31  GLU A CG  1 
ATOM   247 C  CD  . GLU A 1 32 ? -2.850  7.977   -6.480  1.00 39.79  ? 31  GLU A CD  1 
ATOM   248 O  OE1 . GLU A 1 32 ? -1.816  7.357   -6.801  1.00 40.65  ? 31  GLU A OE1 1 
ATOM   249 O  OE2 . GLU A 1 32 ? -3.653  8.354   -7.340  1.00 44.94  ? 31  GLU A OE2 1 
ATOM   250 N  N   . LEU A 1 33 ? -0.705  6.680   -1.453  1.00 34.53  ? 32  LEU A N   1 
ATOM   251 C  CA  . LEU A 1 33 ? -0.151  5.686   -0.539  1.00 34.30  ? 32  LEU A CA  1 
ATOM   252 C  C   . LEU A 1 33 ? -0.516  6.079   0.881   1.00 33.51  ? 32  LEU A C   1 
ATOM   253 O  O   . LEU A 1 33 ? -0.960  5.223   1.658   1.00 33.61  ? 32  LEU A O   1 
ATOM   254 C  CB  . LEU A 1 33 ? 1.390   5.665   -0.631  1.00 35.68  ? 32  LEU A CB  1 
ATOM   255 C  CG  . LEU A 1 33 ? 2.242   4.400   -0.491  1.00 37.53  ? 32  LEU A CG  1 
ATOM   256 C  CD1 . LEU A 1 33 ? 3.651   4.734   0.023   1.00 37.24  ? 32  LEU A CD1 1 
ATOM   257 C  CD2 . LEU A 1 33 ? 1.601   3.198   0.246   1.00 36.30  ? 32  LEU A CD2 1 
ATOM   258 N  N   . LYS A 1 34 ? -0.340  7.362   1.216   1.00 35.05  ? 33  LYS A N   1 
ATOM   259 C  CA  . LYS A 1 34 ? -0.602  7.853   2.572   1.00 36.17  ? 33  LYS A CA  1 
ATOM   260 C  C   . LYS A 1 34 ? -2.077  7.605   2.957   1.00 35.54  ? 33  LYS A C   1 
ATOM   261 O  O   . LYS A 1 34 ? -2.354  7.097   4.043   1.00 35.16  ? 33  LYS A O   1 
ATOM   262 C  CB  . LYS A 1 34 ? -0.240  9.341   2.715   1.00 38.40  ? 33  LYS A CB  1 
ATOM   263 C  CG  . LYS A 1 34 ? -0.401  9.872   4.129   1.00 40.70  ? 33  LYS A CG  1 
ATOM   264 C  CD  . LYS A 1 34 ? -0.226  11.390  4.195   1.00 45.73  ? 33  LYS A CD  1 
ATOM   265 C  CE  . LYS A 1 34 ? -1.437  12.130  3.624   1.00 51.84  ? 33  LYS A CE  1 
ATOM   266 N  NZ  . LYS A 1 34 ? -1.477  13.544  4.110   1.00 58.59  ? 33  LYS A NZ  1 
ATOM   267 N  N   . GLU A 1 35 ? -2.998  7.932   2.046   1.00 35.91  ? 34  GLU A N   1 
ATOM   268 C  CA  . GLU A 1 35 ? -4.430  7.755   2.286   1.00 36.17  ? 34  GLU A CA  1 
ATOM   269 C  C   . GLU A 1 35 ? -4.784  6.279   2.441   1.00 35.61  ? 34  GLU A C   1 
ATOM   270 O  O   . GLU A 1 35 ? -5.562  5.909   3.348   1.00 36.19  ? 34  GLU A O   1 
ATOM   271 C  CB  . GLU A 1 35 ? -5.283  8.434   1.198   1.00 38.05  ? 34  GLU A CB  1 
ATOM   272 C  CG  . GLU A 1 35 ? -5.043  9.961   1.025   1.00 40.01  ? 34  GLU A CG  1 
ATOM   273 C  CD  . GLU A 1 35 ? -5.380  10.806  2.274   1.00 44.54  ? 34  GLU A CD  1 
ATOM   274 O  OE1 . GLU A 1 35 ? -5.725  10.242  3.342   1.00 43.45  ? 34  GLU A OE1 1 
ATOM   275 O  OE2 . GLU A 1 35 ? -5.283  12.058  2.197   1.00 46.13  ? 34  GLU A OE2 1 
ATOM   276 N  N   . LEU A 1 36 ? -4.218  5.429   1.572   1.00 34.81  ? 35  LEU A N   1 
ATOM   277 C  CA  . LEU A 1 36 ? -4.407  3.976   1.691   1.00 33.61  ? 35  LEU A CA  1 
ATOM   278 C  C   . LEU A 1 36 ? -4.028  3.473   3.105   1.00 33.14  ? 35  LEU A C   1 
ATOM   279 O  O   . LEU A 1 36 ? -4.818  2.782   3.767   1.00 33.75  ? 35  LEU A O   1 
ATOM   280 C  CB  . LEU A 1 36 ? -3.636  3.218   0.613   1.00 33.12  ? 35  LEU A CB  1 
ATOM   281 C  CG  . LEU A 1 36 ? -3.930  1.721   0.507   1.00 33.49  ? 35  LEU A CG  1 
ATOM   282 C  CD1 . LEU A 1 36 ? -3.691  1.236   -0.949  1.00 34.14  ? 35  LEU A CD1 1 
ATOM   283 C  CD2 . LEU A 1 36 ? -3.079  0.913   1.507   1.00 34.86  ? 35  LEU A CD2 1 
ATOM   284 N  N   . ILE A 1 37 ? -2.837  3.839   3.565   1.00 31.88  ? 36  ILE A N   1 
ATOM   285 C  CA  . ILE A 1 37 ? -2.359  3.416   4.881   1.00 32.80  ? 36  ILE A CA  1 
ATOM   286 C  C   . ILE A 1 37 ? -3.253  3.962   5.983   1.00 33.79  ? 36  ILE A C   1 
ATOM   287 O  O   . ILE A 1 37 ? -3.688  3.215   6.851   1.00 35.54  ? 36  ILE A O   1 
ATOM   288 C  CB  . ILE A 1 37 ? -0.880  3.815   5.106   1.00 33.64  ? 36  ILE A CB  1 
ATOM   289 C  CG1 . ILE A 1 37 ? 0.006   3.045   4.100   1.00 33.38  ? 36  ILE A CG1 1 
ATOM   290 C  CG2 . ILE A 1 37 ? -0.435  3.525   6.554   1.00 35.94  ? 36  ILE A CG2 1 
ATOM   291 C  CD1 . ILE A 1 37 ? 1.459   3.508   4.030   1.00 33.90  ? 36  ILE A CD1 1 
ATOM   292 N  N   . ASN A 1 38 ? -3.529  5.256   5.934   1.00 33.79  ? 37  ASN A N   1 
ATOM   293 C  CA  . ASN A 1 38 ? -4.328  5.909   6.974   1.00 36.71  ? 37  ASN A CA  1 
ATOM   294 C  C   . ASN A 1 38 ? -5.773  5.397   7.089   1.00 37.40  ? 37  ASN A C   1 
ATOM   295 O  O   . ASN A 1 38 ? -6.321  5.285   8.198   1.00 39.85  ? 37  ASN A O   1 
ATOM   296 C  CB  . ASN A 1 38 ? -4.300  7.426   6.767   1.00 37.16  ? 37  ASN A CB  1 
ATOM   297 C  CG  . ASN A 1 38 ? -2.978  8.064   7.187   1.00 38.37  ? 37  ASN A CG  1 
ATOM   298 O  OD1 . ASN A 1 38 ? -2.787  9.283   7.030   1.00 41.36  ? 37  ASN A OD1 1 
ATOM   299 N  ND2 . ASN A 1 38 ? -2.073  7.265   7.747   1.00 32.17  ? 37  ASN A ND2 1 
ATOM   300 N  N   . ASN A 1 39 ? -6.402  5.146   5.939   1.00 36.93  ? 38  ASN A N   1 
ATOM   301 C  CA  . ASN A 1 39 ? -7.814  4.748   5.892   1.00 38.54  ? 38  ASN A CA  1 
ATOM   302 C  C   . ASN A 1 39 ? -8.032  3.249   6.012   1.00 38.71  ? 38  ASN A C   1 
ATOM   303 O  O   . ASN A 1 39 ? -9.019  2.813   6.605   1.00 40.55  ? 38  ASN A O   1 
ATOM   304 C  CB  . ASN A 1 39 ? -8.465  5.154   4.568   1.00 39.20  ? 38  ASN A CB  1 
ATOM   305 C  CG  . ASN A 1 39 ? -8.545  6.642   4.370   1.00 39.10  ? 38  ASN A CG  1 
ATOM   306 O  OD1 . ASN A 1 39 ? -8.592  7.422   5.328   1.00 41.23  ? 38  ASN A OD1 1 
ATOM   307 N  ND2 . ASN A 1 39 ? -8.613  7.049   3.104   1.00 41.04  ? 38  ASN A ND2 1 
ATOM   308 N  N   . GLU A 1 40 ? -7.127  2.479   5.416   1.00 38.10  ? 39  GLU A N   1 
ATOM   309 C  CA  . GLU A 1 40 ? -7.333  1.032   5.244   1.00 38.56  ? 39  GLU A CA  1 
ATOM   310 C  C   . GLU A 1 40 ? -6.452  0.143   6.126   1.00 38.83  ? 39  GLU A C   1 
ATOM   311 O  O   . GLU A 1 40 ? -6.693  -1.072  6.220   1.00 40.18  ? 39  GLU A O   1 
ATOM   312 C  CB  . GLU A 1 40 ? -7.164  0.626   3.776   1.00 38.56  ? 39  GLU A CB  1 
ATOM   313 C  CG  . GLU A 1 40 ? -7.917  1.502   2.731   1.00 39.54  ? 39  GLU A CG  1 
ATOM   314 C  CD  . GLU A 1 40 ? -9.404  1.662   2.978   1.00 40.98  ? 39  GLU A CD  1 
ATOM   315 O  OE1 . GLU A 1 40 ? -10.040 0.755   3.561   1.00 41.74  ? 39  GLU A OE1 1 
ATOM   316 O  OE2 . GLU A 1 40 ? -9.948  2.705   2.558   1.00 39.82  ? 39  GLU A OE2 1 
ATOM   317 N  N   . LEU A 1 41 ? -5.430  0.717   6.755   1.00 37.78  ? 40  LEU A N   1 
ATOM   318 C  CA  . LEU A 1 41 ? -4.520  -0.086  7.606   1.00 37.84  ? 40  LEU A CA  1 
ATOM   319 C  C   . LEU A 1 41 ? -4.411  0.415   9.046   1.00 39.38  ? 40  LEU A C   1 
ATOM   320 O  O   . LEU A 1 41 ? -3.406  0.180   9.729   1.00 39.64  ? 40  LEU A O   1 
ATOM   321 C  CB  . LEU A 1 41 ? -3.130  -0.227  6.958   1.00 36.94  ? 40  LEU A CB  1 
ATOM   322 C  CG  . LEU A 1 41 ? -3.075  -1.075  5.677   1.00 35.05  ? 40  LEU A CG  1 
ATOM   323 C  CD1 . LEU A 1 41 ? -1.779  -0.873  4.872   1.00 34.68  ? 40  LEU A CD1 1 
ATOM   324 C  CD2 . LEU A 1 41 ? -3.284  -2.573  5.954   1.00 37.32  ? 40  LEU A CD2 1 
ATOM   325 N  N   . SER A 1 42 ? -5.474  1.069   9.512   1.00 43.54  ? 41  SER A N   1 
ATOM   326 C  CA  . SER A 1 42 ? -5.462  1.722   10.818  1.00 44.53  ? 41  SER A CA  1 
ATOM   327 C  C   . SER A 1 42 ? -5.290  0.776   12.025  1.00 46.55  ? 41  SER A C   1 
ATOM   328 O  O   . SER A 1 42 ? -4.865  1.219   13.089  1.00 47.72  ? 41  SER A O   1 
ATOM   329 C  CB  . SER A 1 42 ? -6.712  2.596   10.995  1.00 45.89  ? 41  SER A CB  1 
ATOM   330 O  OG  . SER A 1 42 ? -7.878  1.795   10.971  1.00 46.73  ? 41  SER A OG  1 
ATOM   331 N  N   . HIS A 1 43 ? -5.608  -0.512  11.861  1.00 48.02  ? 42  HIS A N   1 
ATOM   332 C  CA  . HIS A 1 43 ? -5.394  -1.503  12.935  1.00 50.57  ? 42  HIS A CA  1 
ATOM   333 C  C   . HIS A 1 43 ? -3.962  -2.053  12.994  1.00 49.79  ? 42  HIS A C   1 
ATOM   334 O  O   . HIS A 1 43 ? -3.559  -2.649  14.003  1.00 52.53  ? 42  HIS A O   1 
ATOM   335 C  CB  . HIS A 1 43 ? -6.389  -2.667  12.822  1.00 53.01  ? 42  HIS A CB  1 
ATOM   336 C  CG  . HIS A 1 43 ? -7.809  -2.270  13.068  1.00 55.46  ? 42  HIS A CG  1 
ATOM   337 N  ND1 . HIS A 1 43 ? -8.643  -1.824  12.066  1.00 55.37  ? 42  HIS A ND1 1 
ATOM   338 C  CD2 . HIS A 1 43 ? -8.539  -2.240  14.207  1.00 59.94  ? 42  HIS A CD2 1 
ATOM   339 C  CE1 . HIS A 1 43 ? -9.825  -1.532  12.576  1.00 58.00  ? 42  HIS A CE1 1 
ATOM   340 N  NE2 . HIS A 1 43 ? -9.790  -1.781  13.873  1.00 61.67  ? 42  HIS A NE2 1 
ATOM   341 N  N   . PHE A 1 44 ? -3.217  -1.867  11.913  1.00 47.23  ? 43  PHE A N   1 
ATOM   342 C  CA  . PHE A 1 44 ? -1.900  -2.499  11.718  1.00 47.00  ? 43  PHE A CA  1 
ATOM   343 C  C   . PHE A 1 44 ? -0.734  -1.523  11.816  1.00 45.28  ? 43  PHE A C   1 
ATOM   344 O  O   . PHE A 1 44 ? 0.355   -1.879  12.292  1.00 45.72  ? 43  PHE A O   1 
ATOM   345 C  CB  . PHE A 1 44 ? -1.853  -3.221  10.351  1.00 45.92  ? 43  PHE A CB  1 
ATOM   346 C  CG  . PHE A 1 44 ? -2.741  -4.444  10.274  1.00 49.44  ? 43  PHE A CG  1 
ATOM   347 C  CD1 . PHE A 1 44 ? -3.184  -5.076  11.431  1.00 54.10  ? 43  PHE A CD1 1 
ATOM   348 C  CD2 . PHE A 1 44 ? -3.115  -4.973  9.060   1.00 49.84  ? 43  PHE A CD2 1 
ATOM   349 C  CE1 . PHE A 1 44 ? -3.996  -6.210  11.363  1.00 58.25  ? 43  PHE A CE1 1 
ATOM   350 C  CE2 . PHE A 1 44 ? -3.921  -6.107  8.994   1.00 53.11  ? 43  PHE A CE2 1 
ATOM   351 C  CZ  . PHE A 1 44 ? -4.356  -6.720  10.134  1.00 55.86  ? 43  PHE A CZ  1 
ATOM   352 N  N   . LEU A 1 45 ? -0.977  -0.296  11.358  1.00 43.51  ? 44  LEU A N   1 
ATOM   353 C  CA  . LEU A 1 45 ? 0.052   0.718   11.222  1.00 42.54  ? 44  LEU A CA  1 
ATOM   354 C  C   . LEU A 1 45 ? -0.434  2.022   11.828  1.00 42.79  ? 44  LEU A C   1 
ATOM   355 O  O   . LEU A 1 45 ? -1.582  2.429   11.599  1.00 41.96  ? 44  LEU A O   1 
ATOM   356 C  CB  . LEU A 1 45 ? 0.389   0.954   9.734   1.00 39.66  ? 44  LEU A CB  1 
ATOM   357 C  CG  . LEU A 1 45 ? 0.943   -0.220  8.895   1.00 42.63  ? 44  LEU A CG  1 
ATOM   358 C  CD1 . LEU A 1 45 ? 1.239   0.184   7.451   1.00 38.72  ? 44  LEU A CD1 1 
ATOM   359 C  CD2 . LEU A 1 45 ? 2.184   -0.859  9.556   1.00 45.49  ? 44  LEU A CD2 1 
ATOM   360 N  N   . GLU A 1 46 ? 0.453   2.677   12.577  1.00 44.07  ? 45  GLU A N   1 
ATOM   361 C  CA  . GLU A 1 46 ? 0.199   4.024   13.109  1.00 44.60  ? 45  GLU A CA  1 
ATOM   362 C  C   . GLU A 1 46 ? -0.127  4.989   11.982  1.00 42.40  ? 45  GLU A C   1 
ATOM   363 O  O   . GLU A 1 46 ? 0.519   4.967   10.916  1.00 41.15  ? 45  GLU A O   1 
ATOM   364 C  CB  . GLU A 1 46 ? 1.421   4.562   13.867  1.00 46.36  ? 45  GLU A CB  1 
ATOM   365 C  CG  . GLU A 1 46 ? 1.340   4.431   15.385  1.00 51.16  ? 45  GLU A CG  1 
ATOM   366 N  N   . GLU A 1 47 ? -1.117  5.839   12.220  1.00 42.32  ? 46  GLU A N   1 
ATOM   367 C  CA  . GLU A 1 47 ? -1.506  6.858   11.255  1.00 40.96  ? 46  GLU A CA  1 
ATOM   368 C  C   . GLU A 1 47 ? -0.292  7.694   10.826  1.00 39.85  ? 46  GLU A C   1 
ATOM   369 O  O   . GLU A 1 47 ? 0.532   8.062   11.663  1.00 40.40  ? 46  GLU A O   1 
ATOM   370 C  CB  . GLU A 1 47 ? -2.597  7.773   11.849  1.00 43.25  ? 46  GLU A CB  1 
ATOM   371 C  CG  . GLU A 1 47 ? -3.203  8.729   10.801  1.00 43.32  ? 46  GLU A CG  1 
ATOM   372 C  CD  . GLU A 1 47 ? -4.128  9.788   11.377  1.00 46.44  ? 46  GLU A CD  1 
ATOM   373 O  OE1 . GLU A 1 47 ? -4.631  9.598   12.497  1.00 50.98  ? 46  GLU A OE1 1 
ATOM   374 O  OE2 . GLU A 1 47 ? -4.347  10.825  10.708  1.00 48.94  ? 46  GLU A OE2 1 
ATOM   375 N  N   . ILE A 1 48 ? -0.172  7.961   9.525   1.00 37.24  ? 47  ILE A N   1 
ATOM   376 C  CA  . ILE A 1 48 ? 0.893   8.831   9.030   1.00 37.58  ? 47  ILE A CA  1 
ATOM   377 C  C   . ILE A 1 48 ? 0.491   10.301  9.087   1.00 38.67  ? 47  ILE A C   1 
ATOM   378 O  O   . ILE A 1 48 ? -0.490  10.711  8.461   1.00 38.48  ? 47  ILE A O   1 
ATOM   379 C  CB  . ILE A 1 48 ? 1.359   8.455   7.604   1.00 36.05  ? 47  ILE A CB  1 
ATOM   380 C  CG1 . ILE A 1 48 ? 1.776   6.985   7.541   1.00 35.60  ? 47  ILE A CG1 1 
ATOM   381 C  CG2 . ILE A 1 48 ? 2.524   9.331   7.218   1.00 37.53  ? 47  ILE A CG2 1 
ATOM   382 C  CD1 . ILE A 1 48 ? 2.045   6.460   6.089   1.00 35.15  ? 47  ILE A CD1 1 
ATOM   383 N  N   . LYS A 1 49 ? 1.247   11.081  9.857   1.00 39.82  ? 48  LYS A N   1 
ATOM   384 C  CA  . LYS A 1 49 ? 0.989   12.513  9.976   1.00 43.11  ? 48  LYS A CA  1 
ATOM   385 C  C   . LYS A 1 49 ? 2.163   13.399  9.544   1.00 44.06  ? 48  LYS A C   1 
ATOM   386 O  O   . LYS A 1 49 ? 1.988   14.603  9.336   1.00 46.93  ? 48  LYS A O   1 
ATOM   387 C  CB  . LYS A 1 49 ? 0.574   12.869  11.416  1.00 45.36  ? 48  LYS A CB  1 
ATOM   388 C  CG  . LYS A 1 49 ? -0.783  12.347  11.829  1.00 45.40  ? 48  LYS A CG  1 
ATOM   389 C  CD  . LYS A 1 49 ? -1.019  12.571  13.324  1.00 51.19  ? 48  LYS A CD  1 
ATOM   390 C  CE  . LYS A 1 49 ? -2.492  12.397  13.692  1.00 54.78  ? 48  LYS A CE  1 
ATOM   391 N  NZ  . LYS A 1 49 ? -2.689  12.249  15.164  1.00 60.35  ? 48  LYS A NZ  1 
ATOM   392 N  N   . GLU A 1 50 ? 3.358   12.833  9.440   1.00 43.32  ? 49  GLU A N   1 
ATOM   393 C  CA  . GLU A 1 50 ? 4.535   13.651  9.132   1.00 44.90  ? 49  GLU A CA  1 
ATOM   394 C  C   . GLU A 1 50 ? 5.036   13.314  7.728   1.00 42.52  ? 49  GLU A C   1 
ATOM   395 O  O   . GLU A 1 50 ? 5.024   12.157  7.329   1.00 40.10  ? 49  GLU A O   1 
ATOM   396 C  CB  . GLU A 1 50 ? 5.664   13.415  10.147  1.00 46.90  ? 49  GLU A CB  1 
ATOM   397 C  CG  . GLU A 1 50 ? 5.390   13.797  11.616  1.00 52.24  ? 49  GLU A CG  1 
ATOM   398 C  CD  . GLU A 1 50 ? 5.064   15.273  11.859  1.00 59.48  ? 49  GLU A CD  1 
ATOM   399 O  OE1 . GLU A 1 50 ? 5.729   16.182  11.297  1.00 62.95  ? 49  GLU A OE1 1 
ATOM   400 O  OE2 . GLU A 1 50 ? 4.143   15.526  12.664  1.00 63.10  ? 49  GLU A OE2 1 
ATOM   401 N  N   . GLN A 1 51 ? 5.491   14.331  7.000   1.00 42.99  ? 50  GLN A N   1 
ATOM   402 C  CA  . GLN A 1 51 ? 6.025   14.155  5.650   1.00 42.21  ? 50  GLN A CA  1 
ATOM   403 C  C   . GLN A 1 51 ? 7.213   13.187  5.612   1.00 40.81  ? 50  GLN A C   1 
ATOM   404 O  O   . GLN A 1 51 ? 7.353   12.407  4.679   1.00 39.83  ? 50  GLN A O   1 
ATOM   405 C  CB  . GLN A 1 51 ? 6.456   15.510  5.076   1.00 44.67  ? 50  GLN A CB  1 
ATOM   406 C  CG  . GLN A 1 51 ? 6.839   15.460  3.615   1.00 45.71  ? 50  GLN A CG  1 
ATOM   407 C  CD  . GLN A 1 51 ? 5.660   15.131  2.720   1.00 45.59  ? 50  GLN A CD  1 
ATOM   408 O  OE1 . GLN A 1 51 ? 4.676   15.855  2.701   1.00 50.67  ? 50  GLN A OE1 1 
ATOM   409 N  NE2 . GLN A 1 51 ? 5.767   14.059  1.954   1.00 41.69  ? 50  GLN A NE2 1 
ATOM   410 N  N   . GLU A 1 52 ? 8.089   13.245  6.604   1.00 42.54  ? 51  GLU A N   1 
ATOM   411 C  CA  . GLU A 1 52 ? 9.257   12.369  6.562   1.00 42.67  ? 51  GLU A CA  1 
ATOM   412 C  C   . GLU A 1 52 ? 8.901   10.891  6.647   1.00 40.53  ? 51  GLU A C   1 
ATOM   413 O  O   . GLU A 1 52 ? 9.651   10.048  6.144   1.00 40.02  ? 51  GLU A O   1 
ATOM   414 C  CB  . GLU A 1 52 ? 10.313  12.764  7.591   1.00 46.73  ? 51  GLU A CB  1 
ATOM   415 C  CG  . GLU A 1 52 ? 9.916   12.686  9.037   1.00 50.06  ? 51  GLU A CG  1 
ATOM   416 C  CD  . GLU A 1 52 ? 11.112  12.999  9.903   1.00 56.77  ? 51  GLU A CD  1 
ATOM   417 O  OE1 . GLU A 1 52 ? 11.181  14.117  10.442  1.00 59.97  ? 51  GLU A OE1 1 
ATOM   418 O  OE2 . GLU A 1 52 ? 12.024  12.146  9.974   1.00 60.01  ? 51  GLU A OE2 1 
ATOM   419 N  N   . VAL A 1 53 ? 7.743   10.592  7.248   1.00 38.95  ? 52  VAL A N   1 
ATOM   420 C  CA  . VAL A 1 53 ? 7.258   9.215   7.352   1.00 37.90  ? 52  VAL A CA  1 
ATOM   421 C  C   . VAL A 1 53 ? 6.703   8.774   6.009   1.00 36.88  ? 52  VAL A C   1 
ATOM   422 O  O   . VAL A 1 53 ? 7.063   7.694   5.539   1.00 36.00  ? 52  VAL A O   1 
ATOM   423 C  CB  . VAL A 1 53 ? 6.245   8.997   8.529   1.00 37.50  ? 52  VAL A CB  1 
ATOM   424 C  CG1 . VAL A 1 53 ? 5.684   7.561   8.511   1.00 35.23  ? 52  VAL A CG1 1 
ATOM   425 C  CG2 . VAL A 1 53 ? 6.927   9.274   9.865   1.00 40.18  ? 52  VAL A CG2 1 
ATOM   426 N  N   . VAL A 1 54 ? 5.901   9.631   5.360   1.00 37.11  ? 53  VAL A N   1 
ATOM   427 C  CA  . VAL A 1 54 ? 5.466   9.396   3.961   1.00 37.55  ? 53  VAL A CA  1 
ATOM   428 C  C   . VAL A 1 54 ? 6.675   9.063   3.067   1.00 37.44  ? 53  VAL A C   1 
ATOM   429 O  O   . VAL A 1 54 ? 6.696   8.064   2.349   1.00 36.73  ? 53  VAL A O   1 
ATOM   430 C  CB  . VAL A 1 54 ? 4.755   10.668  3.364   1.00 38.73  ? 53  VAL A CB  1 
ATOM   431 C  CG1 . VAL A 1 54 ? 4.379   10.469  1.883   1.00 41.69  ? 53  VAL A CG1 1 
ATOM   432 C  CG2 . VAL A 1 54 ? 3.525   11.032  4.169   1.00 40.67  ? 53  VAL A CG2 1 
ATOM   433 N  N   . ASP A 1 55 ? 7.660   9.955   3.115   1.00 38.53  ? 54  ASP A N   1 
ATOM   434 C  CA  . ASP A 1 55 ? 8.853   9.887   2.296   1.00 39.09  ? 54  ASP A CA  1 
ATOM   435 C  C   . ASP A 1 55 ? 9.599   8.573   2.521   1.00 39.43  ? 54  ASP A C   1 
ATOM   436 O  O   . ASP A 1 55 ? 9.953   7.877   1.555   1.00 39.49  ? 54  ASP A O   1 
ATOM   437 C  CB  . ASP A 1 55 ? 9.753   11.082  2.618   1.00 40.78  ? 54  ASP A CB  1 
ATOM   438 C  CG  . ASP A 1 55 ? 9.176   12.402  2.131   1.00 40.87  ? 54  ASP A CG  1 
ATOM   439 O  OD1 . ASP A 1 55 ? 8.134   12.409  1.427   1.00 38.31  ? 54  ASP A OD1 1 
ATOM   440 O  OD2 . ASP A 1 55 ? 9.772   13.445  2.457   1.00 42.28  ? 54  ASP A OD2 1 
ATOM   441 N  N   . LYS A 1 56 ? 9.804   8.217   3.790   1.00 39.91  ? 55  LYS A N   1 
ATOM   442 C  CA  . LYS A 1 56 ? 10.509  6.987   4.133   1.00 41.66  ? 55  LYS A CA  1 
ATOM   443 C  C   . LYS A 1 56 ? 9.760   5.739   3.649   1.00 40.17  ? 55  LYS A C   1 
ATOM   444 O  O   . LYS A 1 56 ? 10.386  4.817   3.116   1.00 41.21  ? 55  LYS A O   1 
ATOM   445 C  CB  . LYS A 1 56 ? 10.767  6.900   5.639   1.00 43.43  ? 55  LYS A CB  1 
ATOM   446 C  CG  . LYS A 1 56 ? 11.805  5.858   6.025   1.00 48.79  ? 55  LYS A CG  1 
ATOM   447 C  CD  . LYS A 1 56 ? 13.222  6.424   5.872   1.00 54.30  ? 55  LYS A CD  1 
ATOM   448 C  CE  . LYS A 1 56 ? 14.230  5.375   5.464   1.00 57.59  ? 55  LYS A CE  1 
ATOM   449 N  NZ  . LYS A 1 56 ? 15.595  5.997   5.321   1.00 62.02  ? 55  LYS A NZ  1 
ATOM   450 N  N   . VAL A 1 57 ? 8.440   5.701   3.847   1.00 38.35  ? 56  VAL A N   1 
ATOM   451 C  CA  . VAL A 1 57 ? 7.656   4.526   3.449   1.00 38.03  ? 56  VAL A CA  1 
ATOM   452 C  C   . VAL A 1 57 ? 7.792   4.351   1.955   1.00 37.75  ? 56  VAL A C   1 
ATOM   453 O  O   . VAL A 1 57 ? 8.152   3.272   1.513   1.00 38.36  ? 56  VAL A O   1 
ATOM   454 C  CB  . VAL A 1 57 ? 6.185   4.618   3.866   1.00 36.91  ? 56  VAL A CB  1 
ATOM   455 C  CG1 . VAL A 1 57 ? 5.349   3.483   3.228   1.00 36.79  ? 56  VAL A CG1 1 
ATOM   456 C  CG2 . VAL A 1 57 ? 6.089   4.546   5.383   1.00 38.45  ? 56  VAL A CG2 1 
ATOM   457 N  N   . MET A 1 58 ? 7.551   5.423   1.191   1.00 37.02  ? 57  MET A N   1 
ATOM   458 C  CA  . MET A 1 58 ? 7.736   5.371   -0.272  1.00 37.71  ? 57  MET A CA  1 
ATOM   459 C  C   . MET A 1 58 ? 9.129   4.929   -0.648  1.00 39.74  ? 57  MET A C   1 
ATOM   460 O  O   . MET A 1 58 ? 9.281   4.094   -1.526  1.00 39.56  ? 57  MET A O   1 
ATOM   461 C  CB  . MET A 1 58 ? 7.415   6.709   -0.954  1.00 38.22  ? 57  MET A CB  1 
ATOM   462 C  CG  . MET A 1 58 ? 7.471   6.632   -2.492  1.00 40.28  ? 57  MET A CG  1 
ATOM   463 S  SD  . MET A 1 58 ? 6.265   5.469   -3.219  1.00 40.13  ? 57  MET A SD  1 
ATOM   464 C  CE  . MET A 1 58 ? 4.751   6.459   -3.204  1.00 37.76  ? 57  MET A CE  1 
ATOM   465 N  N   . GLU A 1 59 ? 10.145  5.475   0.023   1.00 40.62  ? 58  GLU A N   1 
ATOM   466 C  CA  . GLU A 1 59 ? 11.534  5.110   -0.270  1.00 44.57  ? 58  GLU A CA  1 
ATOM   467 C  C   . GLU A 1 59 ? 11.729  3.598   -0.107  1.00 44.83  ? 58  GLU A C   1 
ATOM   468 O  O   . GLU A 1 59 ? 12.375  2.947   -0.922  1.00 46.73  ? 58  GLU A O   1 
ATOM   469 C  CB  . GLU A 1 59 ? 12.485  5.919   0.621   1.00 46.14  ? 58  GLU A CB  1 
ATOM   470 C  CG  . GLU A 1 59 ? 13.958  5.571   0.499   1.00 51.35  ? 58  GLU A CG  1 
ATOM   471 C  CD  . GLU A 1 59 ? 14.830  6.326   1.506   1.00 54.10  ? 58  GLU A CD  1 
ATOM   472 O  OE1 . GLU A 1 59 ? 15.626  5.672   2.222   1.00 59.97  ? 58  GLU A OE1 1 
ATOM   473 O  OE2 . GLU A 1 59 ? 14.733  7.570   1.582   1.00 57.25  ? 58  GLU A OE2 1 
ATOM   474 N  N   . THR A 1 60 ? 11.112  3.045   0.928   1.00 43.54  ? 59  THR A N   1 
ATOM   475 C  CA  . THR A 1 60 ? 11.215  1.616   1.213   1.00 45.56  ? 59  THR A CA  1 
ATOM   476 C  C   . THR A 1 60 ? 10.498  0.755   0.155   1.00 44.89  ? 59  THR A C   1 
ATOM   477 O  O   . THR A 1 60 ? 11.037  -0.284  -0.276  1.00 47.15  ? 59  THR A O   1 
ATOM   478 C  CB  . THR A 1 60 ? 10.706  1.321   2.641   1.00 45.39  ? 59  THR A CB  1 
ATOM   479 O  OG1 . THR A 1 60 ? 11.468  2.112   3.569   1.00 48.65  ? 59  THR A OG1 1 
ATOM   480 C  CG2 . THR A 1 60 ? 10.855  -0.142  2.985   1.00 46.95  ? 59  THR A CG2 1 
ATOM   481 N  N   . LEU A 1 61 ? 9.314   1.191   -0.279  1.00 42.32  ? 60  LEU A N   1 
ATOM   482 C  CA  . LEU A 1 61 ? 8.464   0.373   -1.161  1.00 42.53  ? 60  LEU A CA  1 
ATOM   483 C  C   . LEU A 1 61 ? 8.790   0.508   -2.640  1.00 43.85  ? 60  LEU A C   1 
ATOM   484 O  O   . LEU A 1 61 ? 8.463   -0.380  -3.436  1.00 44.76  ? 60  LEU A O   1 
ATOM   485 C  CB  . LEU A 1 61 ? 6.986   0.727   -0.953  1.00 39.84  ? 60  LEU A CB  1 
ATOM   486 C  CG  . LEU A 1 61 ? 6.433   0.508   0.452   1.00 39.78  ? 60  LEU A CG  1 
ATOM   487 C  CD1 . LEU A 1 61 ? 4.932   0.735   0.411   1.00 39.96  ? 60  LEU A CD1 1 
ATOM   488 C  CD2 . LEU A 1 61 ? 6.790   -0.888  0.996   1.00 42.59  ? 60  LEU A CD2 1 
ATOM   489 N  N   . ASP A 1 62 ? 9.417   1.620   -3.012  1.00 43.54  ? 61  ASP A N   1 
ATOM   490 C  CA  . ASP A 1 62 ? 9.660   1.919   -4.423  1.00 45.58  ? 61  ASP A CA  1 
ATOM   491 C  C   . ASP A 1 62 ? 10.957  1.296   -4.976  1.00 48.92  ? 61  ASP A C   1 
ATOM   492 O  O   . ASP A 1 62 ? 11.942  1.999   -5.231  1.00 50.43  ? 61  ASP A O   1 
ATOM   493 C  CB  . ASP A 1 62 ? 9.615   3.441   -4.657  1.00 44.74  ? 61  ASP A CB  1 
ATOM   494 C  CG  . ASP A 1 62 ? 9.960   3.819   -6.079  1.00 47.56  ? 61  ASP A CG  1 
ATOM   495 O  OD1 . ASP A 1 62 ? 9.617   3.037   -6.999  1.00 50.60  ? 61  ASP A OD1 1 
ATOM   496 O  OD2 . ASP A 1 62 ? 10.578  4.888   -6.270  1.00 51.05  ? 61  ASP A OD2 1 
ATOM   497 N  N   . SER A 1 63 ? 10.931  -0.021  -5.181  1.00 50.47  ? 62  SER A N   1 
ATOM   498 C  CA  . SER A 1 63 ? 12.088  -0.811  -5.654  1.00 54.55  ? 62  SER A CA  1 
ATOM   499 C  C   . SER A 1 63 ? 12.663  -0.434  -7.016  1.00 57.21  ? 62  SER A C   1 
ATOM   500 O  O   . SER A 1 63 ? 13.886  -0.542  -7.229  1.00 60.73  ? 62  SER A O   1 
ATOM   501 C  CB  . SER A 1 63 ? 11.725  -2.299  -5.702  1.00 55.97  ? 62  SER A CB  1 
ATOM   502 O  OG  . SER A 1 63 ? 11.145  -2.692  -4.488  1.00 55.89  ? 62  SER A OG  1 
ATOM   503 N  N   . ASP A 1 64 ? 11.807  -0.056  -7.964  1.00 56.80  ? 63  ASP A N   1 
ATOM   504 C  CA  . ASP A 1 64 ? 12.311  0.259   -9.312  1.00 60.52  ? 63  ASP A CA  1 
ATOM   505 C  C   . ASP A 1 64 ? 12.665  1.746   -9.459  1.00 59.47  ? 63  ASP A C   1 
ATOM   506 O  O   . ASP A 1 64 ? 13.010  2.192   -10.543 1.00 62.76  ? 63  ASP A O   1 
ATOM   507 C  CB  . ASP A 1 64 ? 11.351  -0.221  -10.422 1.00 61.78  ? 63  ASP A CB  1 
ATOM   508 C  CG  . ASP A 1 64 ? 9.980   0.433   -10.348 1.00 59.69  ? 63  ASP A CG  1 
ATOM   509 O  OD1 . ASP A 1 64 ? 9.840   1.477   -9.682  1.00 53.18  ? 63  ASP A OD1 1 
ATOM   510 O  OD2 . ASP A 1 64 ? 9.030   -0.100  -10.960 1.00 63.55  ? 63  ASP A OD2 1 
ATOM   511 N  N   . GLY A 1 65 ? 12.563  2.497   -8.363  1.00 59.92  ? 64  GLY A N   1 
ATOM   512 C  CA  . GLY A 1 65 ? 13.030  3.881   -8.296  1.00 61.20  ? 64  GLY A CA  1 
ATOM   513 C  C   . GLY A 1 65 ? 12.352  4.922   -9.177  1.00 61.11  ? 64  GLY A C   1 
ATOM   514 O  O   . GLY A 1 65 ? 12.995  5.895   -9.583  1.00 64.86  ? 64  GLY A O   1 
ATOM   515 N  N   . ASP A 1 66 ? 11.067  4.738   -9.467  1.00 57.60  ? 65  ASP A N   1 
ATOM   516 C  CA  . ASP A 1 66 ? 10.305  5.712   -10.257 1.00 58.29  ? 65  ASP A CA  1 
ATOM   517 C  C   . ASP A 1 66 ? 9.501   6.684   -9.380  1.00 55.78  ? 65  ASP A C   1 
ATOM   518 O  O   . ASP A 1 66 ? 8.711   7.487   -9.879  1.00 56.62  ? 65  ASP A O   1 
ATOM   519 C  CB  . ASP A 1 66 ? 9.387   5.008   -11.277 1.00 58.49  ? 65  ASP A CB  1 
ATOM   520 C  CG  . ASP A 1 66 ? 8.256   4.207   -10.621 1.00 54.83  ? 65  ASP A CG  1 
ATOM   521 O  OD1 . ASP A 1 66 ? 8.180   4.154   -9.373  1.00 51.87  ? 65  ASP A OD1 1 
ATOM   522 O  OD2 . ASP A 1 66 ? 7.434   3.622   -11.358 1.00 55.71  ? 65  ASP A OD2 1 
ATOM   523 N  N   . GLY A 1 67 ? 9.688   6.603   -8.069  1.00 53.66  ? 66  GLY A N   1 
ATOM   524 C  CA  . GLY A 1 67 ? 9.012   7.524   -7.166  1.00 52.30  ? 66  GLY A CA  1 
ATOM   525 C  C   . GLY A 1 67 ? 7.568   7.179   -6.818  1.00 49.36  ? 66  GLY A C   1 
ATOM   526 O  O   . GLY A 1 67 ? 6.910   7.940   -6.096  1.00 48.69  ? 66  GLY A O   1 
ATOM   527 N  N   . GLU A 1 68 ? 7.059   6.057   -7.335  1.00 47.44  ? 67  GLU A N   1 
ATOM   528 C  CA  . GLU A 1 68 ? 5.680   5.651   -7.046  1.00 45.79  ? 67  GLU A CA  1 
ATOM   529 C  C   . GLU A 1 68 ? 5.639   4.198   -6.637  1.00 44.13  ? 67  GLU A C   1 
ATOM   530 O  O   . GLU A 1 68 ? 6.627   3.476   -6.835  1.00 44.89  ? 67  GLU A O   1 
ATOM   531 C  CB  . GLU A 1 68 ? 4.760   5.883   -8.242  1.00 47.44  ? 67  GLU A CB  1 
ATOM   532 C  CG  . GLU A 1 68 ? 4.578   7.361   -8.632  1.00 50.94  ? 67  GLU A CG  1 
ATOM   533 C  CD  . GLU A 1 68 ? 3.301   7.598   -9.412  1.00 53.68  ? 67  GLU A CD  1 
ATOM   534 O  OE1 . GLU A 1 68 ? 2.237   7.096   -8.994  1.00 54.47  ? 67  GLU A OE1 1 
ATOM   535 O  OE2 . GLU A 1 68 ? 3.357   8.286   -10.444 1.00 58.54  ? 67  GLU A OE2 1 
ATOM   536 N  N   . CYS A 1 69 ? 4.511   3.777   -6.062  1.00 42.52  ? 68  CYS A N   1 
ATOM   537 C  CA  . CYS A 1 69 ? 4.314   2.385   -5.663  1.00 40.79  ? 68  CYS A CA  1 
ATOM   538 C  C   . CYS A 1 69 ? 3.364   1.689   -6.639  1.00 41.82  ? 68  CYS A C   1 
ATOM   539 O  O   . CYS A 1 69 ? 2.169   1.977   -6.664  1.00 42.27  ? 68  CYS A O   1 
ATOM   540 C  CB  . CYS A 1 69 ? 3.775   2.275   -4.218  1.00 39.62  ? 68  CYS A CB  1 
ATOM   541 S  SG  . CYS A 1 69 ? 3.679   0.550   -3.638  1.00 38.67  ? 68  CYS A SG  1 
ATOM   542 N  N   . ASP A 1 70 ? 3.903   0.772   -7.440  1.00 42.77  ? 69  ASP A N   1 
ATOM   543 C  CA  . ASP A 1 70 ? 3.094   0.021   -8.396  1.00 44.56  ? 69  ASP A CA  1 
ATOM   544 C  C   . ASP A 1 70 ? 2.527   -1.239  -7.752  1.00 43.23  ? 69  ASP A C   1 
ATOM   545 O  O   . ASP A 1 70 ? 2.782   -1.502  -6.573  1.00 41.02  ? 69  ASP A O   1 
ATOM   546 C  CB  . ASP A 1 70 ? 3.848   -0.239  -9.721  1.00 47.89  ? 69  ASP A CB  1 
ATOM   547 C  CG  . ASP A 1 70 ? 5.029   -1.203  -9.584  1.00 50.09  ? 69  ASP A CG  1 
ATOM   548 O  OD1 . ASP A 1 70 ? 5.064   -2.057  -8.675  1.00 49.54  ? 69  ASP A OD1 1 
ATOM   549 O  OD2 . ASP A 1 70 ? 5.931   -1.127  -10.444 1.00 52.86  ? 69  ASP A OD2 1 
ATOM   550 N  N   . PHE A 1 71 ? 1.735   -2.003  -8.496  1.00 45.11  ? 70  PHE A N   1 
ATOM   551 C  CA  . PHE A 1 71 ? 1.005   -3.102  -7.869  1.00 44.66  ? 70  PHE A CA  1 
ATOM   552 C  C   . PHE A 1 71 ? 1.905   -4.202  -7.311  1.00 43.84  ? 70  PHE A C   1 
ATOM   553 O  O   . PHE A 1 71 ? 1.594   -4.795  -6.281  1.00 41.64  ? 70  PHE A O   1 
ATOM   554 C  CB  . PHE A 1 71 ? -0.065  -3.694  -8.783  1.00 48.72  ? 70  PHE A CB  1 
ATOM   555 C  CG  . PHE A 1 71 ? -0.921  -4.703  -8.092  1.00 48.88  ? 70  PHE A CG  1 
ATOM   556 C  CD1 . PHE A 1 71 ? -1.808  -4.309  -7.105  1.00 46.71  ? 70  PHE A CD1 1 
ATOM   557 C  CD2 . PHE A 1 71 ? -0.819  -6.056  -8.403  1.00 53.00  ? 70  PHE A CD2 1 
ATOM   558 C  CE1 . PHE A 1 71 ? -2.588  -5.238  -6.438  1.00 48.69  ? 70  PHE A CE1 1 
ATOM   559 C  CE2 . PHE A 1 71 ? -1.598  -6.993  -7.747  1.00 53.00  ? 70  PHE A CE2 1 
ATOM   560 C  CZ  . PHE A 1 71 ? -2.487  -6.583  -6.765  1.00 51.99  ? 70  PHE A CZ  1 
ATOM   561 N  N   . GLN A 1 72 ? 3.016   -4.471  -7.994  1.00 46.04  ? 71  GLN A N   1 
ATOM   562 C  CA  . GLN A 1 72 ? 3.982   -5.451  -7.509  1.00 46.39  ? 71  GLN A CA  1 
ATOM   563 C  C   . GLN A 1 72 ? 4.682   -4.960  -6.243  1.00 43.74  ? 71  GLN A C   1 
ATOM   564 O  O   . GLN A 1 72 ? 4.895   -5.731  -5.303  1.00 43.75  ? 71  GLN A O   1 
ATOM   565 C  CB  . GLN A 1 72 ? 5.014   -5.781  -8.597  1.00 50.75  ? 71  GLN A CB  1 
ATOM   566 C  CG  . GLN A 1 72 ? 4.414   -6.439  -9.823  1.00 55.21  ? 71  GLN A CG  1 
ATOM   567 C  CD  . GLN A 1 72 ? 3.900   -7.840  -9.548  1.00 58.63  ? 71  GLN A CD  1 
ATOM   568 N  N   . GLU A 1 73 ? 5.023   -3.675  -6.219  1.00 42.30  ? 72  GLU A N   1 
ATOM   569 C  CA  . GLU A 1 73 ? 5.585   -3.058  -5.020  1.00 40.50  ? 72  GLU A CA  1 
ATOM   570 C  C   . GLU A 1 73 ? 4.580   -3.064  -3.871  1.00 38.72  ? 72  GLU A C   1 
ATOM   571 O  O   . GLU A 1 73 ? 4.962   -3.285  -2.719  1.00 38.26  ? 72  GLU A O   1 
ATOM   572 C  CB  . GLU A 1 73 ? 6.125   -1.663  -5.324  1.00 40.66  ? 72  GLU A CB  1 
ATOM   573 C  CG  . GLU A 1 73 ? 7.401   -1.684  -6.178  1.00 42.72  ? 72  GLU A CG  1 
ATOM   574 C  CD  . GLU A 1 73 ? 7.622   -0.379  -6.920  1.00 45.08  ? 72  GLU A CD  1 
ATOM   575 O  OE1 . GLU A 1 73 ? 6.718   0.485   -6.917  1.00 43.23  ? 72  GLU A OE1 1 
ATOM   576 O  OE2 . GLU A 1 73 ? 8.695   -0.212  -7.532  1.00 48.90  ? 72  GLU A OE2 1 
ATOM   577 N  N   . PHE A 1 74 ? 3.299   -2.855  -4.186  1.00 38.06  ? 73  PHE A N   1 
ATOM   578 C  CA  . PHE A 1 74 ? 2.241   -2.941  -3.176  1.00 37.79  ? 73  PHE A CA  1 
ATOM   579 C  C   . PHE A 1 74 ? 2.141   -4.350  -2.580  1.00 37.88  ? 73  PHE A C   1 
ATOM   580 O  O   . PHE A 1 74 ? 1.955   -4.512  -1.374  1.00 38.23  ? 73  PHE A O   1 
ATOM   581 C  CB  . PHE A 1 74 ? 0.881   -2.507  -3.773  1.00 39.22  ? 73  PHE A CB  1 
ATOM   582 C  CG  . PHE A 1 74 ? -0.275  -2.643  -2.827  1.00 39.02  ? 73  PHE A CG  1 
ATOM   583 C  CD1 . PHE A 1 74 ? -0.407  -1.785  -1.732  1.00 38.49  ? 73  PHE A CD1 1 
ATOM   584 C  CD2 . PHE A 1 74 ? -1.250  -3.619  -3.037  1.00 39.04  ? 73  PHE A CD2 1 
ATOM   585 C  CE1 . PHE A 1 74 ? -1.485  -1.915  -0.849  1.00 40.79  ? 73  PHE A CE1 1 
ATOM   586 C  CE2 . PHE A 1 74 ? -2.315  -3.755  -2.168  1.00 42.05  ? 73  PHE A CE2 1 
ATOM   587 C  CZ  . PHE A 1 74 ? -2.443  -2.896  -1.072  1.00 43.11  ? 73  PHE A CZ  1 
ATOM   588 N  N   . MET A 1 75 ? 2.236   -5.367  -3.423  1.00 39.40  ? 74  MET A N   1 
ATOM   589 C  CA  . MET A 1 75 ? 2.182   -6.754  -2.950  1.00 40.21  ? 74  MET A CA  1 
ATOM   590 C  C   . MET A 1 75 ? 3.353   -7.076  -2.014  1.00 39.37  ? 74  MET A C   1 
ATOM   591 O  O   . MET A 1 75 ? 3.187   -7.801  -1.031  1.00 39.72  ? 74  MET A O   1 
ATOM   592 C  CB  . MET A 1 75 ? 2.132   -7.750  -4.112  1.00 42.78  ? 74  MET A CB  1 
ATOM   593 C  CG  . MET A 1 75 ? 0.762   -7.906  -4.798  1.00 45.45  ? 74  MET A CG  1 
ATOM   594 S  SD  . MET A 1 75 ? -0.570  -8.331  -3.662  1.00 49.17  ? 74  MET A SD  1 
ATOM   595 C  CE  . MET A 1 75 ? 0.000   -9.889  -2.954  1.00 48.16  ? 74  MET A CE  1 
ATOM   596 N  N   . ALA A 1 76 ? 4.529   -6.542  -2.316  1.00 39.43  ? 75  ALA A N   1 
ATOM   597 C  CA  . ALA A 1 76 ? 5.675   -6.666  -1.405  1.00 40.08  ? 75  ALA A CA  1 
ATOM   598 C  C   . ALA A 1 76 ? 5.385   -5.997  -0.048  1.00 38.99  ? 75  ALA A C   1 
ATOM   599 O  O   . ALA A 1 76 ? 5.802   -6.507  1.002   1.00 40.38  ? 75  ALA A O   1 
ATOM   600 C  CB  . ALA A 1 76 ? 6.905   -6.052  -2.043  1.00 42.18  ? 75  ALA A CB  1 
ATOM   601 N  N   . PHE A 1 77 ? 4.694   -4.852  -0.087  1.00 37.23  ? 76  PHE A N   1 
ATOM   602 C  CA  . PHE A 1 77 ? 4.251   -4.139  1.117   1.00 37.38  ? 76  PHE A CA  1 
ATOM   603 C  C   . PHE A 1 77 ? 3.299   -5.027  1.925   1.00 37.70  ? 76  PHE A C   1 
ATOM   604 O  O   . PHE A 1 77 ? 3.487   -5.221  3.142   1.00 39.14  ? 76  PHE A O   1 
ATOM   605 C  CB  . PHE A 1 77 ? 3.571   -2.823  0.692   1.00 36.32  ? 76  PHE A CB  1 
ATOM   606 C  CG  . PHE A 1 77 ? 3.069   -1.966  1.820   1.00 38.45  ? 76  PHE A CG  1 
ATOM   607 C  CD1 . PHE A 1 77 ? 3.805   -1.791  2.995   1.00 40.31  ? 76  PHE A CD1 1 
ATOM   608 C  CD2 . PHE A 1 77 ? 1.893   -1.231  1.661   1.00 39.09  ? 76  PHE A CD2 1 
ATOM   609 C  CE1 . PHE A 1 77 ? 3.343   -0.964  4.004   1.00 39.67  ? 76  PHE A CE1 1 
ATOM   610 C  CE2 . PHE A 1 77 ? 1.413   -0.389  2.688   1.00 39.67  ? 76  PHE A CE2 1 
ATOM   611 C  CZ  . PHE A 1 77 ? 2.144   -0.253  3.849   1.00 39.91  ? 76  PHE A CZ  1 
ATOM   612 N  N   . VAL A 1 78 ? 2.293   -5.583  1.257   1.00 37.00  ? 77  VAL A N   1 
ATOM   613 C  CA  . VAL A 1 78 ? 1.370   -6.526  1.907   1.00 38.21  ? 77  VAL A CA  1 
ATOM   614 C  C   . VAL A 1 78 ? 2.119   -7.718  2.527   1.00 39.61  ? 77  VAL A C   1 
ATOM   615 O  O   . VAL A 1 78 ? 1.827   -8.109  3.663   1.00 41.18  ? 77  VAL A O   1 
ATOM   616 C  CB  . VAL A 1 78 ? 0.303   -7.049  0.923   1.00 39.06  ? 77  VAL A CB  1 
ATOM   617 C  CG1 . VAL A 1 78 ? -0.617  -8.066  1.592   1.00 41.95  ? 77  VAL A CG1 1 
ATOM   618 C  CG2 . VAL A 1 78 ? -0.502  -5.892  0.363   1.00 38.96  ? 77  VAL A CG2 1 
ATOM   619 N  N   . ALA A 1 79 ? 3.066   -8.292  1.783   1.00 38.55  ? 78  ALA A N   1 
ATOM   620 C  CA  . ALA A 1 79 ? 3.932   -9.359  2.319   1.00 40.51  ? 78  ALA A CA  1 
ATOM   621 C  C   . ALA A 1 79 ? 4.644   -8.923  3.604   1.00 40.73  ? 78  ALA A C   1 
ATOM   622 O  O   . ALA A 1 79 ? 4.690   -9.686  4.569   1.00 43.25  ? 78  ALA A O   1 
ATOM   623 C  CB  . ALA A 1 79 ? 4.936   -9.819  1.275   1.00 41.37  ? 78  ALA A CB  1 
ATOM   624 N  N   . MET A 1 80 ? 5.157   -7.693  3.623   1.00 44.40  ? 79  MET A N   1 
ATOM   625 C  CA  . MET A 1 80 ? 5.828   -7.128  4.817   1.00 47.84  ? 79  MET A CA  1 
ATOM   626 C  C   . MET A 1 80 ? 4.901   -7.081  6.020   1.00 48.34  ? 79  MET A C   1 
ATOM   627 O  O   . MET A 1 80 ? 5.280   -7.457  7.127   1.00 51.40  ? 79  MET A O   1 
ATOM   628 C  CB  . MET A 1 80 ? 6.359   -5.717  4.554   1.00 50.23  ? 79  MET A CB  1 
ATOM   629 C  CG  . MET A 1 80 ? 7.526   -5.621  3.584   1.00 52.22  ? 79  MET A CG  1 
ATOM   630 S  SD  . MET A 1 80 ? 7.915   -3.902  3.200   1.00 58.82  ? 79  MET A SD  1 
ATOM   631 C  CE  . MET A 1 80 ? 8.783   -4.097  1.638   1.00 58.50  ? 79  MET A CE  1 
ATOM   632 N  N   . ILE A 1 81 ? 3.679   -6.610  5.793   1.00 46.99  ? 80  ILE A N   1 
ATOM   633 C  CA  . ILE A 1 81 ? 2.700   -6.438  6.868   1.00 48.09  ? 80  ILE A CA  1 
ATOM   634 C  C   . ILE A 1 81 ? 2.291   -7.809  7.409   1.00 48.98  ? 80  ILE A C   1 
ATOM   635 O  O   . ILE A 1 81 ? 2.244   -8.016  8.625   1.00 52.02  ? 80  ILE A O   1 
ATOM   636 C  CB  . ILE A 1 81 ? 1.455   -5.696  6.352   1.00 48.09  ? 80  ILE A CB  1 
ATOM   637 C  CG1 . ILE A 1 81 ? 1.830   -4.272  5.928   1.00 49.35  ? 80  ILE A CG1 1 
ATOM   638 C  CG2 . ILE A 1 81 ? 0.338   -5.691  7.406   1.00 49.87  ? 80  ILE A CG2 1 
ATOM   639 C  CD1 . ILE A 1 81 ? 0.759   -3.572  5.089   1.00 49.59  ? 80  ILE A CD1 1 
ATOM   640 N  N   . THR A 1 82 ? 2.006   -8.736  6.500   1.00 47.80  ? 81  THR A N   1 
ATOM   641 C  CA  . THR A 1 82 ? 1.485   -10.056 6.866   1.00 50.94  ? 81  THR A CA  1 
ATOM   642 C  C   . THR A 1 82 ? 2.512   -10.845 7.658   1.00 54.20  ? 81  THR A C   1 
ATOM   643 O  O   . THR A 1 82 ? 2.166   -11.577 8.598   1.00 58.63  ? 81  THR A O   1 
ATOM   644 C  CB  . THR A 1 82 ? 1.089   -10.876 5.631   1.00 52.05  ? 81  THR A CB  1 
ATOM   645 O  OG1 . THR A 1 82 ? 2.243   -11.071 4.799   1.00 51.57  ? 81  THR A OG1 1 
ATOM   646 C  CG2 . THR A 1 82 ? 0.013   -10.167 4.842   1.00 51.24  ? 81  THR A CG2 1 
ATOM   647 N  N   . THR A 1 83 ? 3.774   -10.706 7.265   1.00 54.06  ? 82  THR A N   1 
ATOM   648 C  CA  . THR A 1 83 ? 4.878   -11.364 7.956   1.00 59.23  ? 82  THR A CA  1 
ATOM   649 C  C   . THR A 1 83 ? 5.101   -10.782 9.358   1.00 62.26  ? 82  THR A C   1 
ATOM   650 O  O   . THR A 1 83 ? 5.406   -11.507 10.287  1.00 67.84  ? 82  THR A O   1 
ATOM   651 C  CB  . THR A 1 83 ? 6.161   -11.327 7.111   1.00 59.68  ? 82  THR A CB  1 
ATOM   652 O  OG1 . THR A 1 83 ? 5.896   -11.966 5.856   1.00 58.01  ? 82  THR A OG1 1 
ATOM   653 C  CG2 . THR A 1 83 ? 7.304   -12.063 7.810   1.00 68.04  ? 82  THR A CG2 1 
ATOM   654 N  N   . ALA A 1 84 ? 4.926   -9.479  9.522   1.00 61.06  ? 83  ALA A N   1 
ATOM   655 C  CA  . ALA A 1 84 ? 5.080   -8.885  10.853  1.00 66.00  ? 83  ALA A CA  1 
ATOM   656 C  C   . ALA A 1 84 ? 4.024   -9.372  11.870  1.00 67.67  ? 83  ALA A C   1 
ATOM   657 O  O   . ALA A 1 84 ? 4.044   -8.943  13.023  1.00 72.01  ? 83  ALA A O   1 
ATOM   658 C  CB  . ALA A 1 84 ? 5.091   -7.369  10.759  1.00 65.98  ? 83  ALA A CB  1 
ATOM   659 N  N   . CYS A 1 85 ? 3.163   -10.320 11.470  1.00 67.08  ? 84  CYS A N   1 
ATOM   660 C  CA  . CYS A 1 85 ? 1.901   -10.562 12.182  1.00 67.85  ? 84  CYS A CA  1 
ATOM   661 C  C   . CYS A 1 85 ? 1.061   -11.848 11.925  1.00 69.95  ? 84  CYS A C   1 
ATOM   662 O  O   . CYS A 1 85 ? -0.044  -11.935 12.464  1.00 69.74  ? 84  CYS A O   1 
ATOM   663 C  CB  . CYS A 1 85 ? 1.000   -9.371  11.820  1.00 64.19  ? 84  CYS A CB  1 
ATOM   664 S  SG  . CYS A 1 85 ? -0.794  -9.627  11.859  1.00 66.39  ? 84  CYS A SG  1 
ATOM   665 N  N   . HIS A 1 86 ? 1.531   -12.899 11.247  1.00 72.77  ? 85  HIS A N   1 
ATOM   666 C  CA  . HIS A 1 86 ? 2.629   -13.823 11.591  1.00 79.34  ? 85  HIS A CA  1 
ATOM   667 C  C   . HIS A 1 86 ? 4.054   -13.450 12.035  1.00 81.36  ? 85  HIS A C   1 
ATOM   668 O  O   . HIS A 1 86 ? 5.011   -13.669 11.287  1.00 82.77  ? 85  HIS A O   1 
ATOM   669 C  CB  . HIS A 1 86 ? 2.688   -14.937 10.524  1.00 82.74  ? 85  HIS A CB  1 
ATOM   670 C  CG  . HIS A 1 86 ? 3.027   -16.281 11.083  1.00 94.16  ? 85  HIS A CG  1 
ATOM   671 N  ND1 . HIS A 1 86 ? 2.284   -16.881 12.079  1.00 101.49 ? 85  HIS A ND1 1 
ATOM   672 C  CD2 . HIS A 1 86 ? 4.031   -17.143 10.792  1.00 101.65 ? 85  HIS A CD2 1 
ATOM   673 C  CE1 . HIS A 1 86 ? 2.820   -18.049 12.383  1.00 111.71 ? 85  HIS A CE1 1 
ATOM   674 N  NE2 . HIS A 1 86 ? 3.879   -18.234 11.615  1.00 113.05 ? 85  HIS A NE2 1 
ATOM   675 N  N   . GLU A 1 87 ? 4.181   -12.997 13.279  1.00 83.98  ? 86  GLU A N   1 
ATOM   676 C  CA  . GLU A 1 87 ? 5.459   -12.900 14.010  1.00 90.71  ? 86  GLU A CA  1 
ATOM   677 C  C   . GLU A 1 87 ? 5.175   -12.373 15.410  1.00 94.00  ? 86  GLU A C   1 
ATOM   678 O  O   . GLU A 1 87 ? 5.635   -12.944 16.414  1.00 102.86 ? 86  GLU A O   1 
ATOM   679 C  CB  . GLU A 1 87 ? 6.474   -11.985 13.313  1.00 88.63  ? 86  GLU A CB  1 
ATOM   680 C  CG  . GLU A 1 87 ? 7.687   -12.717 12.750  1.00 94.54  ? 86  GLU A CG  1 
ATOM   681 C  CD  . GLU A 1 87 ? 8.579   -11.828 11.893  1.00 92.78  ? 86  GLU A CD  1 
ATOM   682 O  OE1 . GLU A 1 87 ? 8.474   -10.584 11.993  1.00 90.91  ? 86  GLU A OE1 1 
ATOM   683 O  OE2 . GLU A 1 87 ? 9.390   -12.377 11.117  1.00 95.97  ? 86  GLU A OE2 1 
ATOM   684 N  N   . PHE A 1 88 ? 4.408   -11.279 15.447  1.00 88.09  ? 87  PHE A N   1 
ATOM   685 C  CA  . PHE A 1 88 ? 3.942   -10.639 16.673  1.00 90.78  ? 87  PHE A CA  1 
ATOM   686 C  C   . PHE A 1 88 ? 3.257   -11.631 17.619  1.00 95.17  ? 87  PHE A C   1 
ATOM   687 O  O   . PHE A 1 88 ? 2.806   -12.825 17.055  1.00 94.46  ? 87  PHE A O   1 
ATOM   688 C  CB  . PHE A 1 88 ? 2.979   -9.499  16.311  1.00 84.68  ? 87  PHE A CB  1 
ATOM   689 C  CG  . PHE A 1 88 ? 2.592   -8.629  17.475  1.00 89.02  ? 87  PHE A CG  1 
ATOM   690 C  CD1 . PHE A 1 88 ? 3.443   -7.621  17.924  1.00 95.00  ? 87  PHE A CD1 1 
ATOM   691 C  CD2 . PHE A 1 88 ? 1.373   -8.813  18.121  1.00 89.40  ? 87  PHE A CD2 1 
ATOM   692 C  CE1 . PHE A 1 88 ? 3.087   -6.814  19.007  1.00 100.96 ? 87  PHE A CE1 1 
ATOM   693 C  CE2 . PHE A 1 88 ? 1.008   -8.010  19.204  1.00 94.30  ? 87  PHE A CE2 1 
ATOM   694 C  CZ  . PHE A 1 88 ? 1.868   -7.010  19.647  1.00 99.75  ? 87  PHE A CZ  1 
HETATM 695 CA CA  . CA  B 2 .  ? 7.976   2.154   -8.214  1.00 45.36  ? 90  CA  A CA  1 
HETATM 696 CA CA  . CA  C 2 .  ? -2.085  7.247   -9.107  1.00 41.80  ? 91  CA  A CA  1 
HETATM 697 HG HG  . EMC D 3 .  ? -1.992  -11.887 12.778  0.25 55.80  ? 92  EMC A HG  1 
HETATM 698 C  C1  . EMC D 3 .  ? -1.243  -11.700 15.027  1.00 57.61  ? 92  EMC A C1  1 
HETATM 699 C  C2  . EMC D 3 .  ? -0.186  -10.613 15.111  1.00 55.71  ? 92  EMC A C2  1 
HETATM 700 S  SD  . JKE E 4 .  ? 9.297   -2.330  7.049   0.25 91.45  ? 93  JKE A SD  1 
HETATM 701 C  CG  . JKE E 4 .  ? 6.384   -2.282  8.237   1.00 91.12  ? 93  JKE A CG  1 
HETATM 702 C  CZ  . JKE E 4 .  ? 6.766   -1.209  7.266   1.00 91.23  ? 93  JKE A CZ  1 
HETATM 703 C  CD1 . JKE E 4 .  ? 8.427   -0.153  5.758   1.00 91.39  ? 93  JKE A CD1 1 
HETATM 704 O  OD1 . JKE E 4 .  ? 6.917   -2.297  9.365   1.00 91.56  ? 93  JKE A OD1 1 
HETATM 705 C  CD2 . JKE E 4 .  ? 6.195   0.764   6.006   1.00 91.20  ? 93  JKE A CD2 1 
HETATM 706 O  OD2 . JKE E 4 .  ? 5.542   -3.135  7.887   1.00 90.98  ? 93  JKE A OD2 1 
HETATM 707 C  CE1 . JKE E 4 .  ? 8.125   -1.167  6.661   1.00 91.33  ? 93  JKE A CE1 1 
HETATM 708 C  CE2 . JKE E 4 .  ? 5.841   -0.231  6.914   1.00 91.41  ? 93  JKE A CE2 1 
HETATM 709 C  CG1 . JKE E 4 .  ? 7.466   0.802   5.436   1.00 91.35  ? 93  JKE A CG1 1 
HETATM 710 O  O   . HOH F 5 .  ? 10.123  9.126   -0.964  1.00 42.24  ? 94  HOH A O   1 
HETATM 711 O  O   . HOH F 5 .  ? 9.230   -2.858  -8.551  1.00 59.68  ? 95  HOH A O   1 
HETATM 712 O  O   . HOH F 5 .  ? -9.870  -1.729  2.372   1.00 45.77  ? 96  HOH A O   1 
HETATM 713 O  O   . HOH F 5 .  ? 7.713   -2.731  -2.346  1.00 38.81  ? 97  HOH A O   1 
HETATM 714 O  O   . HOH F 5 .  ? 3.340   4.432   10.260  1.00 55.45  ? 98  HOH A O   1 
HETATM 715 O  O   . HOH F 5 .  ? -3.094  3.715   9.698   1.00 37.95  ? 99  HOH A O   1 
HETATM 716 O  O   . HOH F 5 .  ? 0.834   -6.468  10.974  1.00 50.37  ? 100 HOH A O   1 
HETATM 717 O  O   . HOH F 5 .  ? -8.299  0.569   8.919   1.00 41.36  ? 101 HOH A O   1 
HETATM 718 O  O   . HOH F 5 .  ? 3.695   10.277  11.064  1.00 42.71  ? 102 HOH A O   1 
HETATM 719 O  O   . HOH F 5 .  ? 4.938   17.078  7.751   1.00 47.46  ? 103 HOH A O   1 
HETATM 720 O  O   . HOH F 5 .  ? -11.127 5.521   -2.223  1.00 51.24  ? 104 HOH A O   1 
HETATM 721 O  O   . HOH F 5 .  ? 6.597   1.746   -9.815  1.00 44.93  ? 105 HOH A O   1 
HETATM 722 O  O   . HOH F 5 .  ? -2.597  12.277  8.721   1.00 46.42  ? 106 HOH A O   1 
HETATM 723 O  O   . HOH F 5 .  ? -12.912 -5.274  -1.685  1.00 72.74  ? 107 HOH A O   1 
HETATM 724 O  O   . HOH F 5 .  ? -4.683  10.849  5.751   1.00 51.94  ? 108 HOH A O   1 
HETATM 725 O  O   . HOH F 5 .  ? 0.789   -1.398  -10.984 1.00 48.57  ? 109 HOH A O   1 
HETATM 726 O  O   . HOH F 5 .  ? -5.593  11.034  -2.096  1.00 65.11  ? 110 HOH A O   1 
HETATM 727 O  O   . HOH F 5 .  ? 1.901   13.064  -3.605  1.00 44.08  ? 111 HOH A O   1 
HETATM 728 O  O   . HOH F 5 .  ? 13.465  3.866   -3.120  1.00 48.50  ? 112 HOH A O   1 
HETATM 729 O  O   . HOH F 5 .  ? -4.987  5.512   10.431  1.00 45.25  ? 113 HOH A O   1 
HETATM 730 O  O   . HOH F 5 .  ? 5.658   -8.214  15.035  1.00 79.21  ? 114 HOH A O   1 
HETATM 731 O  O   . HOH F 5 .  ? 3.270   7.379   11.736  1.00 44.91  ? 115 HOH A O   1 
HETATM 732 O  O   . HOH F 5 .  ? 3.665   13.785  -0.257  1.00 50.39  ? 116 HOH A O   1 
HETATM 733 O  O   . HOH F 5 .  ? 8.326   15.554  8.524   1.00 49.32  ? 117 HOH A O   1 
HETATM 734 O  O   . HOH F 5 .  ? 9.402   -4.440  -3.829  1.00 50.63  ? 118 HOH A O   1 
HETATM 735 O  O   . HOH F 5 .  ? 13.057  9.500   2.685   1.00 56.73  ? 119 HOH A O   1 
HETATM 736 O  O   . HOH F 5 .  ? 0.047   8.458   -9.166  1.00 47.98  ? 120 HOH A O   1 
HETATM 737 O  O   . HOH F 5 .  ? 1.431   9.921   -11.155 1.00 57.94  ? 121 HOH A O   1 
HETATM 738 O  O   . HOH F 5 .  ? 5.583   -8.332  -5.744  1.00 53.54  ? 122 HOH A O   1 
HETATM 739 O  O   . HOH F 5 .  ? 8.144   -8.116  1.167   1.00 52.98  ? 123 HOH A O   1 
HETATM 740 O  O   . HOH F 5 .  ? 9.428   -2.124  -12.658 1.00 67.91  ? 124 HOH A O   1 
HETATM 741 O  O   . HOH F 5 .  ? 2.879   14.046  14.002  1.00 70.67  ? 125 HOH A O   1 
HETATM 742 O  O   . HOH F 5 .  ? -0.843  -14.402 13.154  1.00 78.29  ? 126 HOH A O   1 
HETATM 743 O  O   . HOH F 5 .  ? 1.800   -13.348 14.907  1.00 447.11 ? 127 HOH A O   1 
HETATM 744 O  O   . HOH F 5 .  ? 10.033  2.447   6.776   1.00 81.55  ? 128 HOH A O   1 
HETATM 745 O  O   . HOH F 5 .  ? 1.485   13.394  1.161   1.00 52.14  ? 129 HOH A O   1 
HETATM 746 O  O   . HOH F 5 .  ? -10.896 8.733   -10.086 0.50 52.11  ? 130 HOH A O   1 
HETATM 747 O  O   . HOH F 5 .  ? -11.083 0.805   8.364   1.00 53.84  ? 131 HOH A O   1 
HETATM 748 O  O   . HOH F 5 .  ? 7.937   -2.359  -10.715 1.00 55.02  ? 132 HOH A O   1 
HETATM 749 O  O   . HOH F 5 .  ? 0.177   -13.783 17.045  1.00 69.28  ? 133 HOH A O   1 
HETATM 750 O  O   . HOH F 5 .  ? 5.102   11.194  12.848  1.00 64.23  ? 134 HOH A O   1 
HETATM 751 O  O   . HOH F 5 .  ? -3.148  5.810   -16.363 1.00 56.70  ? 135 HOH A O   1 
HETATM 752 O  O   . HOH F 5 .  ? 5.040   -15.313 18.586  1.00 60.39  ? 136 HOH A O   1 
HETATM 753 O  O   . HOH F 5 .  ? 10.475  8.429   -3.277  1.00 52.95  ? 137 HOH A O   1 
HETATM 754 O  O   . HOH F 5 .  ? -11.248 10.554  -10.295 0.50 72.33  ? 138 HOH A O   1 
HETATM 755 O  O   . HOH F 5 .  ? 6.605   -9.877  -4.050  1.00 67.13  ? 139 HOH A O   1 
HETATM 756 O  O   . HOH F 5 .  ? 12.314  6.068   -4.374  1.00 56.92  ? 140 HOH A O   1 
# 
loop_
_atom_site_anisotrop.id 
_atom_site_anisotrop.type_symbol 
_atom_site_anisotrop.pdbx_label_atom_id 
_atom_site_anisotrop.pdbx_label_alt_id 
_atom_site_anisotrop.pdbx_label_comp_id 
_atom_site_anisotrop.pdbx_label_asym_id 
_atom_site_anisotrop.pdbx_label_seq_id 
_atom_site_anisotrop.pdbx_PDB_ins_code 
_atom_site_anisotrop.U[1][1] 
_atom_site_anisotrop.U[2][2] 
_atom_site_anisotrop.U[3][3] 
_atom_site_anisotrop.U[1][2] 
_atom_site_anisotrop.U[1][3] 
_atom_site_anisotrop.U[2][3] 
_atom_site_anisotrop.pdbx_auth_seq_id 
_atom_site_anisotrop.pdbx_auth_comp_id 
_atom_site_anisotrop.pdbx_auth_asym_id 
_atom_site_anisotrop.pdbx_auth_atom_id 
6   N N   . SER A 2  ? 0.5233 0.5974 0.9855 -0.0958 -0.0326 0.0587  1  SER A N   
7   C CA  . SER A 2  ? 0.5668 0.5540 0.8641 -0.0960 0.0207  0.0406  1  SER A CA  
8   C C   . SER A 2  ? 0.5533 0.5372 0.8182 -0.0546 0.0790  0.0132  1  SER A C   
9   O O   . SER A 2  ? 0.4722 0.5158 0.8259 -0.0214 0.0678  0.0058  1  SER A O   
10  C CB  . SER A 2  ? 0.6000 0.4896 0.7578 -0.0804 -0.0594 0.0153  1  SER A CB  
11  O OG  . SER A 2  ? 0.5215 0.4257 0.6726 -0.0321 -0.0634 -0.0264 1  SER A OG  
12  N N   . GLU A 3  ? 0.6907 0.5504 0.7798 -0.0637 0.1203  0.0009  2  GLU A N   
13  C CA  . GLU A 3  ? 0.7505 0.5500 0.7590 -0.0269 0.1493  -0.0345 2  GLU A CA  
14  C C   . GLU A 3  ? 0.6578 0.4674 0.6998 0.0136  0.0519  -0.0599 2  GLU A C   
15  O O   . GLU A 3  ? 0.6371 0.4584 0.7223 0.0397  0.0606  -0.0796 2  GLU A O   
16  C CB  . GLU A 3  ? 1.0394 0.6150 0.7486 -0.0584 0.1918  -0.0426 2  GLU A CB  
17  C CG  . GLU A 3  ? 1.2054 0.7735 0.8898 -0.1188 0.3684  -0.0292 2  GLU A CG  
18  C CD  . GLU A 3  ? 1.1694 0.8845 1.0811 -0.0817 0.5073  -0.0712 2  GLU A CD  
19  O OE1 . GLU A 3  ? 1.1956 0.8633 1.0621 -0.0224 0.4884  -0.1154 2  GLU A OE1 
20  O OE2 . GLU A 3  ? 1.1411 1.0145 1.3160 -0.1103 0.6230  -0.0664 2  GLU A OE2 
21  N N   . LEU A 4  ? 0.6161 0.4234 0.6723 0.0150  -0.0274 -0.0670 3  LEU A N   
22  C CA  . LEU A 4  ? 0.5330 0.3984 0.7106 0.0393  -0.0704 -0.1036 3  LEU A CA  
23  C C   . LEU A 4  ? 0.4360 0.4095 0.7081 0.0267  -0.0142 -0.0858 3  LEU A C   
24  O O   . LEU A 4  ? 0.4205 0.4172 0.7567 0.0236  -0.0006 -0.0962 3  LEU A O   
25  C CB  . LEU A 4  ? 0.5486 0.3998 0.7728 0.0538  -0.1347 -0.1386 3  LEU A CB  
26  C CG  . LEU A 4  ? 0.5781 0.4327 0.9649 0.0900  -0.2122 -0.2060 3  LEU A CG  
27  C CD1 . LEU A 4  ? 0.5480 0.4430 1.0557 0.1160  -0.2174 -0.2593 3  LEU A CD1 
28  C CD2 . LEU A 4  ? 0.5115 0.4638 1.0755 0.0834  -0.1762 -0.2319 3  LEU A CD2 
29  N N   . GLU A 5  ? 0.4218 0.4201 0.6791 0.0078  -0.0041 -0.0533 4  GLU A N   
30  C CA  . GLU A 5  ? 0.4308 0.4417 0.6908 -0.0123 0.0004  -0.0253 4  GLU A CA  
31  C C   . GLU A 5  ? 0.4307 0.4462 0.7530 0.0000  0.0002  0.0003  4  GLU A C   
32  O O   . GLU A 5  ? 0.4851 0.4555 0.7787 -0.0174 -0.0098 0.0193  4  GLU A O   
33  C CB  . GLU A 5  ? 0.4838 0.4682 0.6996 -0.0353 -0.0464 0.0014  4  GLU A CB  
34  C CG  . GLU A 5  ? 0.5407 0.4753 0.6607 -0.0412 -0.0458 -0.0400 4  GLU A CG  
35  C CD  . GLU A 5  ? 0.6278 0.4969 0.6831 -0.0653 -0.1188 -0.0221 4  GLU A CD  
36  O OE1 . GLU A 5  ? 0.5880 0.4953 0.7473 -0.0801 -0.1590 0.0169  4  GLU A OE1 
37  O OE2 . GLU A 5  ? 0.7524 0.5208 0.6574 -0.0759 -0.1246 -0.0558 4  GLU A OE2 
38  N N   . LYS A 6  ? 0.4067 0.4478 0.7965 0.0252  0.0238  -0.0052 5  LYS A N   
39  C CA  . LYS A 6  ? 0.4294 0.4657 0.9048 0.0589  0.0399  -0.0119 5  LYS A CA  
40  C C   . LYS A 6  ? 0.4563 0.4223 0.8660 0.0671  0.0367  -0.0373 5  LYS A C   
41  O O   . LYS A 6  ? 0.4996 0.4226 0.9531 0.0812  0.0120  -0.0308 5  LYS A O   
42  C CB  . LYS A 6  ? 0.4677 0.5333 1.0105 0.0792  0.1257  -0.0396 5  LYS A CB  
43  C CG  . LYS A 6  ? 0.4554 0.6264 1.2002 0.0654  0.1331  -0.0182 5  LYS A CG  
44  C CD  . LYS A 6  ? 0.5676 0.7734 1.3881 0.0634  0.2859  -0.0570 5  LYS A CD  
45  C CE  . LYS A 6  ? 0.5689 0.8837 1.5847 0.0106  0.3148  -0.0320 5  LYS A CE  
46  N N   . ALA A 7  ? 0.5256 0.4756 0.7392 -0.0082 -0.0031 -0.0361 6  ALA A N   
47  C CA  . ALA A 7  ? 0.5789 0.4560 0.6877 -0.0146 -0.0317 -0.0398 6  ALA A CA  
48  C C   . ALA A 7  ? 0.5094 0.4550 0.6737 -0.0144 -0.0639 -0.0479 6  ALA A C   
49  O O   . ALA A 7  ? 0.5336 0.4535 0.6628 -0.0085 -0.0715 -0.0443 6  ALA A O   
50  C CB  . ALA A 7  ? 0.6573 0.4399 0.6957 -0.0418 -0.0806 -0.0352 6  ALA A CB  
51  N N   . VAL A 8  ? 0.4766 0.4695 0.6972 -0.0250 -0.0662 -0.0600 7  VAL A N   
52  C CA  . VAL A 8  ? 0.4805 0.4597 0.6959 -0.0330 -0.0520 -0.0727 7  VAL A CA  
53  C C   . VAL A 8  ? 0.5132 0.4846 0.6684 -0.0305 -0.0655 -0.0677 7  VAL A C   
54  O O   . VAL A 8  ? 0.5252 0.4702 0.6518 -0.0269 -0.0540 -0.0712 7  VAL A O   
55  C CB  . VAL A 8  ? 0.5340 0.4761 0.7378 -0.0557 -0.0212 -0.0900 7  VAL A CB  
56  C CG1 . VAL A 8  ? 0.6457 0.4765 0.7453 -0.0752 0.0296  -0.1068 7  VAL A CG1 
57  C CG2 . VAL A 8  ? 0.4881 0.4412 0.8149 -0.0559 -0.0009 -0.0881 7  VAL A CG2 
58  N N   . VAL A 9  ? 0.5180 0.5099 0.6943 -0.0345 -0.0992 -0.0500 8  VAL A N   
59  C CA  . VAL A 9  ? 0.5522 0.5339 0.7336 -0.0378 -0.1416 -0.0271 8  VAL A CA  
60  C C   . VAL A 9  ? 0.5101 0.5203 0.7310 -0.0042 -0.1072 -0.0177 8  VAL A C   
61  O O   . VAL A 9  ? 0.5413 0.5338 0.7342 -0.0047 -0.1279 -0.0113 8  VAL A O   
62  C CB  . VAL A 9  ? 0.5890 0.5792 0.8793 -0.0576 -0.2152 0.0136  8  VAL A CB  
63  C CG1 . VAL A 9  ? 0.6794 0.5868 0.8644 -0.1038 -0.2649 0.0049  8  VAL A CG1 
64  C CG2 . VAL A 9  ? 0.5382 0.6068 1.0225 -0.0236 -0.1611 0.0382  8  VAL A CG2 
65  N N   . ALA A 10 ? 0.4829 0.4910 0.7229 0.0169  -0.0523 -0.0170 9  ALA A N   
66  C CA  . ALA A 10 ? 0.5237 0.4761 0.7146 0.0372  -0.0043 -0.0122 9  ALA A CA  
67  C C   . ALA A 10 ? 0.5322 0.4523 0.6209 0.0318  -0.0347 -0.0271 9  ALA A C   
68  O O   . ALA A 10 ? 0.5485 0.4448 0.6069 0.0431  -0.0259 -0.0214 9  ALA A O   
69  C CB  . ALA A 10 ? 0.6115 0.4579 0.7298 0.0410  0.0683  -0.0112 9  ALA A CB  
70  N N   . LEU A 11 ? 0.5126 0.4308 0.5932 0.0155  -0.0652 -0.0388 10 LEU A N   
71  C CA  . LEU A 11 ? 0.5202 0.4173 0.6053 0.0100  -0.0899 -0.0385 10 LEU A CA  
72  C C   . LEU A 11 ? 0.5157 0.4388 0.5995 0.0141  -0.0724 -0.0477 10 LEU A C   
73  O O   . LEU A 11 ? 0.5362 0.4406 0.5986 0.0215  -0.0778 -0.0426 10 LEU A O   
74  C CB  . LEU A 11 ? 0.5030 0.3981 0.6900 -0.0067 -0.1078 -0.0349 10 LEU A CB  
75  C CG  . LEU A 11 ? 0.5622 0.3886 0.7423 -0.0266 -0.1688 -0.0136 10 LEU A CG  
76  C CD1 . LEU A 11 ? 0.5173 0.3779 0.8744 -0.0393 -0.1745 -0.0061 10 LEU A CD1 
77  C CD2 . LEU A 11 ? 0.6830 0.3787 0.7902 -0.0486 -0.2563 0.0190  10 LEU A CD2 
78  N N   . ILE A 12 ? 0.5264 0.4511 0.5910 -0.0001 -0.0633 -0.0583 11 ILE A N   
79  C CA  . ILE A 12 ? 0.6012 0.4652 0.5757 -0.0170 -0.0648 -0.0637 11 ILE A CA  
80  C C   . ILE A 12 ? 0.5909 0.4833 0.5735 -0.0040 -0.1082 -0.0412 11 ILE A C   
81  O O   . ILE A 12 ? 0.6218 0.4842 0.5560 -0.0022 -0.1076 -0.0419 11 ILE A O   
82  C CB  . ILE A 12 ? 0.7252 0.4924 0.5908 -0.0579 -0.0781 -0.0712 11 ILE A CB  
83  C CG1 . ILE A 12 ? 0.7408 0.4515 0.6044 -0.0683 0.0054  -0.0961 11 ILE A CG1 
84  C CG2 . ILE A 12 ? 0.8946 0.5077 0.5730 -0.0975 -0.1125 -0.0687 11 ILE A CG2 
85  C CD1 . ILE A 12 ? 0.9258 0.5002 0.6364 -0.1133 0.0020  -0.1065 11 ILE A CD1 
86  N N   . ASP A 13 ? 0.5636 0.5086 0.6427 0.0072  -0.1284 -0.0173 12 ASP A N   
87  C CA  . ASP A 13 ? 0.5607 0.5310 0.7391 0.0233  -0.1438 0.0162  12 ASP A CA  
88  C C   . ASP A 13 ? 0.5478 0.5066 0.6867 0.0515  -0.0916 0.0087  12 ASP A C   
89  O O   . ASP A 13 ? 0.5573 0.5100 0.7000 0.0553  -0.1109 0.0208  12 ASP A O   
90  C CB  . ASP A 13 ? 0.5398 0.5525 0.8966 0.0368  -0.1203 0.0469  12 ASP A CB  
91  C CG  . ASP A 13 ? 0.5795 0.6150 1.1509 0.0525  -0.1200 0.0987  12 ASP A CG  
92  O OD1 . ASP A 13 ? 0.6240 0.6479 1.2056 0.0373  -0.1982 0.1198  12 ASP A OD1 
93  O OD2 . ASP A 13 ? 0.6140 0.6596 1.3647 0.0781  -0.0304 0.1237  12 ASP A OD2 
94  N N   . VAL A 14 ? 0.5503 0.4722 0.6246 0.0619  -0.0448 -0.0063 13 VAL A N   
95  C CA  . VAL A 14 ? 0.6184 0.4626 0.6018 0.0744  -0.0135 -0.0059 13 VAL A CA  
96  C C   . VAL A 14 ? 0.5976 0.4441 0.5323 0.0669  -0.0584 -0.0152 13 VAL A C   
97  O O   . VAL A 14 ? 0.6265 0.4456 0.5257 0.0773  -0.0525 -0.0095 13 VAL A O   
98  C CB  . VAL A 14 ? 0.7338 0.4399 0.5808 0.0653  0.0196  -0.0088 13 VAL A CB  
99  C CG1 . VAL A 14 ? 0.8710 0.4175 0.5459 0.0618  0.0374  -0.0045 13 VAL A CG1 
100 C CG2 . VAL A 14 ? 0.8023 0.4772 0.6990 0.0752  0.1065  -0.0006 13 VAL A CG2 
101 N N   . PHE A 15 ? 0.5676 0.4370 0.5276 0.0506  -0.0830 -0.0266 14 PHE A N   
102 C CA  . PHE A 15 ? 0.5648 0.4250 0.5366 0.0461  -0.0882 -0.0301 14 PHE A CA  
103 C C   . PHE A 15 ? 0.5848 0.4472 0.5102 0.0490  -0.0835 -0.0327 14 PHE A C   
104 O O   . PHE A 15 ? 0.5780 0.4245 0.4819 0.0578  -0.0872 -0.0279 14 PHE A O   
105 C CB  . PHE A 15 ? 0.5555 0.4117 0.6048 0.0304  -0.0585 -0.0398 14 PHE A CB  
106 C CG  . PHE A 15 ? 0.5932 0.4117 0.6929 0.0279  -0.0150 -0.0401 14 PHE A CG  
107 C CD1 . PHE A 15 ? 0.5642 0.3792 0.8112 0.0299  -0.0437 -0.0117 14 PHE A CD1 
108 C CD2 . PHE A 15 ? 0.6615 0.4053 0.6502 0.0142  0.0478  -0.0615 14 PHE A CD2 
109 C CE1 . PHE A 15 ? 0.5795 0.3631 0.9383 0.0309  0.0148  -0.0039 14 PHE A CE1 
110 C CE2 . PHE A 15 ? 0.7424 0.4120 0.7603 0.0111  0.1254  -0.0641 14 PHE A CE2 
111 C CZ  . PHE A 15 ? 0.6877 0.4003 0.9280 0.0260  0.1215  -0.0351 14 PHE A CZ  
112 N N   . HIS A 16 ? 0.6167 0.4739 0.5172 0.0327  -0.0977 -0.0335 15 HIS A N   
113 C CA  . HIS A 16 ? 0.6955 0.5010 0.5246 0.0152  -0.1343 -0.0246 15 HIS A CA  
114 C C   . HIS A 16 ? 0.6619 0.5158 0.5742 0.0372  -0.1650 0.0050  15 HIS A C   
115 O O   . HIS A 16 ? 0.7091 0.5256 0.5814 0.0279  -0.2006 0.0164  15 HIS A O   
116 C CB  . HIS A 16 ? 0.8244 0.5352 0.5597 -0.0314 -0.1838 -0.0206 15 HIS A CB  
117 C CG  . HIS A 16 ? 0.9498 0.5358 0.5451 -0.0596 -0.1119 -0.0543 15 HIS A CG  
118 N ND1 . HIS A 16 ? 0.9252 0.5450 0.5856 -0.0536 -0.0617 -0.0691 15 HIS A ND1 
119 C CD2 . HIS A 16 ? 1.1534 0.5540 0.5576 -0.0926 -0.0506 -0.0755 15 HIS A CD2 
120 C CE1 . HIS A 16 ? 1.0665 0.5376 0.6167 -0.0787 0.0341  -0.0951 15 HIS A CE1 
121 N NE2 . HIS A 16 ? 1.2418 0.5607 0.6206 -0.1034 0.0571  -0.1015 15 HIS A NE2 
122 N N   . GLN A 17 ? 0.6078 0.5140 0.6319 0.0642  -0.1328 0.0191  16 GLN A N   
123 C CA  . GLN A 17 ? 0.6140 0.5318 0.7445 0.0907  -0.1044 0.0475  16 GLN A CA  
124 C C   . GLN A 17 ? 0.6268 0.5055 0.6495 0.1049  -0.0773 0.0326  16 GLN A C   
125 O O   . GLN A 17 ? 0.6322 0.5070 0.7065 0.1187  -0.0700 0.0521  16 GLN A O   
126 C CB  . GLN A 17 ? 0.6274 0.5317 0.8422 0.1136  -0.0144 0.0569  16 GLN A CB  
127 C CG  . GLN A 17 ? 0.6217 0.5799 1.0618 0.1093  -0.0329 0.0957  16 GLN A CG  
128 C CD  . GLN A 17 ? 0.6681 0.5853 1.1824 0.1313  0.0932  0.1005  16 GLN A CD  
129 O OE1 . GLN A 17 ? 0.8060 0.6026 1.1561 0.1446  0.2015  0.0772  16 GLN A OE1 
130 N NE2 . GLN A 17 ? 0.6568 0.6294 1.3880 0.1259  0.0757  0.1344  16 GLN A NE2 
131 N N   . TYR A 18 ? 0.4789 0.5248 0.5183 -0.0008 -0.0594 -0.0271 17 TYR A N   
132 C CA  . TYR A 18 ? 0.4652 0.4788 0.4950 0.0166  -0.0522 -0.0134 17 TYR A CA  
133 C C   . TYR A 18 ? 0.4969 0.4843 0.4821 0.0144  -0.0564 -0.0012 17 TYR A C   
134 O O   . TYR A 18 ? 0.5205 0.4900 0.4965 0.0269  -0.0632 0.0157  17 TYR A O   
135 C CB  . TYR A 18 ? 0.4371 0.4326 0.4730 0.0145  -0.0285 -0.0196 17 TYR A CB  
136 C CG  . TYR A 18 ? 0.4143 0.4294 0.4869 0.0229  -0.0225 -0.0254 17 TYR A CG  
137 C CD1 . TYR A 18 ? 0.4038 0.4419 0.4970 0.0108  -0.0136 -0.0359 17 TYR A CD1 
138 C CD2 . TYR A 18 ? 0.4083 0.4142 0.4908 0.0411  -0.0226 -0.0213 17 TYR A CD2 
139 C CE1 . TYR A 18 ? 0.4188 0.4804 0.5449 0.0184  -0.0033 -0.0396 17 TYR A CE1 
140 C CE2 . TYR A 18 ? 0.4125 0.4358 0.5225 0.0519  -0.0129 -0.0286 17 TYR A CE2 
141 C CZ  . TYR A 18 ? 0.4013 0.4578 0.5348 0.0413  -0.0027 -0.0366 17 TYR A CZ  
142 O OH  . TYR A 18 ? 0.4018 0.4804 0.5617 0.0519  0.0116  -0.0423 17 TYR A OH  
143 N N   . SER A 19 ? 0.5069 0.4856 0.4599 -0.0011 -0.0488 -0.0094 18 SER A N   
144 C CA  . SER A 19 ? 0.5439 0.5009 0.4507 -0.0037 -0.0454 0.0018  18 SER A CA  
145 C C   . SER A 19 ? 0.5853 0.5503 0.4664 0.0013  -0.0709 0.0167  18 SER A C   
146 O O   . SER A 19 ? 0.6218 0.5639 0.4675 0.0038  -0.0687 0.0359  18 SER A O   
147 C CB  . SER A 19 ? 0.5557 0.4995 0.4290 -0.0164 -0.0274 -0.0136 18 SER A CB  
148 O OG  . SER A 19 ? 0.5958 0.5489 0.4459 -0.0302 -0.0429 -0.0287 18 SER A OG  
149 N N   . GLY A 20 ? 0.5904 0.5921 0.4889 0.0020  -0.0944 0.0104  19 GLY A N   
150 C CA  . GLY A 20 ? 0.6352 0.6592 0.5108 0.0106  -0.1249 0.0263  19 GLY A CA  
151 C C   . GLY A 20 ? 0.6470 0.6688 0.5446 0.0420  -0.1376 0.0532  19 GLY A C   
152 O O   . GLY A 20 ? 0.6909 0.7303 0.5708 0.0586  -0.1639 0.0738  19 GLY A O   
153 N N   . ARG A 21 ? 0.6141 0.6093 0.5441 0.0523  -0.1189 0.0539  20 ARG A N   
154 C CA  . ARG A 21 ? 0.6409 0.6169 0.5873 0.0835  -0.1249 0.0742  20 ARG A CA  
155 C C   . ARG A 21 ? 0.7083 0.6279 0.6014 0.0911  -0.1256 0.1044  20 ARG A C   
156 O O   . ARG A 21 ? 0.7593 0.6744 0.6408 0.1191  -0.1446 0.1298  20 ARG A O   
157 C CB  . ARG A 21 ? 0.6048 0.5585 0.5865 0.0864  -0.1023 0.0607  20 ARG A CB  
158 C CG  . ARG A 21 ? 0.5535 0.5618 0.5902 0.0912  -0.1025 0.0412  20 ARG A CG  
159 C CD  . ARG A 21 ? 0.5065 0.4909 0.5616 0.0896  -0.0781 0.0267  20 ARG A CD  
160 N NE  . ARG A 21 ? 0.4842 0.5191 0.5873 0.0942  -0.0734 0.0115  20 ARG A NE  
161 C CZ  . ARG A 21 ? 0.5075 0.5335 0.6303 0.1042  -0.0549 0.0008  20 ARG A CZ  
162 N NH1 . ARG A 21 ? 0.5110 0.4779 0.6086 0.1088  -0.0433 0.0005  20 ARG A NH1 
163 N NH2 . ARG A 21 ? 0.4677 0.5450 0.6327 0.1061  -0.0469 -0.0106 20 ARG A NH2 
164 N N   . GLU A 22 ? 0.7168 0.5963 0.5783 0.0669  -0.1034 0.1043  21 GLU A N   
165 C CA  . GLU A 22 ? 0.7964 0.6152 0.6112 0.0658  -0.0953 0.1330  21 GLU A CA  
166 C C   . GLU A 22 ? 0.7985 0.6151 0.5699 0.0370  -0.0792 0.1346  21 GLU A C   
167 O O   . GLU A 22 ? 0.7448 0.5914 0.5304 0.0191  -0.0658 0.1101  21 GLU A O   
168 C CB  . GLU A 22 ? 0.8046 0.5680 0.6361 0.0634  -0.0763 0.1323  21 GLU A CB  
169 C CG  . GLU A 22 ? 0.8397 0.5929 0.7083 0.0959  -0.0837 0.1279  21 GLU A CG  
170 C CD  . GLU A 22 ? 0.8893 0.5633 0.7506 0.0931  -0.0651 0.1285  21 GLU A CD  
171 O OE1 . GLU A 22 ? 1.0094 0.6408 0.8716 0.1275  -0.0684 0.1388  21 GLU A OE1 
172 O OE2 . GLU A 22 ? 0.9199 0.5751 0.7745 0.0569  -0.0473 0.1177  21 GLU A OE2 
173 N N   . GLY A 23 ? 0.8633 0.6418 0.5794 0.0357  -0.0774 0.1654  22 GLY A N   
174 C CA  . GLY A 23 ? 0.8885 0.6649 0.5584 0.0104  -0.0565 0.1706  22 GLY A CA  
175 C C   . GLY A 23 ? 0.8633 0.6899 0.5186 0.0040  -0.0603 0.1463  22 GLY A C   
176 O O   . GLY A 23 ? 0.8735 0.7291 0.5198 0.0163  -0.0887 0.1409  22 GLY A O   
177 N N   . ASP A 24 ? 0.8393 0.6771 0.4931 -0.0155 -0.0311 0.1306  23 ASP A N   
178 C CA  . ASP A 24 ? 0.8366 0.7033 0.4717 -0.0209 -0.0265 0.1032  23 ASP A CA  
179 C C   . ASP A 24 ? 0.7869 0.6794 0.4675 -0.0140 -0.0471 0.0767  23 ASP A C   
180 O O   . ASP A 24 ? 0.7186 0.6159 0.4565 -0.0108 -0.0420 0.0676  23 ASP A O   
181 C CB  . ASP A 24 ? 0.8148 0.6896 0.4610 -0.0325 0.0125  0.0910  23 ASP A CB  
182 C CG  . ASP A 24 ? 0.8516 0.7356 0.4594 -0.0342 0.0259  0.0650  23 ASP A CG  
183 O OD1 . ASP A 24 ? 0.8415 0.7299 0.4438 -0.0330 0.0055  0.0425  23 ASP A OD1 
184 O OD2 . ASP A 24 ? 0.9063 0.7923 0.4887 -0.0382 0.0597  0.0660  23 ASP A OD2 
185 N N   . LYS A 25 ? 0.8181 0.7307 0.4710 -0.0151 -0.0708 0.0645  24 LYS A N   
186 C CA  . LYS A 25 ? 0.7773 0.7214 0.4771 -0.0151 -0.0904 0.0414  24 LYS A CA  
187 C C   . LYS A 25 ? 0.7521 0.6920 0.4639 -0.0296 -0.0672 0.0082  24 LYS A C   
188 O O   . LYS A 25 ? 0.7287 0.6871 0.4782 -0.0356 -0.0756 -0.0112 24 LYS A O   
189 C CB  . LYS A 25 ? 0.8266 0.8061 0.5004 -0.0158 -0.1293 0.0417  24 LYS A CB  
190 C CG  . LYS A 25 ? 0.8481 0.8355 0.5283 0.0108  -0.1553 0.0783  24 LYS A CG  
191 C CD  . LYS A 25 ? 0.8922 0.9390 0.5703 0.0169  -0.1997 0.0805  24 LYS A CD  
192 C CE  . LYS A 25 ? 0.9219 0.9714 0.6108 0.0556  -0.2220 0.1225  24 LYS A CE  
193 N NZ  . LYS A 25 ? 0.8781 0.9030 0.6342 0.0750  -0.2032 0.1268  24 LYS A NZ  
194 N N   . HIS A 26 ? 0.7648 0.6797 0.4464 -0.0331 -0.0347 0.0045  25 HIS A N   
195 C CA  . HIS A 26 ? 0.7576 0.6570 0.4422 -0.0379 -0.0075 -0.0228 25 HIS A CA  
196 C C   . HIS A 26 ? 0.7047 0.6024 0.4324 -0.0255 0.0211  -0.0148 25 HIS A C   
197 O O   . HIS A 26 ? 0.6985 0.5826 0.4284 -0.0203 0.0467  -0.0300 25 HIS A O   
198 C CB  . HIS A 26 ? 0.8338 0.7096 0.4428 -0.0462 0.0096  -0.0395 25 HIS A CB  
199 C CG  . HIS A 26 ? 0.8946 0.7756 0.4536 -0.0645 -0.0209 -0.0553 25 HIS A CG  
200 N ND1 . HIS A 26 ? 0.9106 0.7946 0.4816 -0.0833 -0.0365 -0.0841 25 HIS A ND1 
201 C CD2 . HIS A 26 ? 0.9674 0.8569 0.4632 -0.0699 -0.0405 -0.0454 25 HIS A CD2 
202 C CE1 . HIS A 26 ? 0.9797 0.8817 0.5017 -0.1018 -0.0674 -0.0942 25 HIS A CE1 
203 N NE2 . HIS A 26 ? 1.0008 0.9064 0.4735 -0.0911 -0.0716 -0.0701 25 HIS A NE2 
204 N N   . LYS A 27 ? 0.6759 0.5855 0.4346 -0.0205 0.0163  0.0092  26 LYS A N   
205 C CA  . LYS A 27 ? 0.6272 0.5479 0.4292 -0.0146 0.0362  0.0159  26 LYS A CA  
206 C C   . LYS A 27 ? 0.5936 0.5200 0.4410 -0.0130 0.0181  0.0243  26 LYS A C   
207 O O   . LYS A 27 ? 0.5992 0.5169 0.4412 -0.0126 -0.0038 0.0343  26 LYS A O   
208 C CB  . LYS A 27 ? 0.6591 0.5880 0.4454 -0.0189 0.0577  0.0339  26 LYS A CB  
209 C CG  . LYS A 27 ? 0.6941 0.6213 0.4367 -0.0152 0.0864  0.0255  26 LYS A CG  
210 C CD  . LYS A 27 ? 0.7310 0.6748 0.4593 -0.0234 0.1084  0.0475  26 LYS A CD  
211 N N   . LEU A 28 ? 0.5328 0.4731 0.4204 -0.0088 0.0279  0.0207  27 LEU A N   
212 C CA  . LEU A 28 ? 0.5104 0.4521 0.4322 -0.0088 0.0155  0.0241  27 LEU A CA  
213 C C   . LEU A 28 ? 0.5156 0.4594 0.4431 -0.0215 0.0216  0.0385  27 LEU A C   
214 O O   . LEU A 28 ? 0.5179 0.4911 0.4595 -0.0261 0.0380  0.0404  27 LEU A O   
215 C CB  . LEU A 28 ? 0.4698 0.4257 0.4222 -0.0007 0.0209  0.0121  27 LEU A CB  
216 C CG  . LEU A 28 ? 0.4721 0.4211 0.4233 0.0043  0.0200  -0.0025 27 LEU A CG  
217 C CD1 . LEU A 28 ? 0.4730 0.4270 0.4409 0.0136  0.0350  -0.0070 27 LEU A CD1 
218 C CD2 . LEU A 28 ? 0.4519 0.4014 0.4166 0.0038  0.0002  -0.0055 27 LEU A CD2 
219 N N   . LYS A 29 ? 0.5341 0.4480 0.4524 -0.0272 0.0096  0.0493  28 LYS A N   
220 C CA  . LYS A 29 ? 0.5616 0.4648 0.4861 -0.0474 0.0153  0.0586  28 LYS A CA  
221 C C   . LYS A 29 ? 0.5292 0.4415 0.4854 -0.0479 0.0102  0.0430  28 LYS A C   
222 O O   . LYS A 29 ? 0.4973 0.4198 0.4670 -0.0301 0.0044  0.0301  28 LYS A O   
223 C CB  . LYS A 29 ? 0.6195 0.4667 0.5131 -0.0517 0.0080  0.0767  28 LYS A CB  
224 C CG  . LYS A 29 ? 0.6337 0.4483 0.5299 -0.0289 -0.0104 0.0730  28 LYS A CG  
225 C CD  . LYS A 29 ? 0.7163 0.4693 0.5773 -0.0234 -0.0163 0.0971  28 LYS A CD  
226 N N   . LYS A 30 ? 0.5486 0.4583 0.5132 -0.0721 0.0130  0.0432  29 LYS A N   
227 C CA  . LYS A 30 ? 0.5291 0.4494 0.5133 -0.0769 0.0066  0.0258  29 LYS A CA  
228 C C   . LYS A 30 ? 0.5382 0.4196 0.5168 -0.0560 -0.0032 0.0131  29 LYS A C   
229 O O   . LYS A 30 ? 0.4955 0.4005 0.4873 -0.0453 -0.0052 -0.0006 29 LYS A O   
230 C CB  . LYS A 30 ? 0.5667 0.4804 0.5520 -0.1150 0.0080  0.0246  29 LYS A CB  
231 C CG  . LYS A 30 ? 0.5311 0.5182 0.5433 -0.1370 0.0166  0.0310  29 LYS A CG  
232 C CD  . LYS A 30 ? 0.5530 0.5386 0.5703 -0.1839 0.0135  0.0240  29 LYS A CD  
233 C CE  . LYS A 30 ? 0.5540 0.6064 0.5986 -0.2145 0.0264  0.0380  29 LYS A CE  
234 N NZ  . LYS A 30 ? 0.5828 0.6408 0.6362 -0.2706 0.0215  0.0280  29 LYS A NZ  
235 N N   . SER A 31 ? 0.5771 0.4017 0.5359 -0.0476 -0.0071 0.0202  30 SER A N   
236 C CA  . SER A 31 ? 0.5974 0.3921 0.5571 -0.0221 -0.0125 0.0098  30 SER A CA  
237 C C   . SER A 31 ? 0.5485 0.3859 0.5285 0.0030  -0.0165 0.0068  30 SER A C   
238 O O   . SER A 31 ? 0.5423 0.3895 0.5371 0.0172  -0.0152 -0.0070 30 SER A O   
239 C CB  . SER A 31 ? 0.6680 0.3932 0.6036 -0.0105 -0.0148 0.0232  30 SER A CB  
240 O OG  . SER A 31 ? 0.6942 0.4270 0.6189 -0.0006 -0.0208 0.0460  30 SER A OG  
241 N N   . GLU A 32 ? 0.5378 0.3992 0.5147 0.0043  -0.0187 0.0182  31 GLU A N   
242 C CA  . GLU A 32 ? 0.4968 0.3950 0.4890 0.0170  -0.0215 0.0118  31 GLU A CA  
243 C C   . GLU A 32 ? 0.4641 0.3914 0.4715 0.0129  -0.0108 -0.0007 31 GLU A C   
244 O O   . GLU A 32 ? 0.4439 0.3868 0.4674 0.0219  -0.0089 -0.0098 31 GLU A O   
245 C CB  . GLU A 32 ? 0.5047 0.4124 0.4771 0.0136  -0.0257 0.0218  31 GLU A CB  
246 C CG  . GLU A 32 ? 0.5415 0.4288 0.4950 0.0248  -0.0413 0.0383  31 GLU A CG  
247 C CD  . GLU A 32 ? 0.5678 0.4591 0.4848 0.0173  -0.0448 0.0496  31 GLU A CD  
248 O OE1 . GLU A 32 ? 0.5817 0.4791 0.4838 0.0024  -0.0294 0.0470  31 GLU A OE1 
249 O OE2 . GLU A 32 ? 0.6391 0.5298 0.5388 0.0290  -0.0626 0.0623  31 GLU A OE2 
250 N N   . LEU A 33 ? 0.4568 0.3956 0.4599 0.0005  -0.0027 0.0021  32 LEU A N   
251 C CA  . LEU A 33 ? 0.4409 0.4081 0.4544 0.0029  0.0062  -0.0028 32 LEU A CA  
252 C C   . LEU A 33 ? 0.4296 0.3950 0.4488 0.0056  0.0039  -0.0134 32 LEU A C   
253 O O   . LEU A 33 ? 0.4255 0.4024 0.4490 0.0155  0.0103  -0.0175 32 LEU A O   
254 C CB  . LEU A 33 ? 0.4484 0.4429 0.4644 -0.0078 0.0120  0.0051  32 LEU A CB  
255 C CG  . LEU A 33 ? 0.4574 0.4873 0.4812 0.0042  0.0244  0.0105  32 LEU A CG  
256 C CD1 . LEU A 33 ? 0.4316 0.5102 0.4732 -0.0054 0.0235  0.0170  32 LEU A CD1 
257 C CD2 . LEU A 33 ? 0.4445 0.4682 0.4666 0.0229  0.0309  0.0069  32 LEU A CD2 
258 N N   . LYS A 34 ? 0.4589 0.4021 0.4708 -0.0047 -0.0022 -0.0184 33 LYS A N   
259 C CA  . LYS A 34 ? 0.4783 0.4122 0.4838 -0.0041 -0.0024 -0.0335 33 LYS A CA  
260 C C   . LYS A 34 ? 0.4701 0.3971 0.4832 0.0177  0.0034  -0.0403 33 LYS A C   
261 O O   . LYS A 34 ? 0.4609 0.4030 0.4718 0.0236  0.0108  -0.0478 33 LYS A O   
262 C CB  . LYS A 34 ? 0.5264 0.4182 0.5144 -0.0217 -0.0071 -0.0419 33 LYS A CB  
263 C CG  . LYS A 34 ? 0.5672 0.4428 0.5365 -0.0245 -0.0059 -0.0638 33 LYS A CG  
264 C CD  . LYS A 34 ? 0.6612 0.4715 0.6046 -0.0425 -0.0068 -0.0766 33 LYS A CD  
265 C CE  . LYS A 34 ? 0.7594 0.5110 0.6994 -0.0152 -0.0001 -0.0733 33 LYS A CE  
266 N NZ  . LYS A 34 ? 0.8840 0.5537 0.7885 -0.0233 0.0058  -0.0919 33 LYS A NZ  
267 N N   . GLU A 35 ? 0.4762 0.3889 0.4992 0.0292  0.0001  -0.0351 34 GLU A N   
268 C CA  . GLU A 35 ? 0.4689 0.3934 0.5119 0.0490  0.0046  -0.0399 34 GLU A CA  
269 C C   . GLU A 35 ? 0.4444 0.4063 0.5022 0.0462  0.0121  -0.0388 34 GLU A C   
270 O O   . GLU A 35 ? 0.4425 0.4208 0.5116 0.0528  0.0243  -0.0459 34 GLU A O   
271 C CB  . GLU A 35 ? 0.4924 0.4073 0.5463 0.0644  -0.0059 -0.0305 34 GLU A CB  
272 C CG  . GLU A 35 ? 0.5435 0.4008 0.5759 0.0711  -0.0090 -0.0276 34 GLU A CG  
273 C CD  . GLU A 35 ? 0.6150 0.4389 0.6386 0.0839  0.0037  -0.0457 34 GLU A CD  
274 O OE1 . GLU A 35 ? 0.5889 0.4408 0.6211 0.0870  0.0152  -0.0599 34 GLU A OE1 
275 O OE2 . GLU A 35 ? 0.6637 0.4245 0.6644 0.0905  0.0050  -0.0464 34 GLU A OE2 
276 N N   . LEU A 36 ? 0.4333 0.4024 0.4866 0.0356  0.0091  -0.0304 35 LEU A N   
277 C CA  . LEU A 36 ? 0.4120 0.3958 0.4690 0.0304  0.0199  -0.0302 35 LEU A CA  
278 C C   . LEU A 36 ? 0.4087 0.3948 0.4557 0.0331  0.0340  -0.0307 35 LEU A C   
279 O O   . LEU A 36 ? 0.4119 0.4052 0.4654 0.0332  0.0475  -0.0325 35 LEU A O   
280 C CB  . LEU A 36 ? 0.4131 0.3899 0.4554 0.0226  0.0193  -0.0241 35 LEU A CB  
281 C CG  . LEU A 36 ? 0.4213 0.3923 0.4591 0.0162  0.0326  -0.0265 35 LEU A CG  
282 C CD1 . LEU A 36 ? 0.4397 0.3981 0.4595 0.0080  0.0293  -0.0284 35 LEU A CD1 
283 C CD2 . LEU A 36 ? 0.4461 0.4078 0.4706 0.0244  0.0491  -0.0190 35 LEU A CD2 
284 N N   . ILE A 37 ? 0.3987 0.3834 0.4290 0.0330  0.0303  -0.0277 36 ILE A N   
285 C CA  . ILE A 37 ? 0.4127 0.4070 0.4266 0.0374  0.0377  -0.0253 36 ILE A CA  
286 C C   . ILE A 37 ? 0.4278 0.4199 0.4361 0.0414  0.0446  -0.0370 36 ILE A C   
287 O O   . ILE A 37 ? 0.4515 0.4485 0.4504 0.0459  0.0596  -0.0336 36 ILE A O   
288 C CB  . ILE A 37 ? 0.4213 0.4326 0.4243 0.0331  0.0263  -0.0209 36 ILE A CB  
289 C CG1 . ILE A 37 ? 0.4118 0.4336 0.4229 0.0362  0.0280  -0.0071 36 ILE A CG1 
290 C CG2 . ILE A 37 ? 0.4514 0.4820 0.4322 0.0387  0.0272  -0.0183 36 ILE A CG2 
291 C CD1 . ILE A 37 ? 0.4052 0.4614 0.4215 0.0294  0.0177  -0.0014 36 ILE A CD1 
292 N N   . ASN A 38 ? 0.4319 0.4104 0.4417 0.0412  0.0375  -0.0501 37 ASN A N   
293 C CA  . ASN A 38 ? 0.4748 0.4454 0.4745 0.0499  0.0483  -0.0652 37 ASN A CA  
294 C C   . ASN A 38 ? 0.4689 0.4574 0.4949 0.0604  0.0661  -0.0652 37 ASN A C   
295 O O   . ASN A 38 ? 0.5013 0.4973 0.5155 0.0665  0.0846  -0.0715 37 ASN A O   
296 C CB  . ASN A 38 ? 0.4946 0.4306 0.4867 0.0510  0.0402  -0.0792 37 ASN A CB  
297 C CG  . ASN A 38 ? 0.5258 0.4465 0.4856 0.0312  0.0278  -0.0872 37 ASN A CG  
298 O OD1 . ASN A 38 ? 0.5820 0.4614 0.5279 0.0239  0.0227  -0.0993 37 ASN A OD1 
299 N ND2 . ASN A 38 ? 0.4404 0.3943 0.3878 0.0221  0.0229  -0.0799 37 ASN A ND2 
300 N N   . ASN A 39 ? 0.4471 0.4481 0.5078 0.0602  0.0607  -0.0588 38 ASN A N   
301 C CA  . ASN A 39 ? 0.4441 0.4784 0.5421 0.0644  0.0732  -0.0597 38 ASN A CA  
302 C C   . ASN A 39 ? 0.4397 0.4887 0.5423 0.0468  0.0868  -0.0511 38 ASN A C   
303 O O   . ASN A 39 ? 0.4479 0.5232 0.5696 0.0437  0.1070  -0.0523 38 ASN A O   
304 C CB  . ASN A 39 ? 0.4350 0.4863 0.5682 0.0694  0.0560  -0.0569 38 ASN A CB  
305 C CG  . ASN A 39 ? 0.4418 0.4707 0.5733 0.0920  0.0470  -0.0608 38 ASN A CG  
306 O OD1 . ASN A 39 ? 0.4812 0.4886 0.5968 0.1065  0.0596  -0.0722 38 ASN A OD1 
307 N ND2 . ASN A 39 ? 0.4634 0.4908 0.6053 0.0963  0.0266  -0.0514 38 ASN A ND2 
308 N N   . GLU A 40 ? 0.4450 0.4732 0.5296 0.0355  0.0789  -0.0422 39 GLU A N   
309 C CA  . GLU A 40 ? 0.4531 0.4751 0.5370 0.0182  0.0921  -0.0350 39 GLU A CA  
310 C C   . GLU A 40 ? 0.4795 0.4722 0.5235 0.0210  0.1070  -0.0216 39 GLU A C   
311 O O   . GLU A 40 ? 0.5064 0.4785 0.5418 0.0091  0.1252  -0.0133 39 GLU A O   
312 C CB  . GLU A 40 ? 0.4542 0.4675 0.5436 0.0062  0.0772  -0.0362 39 GLU A CB  
313 C CG  . GLU A 40 ? 0.4456 0.4903 0.5667 0.0068  0.0558  -0.0438 39 GLU A CG  
314 C CD  . GLU A 40 ? 0.4318 0.5270 0.5984 0.0040  0.0605  -0.0496 39 GLU A CD  
315 O OE1 . GLU A 40 ? 0.4332 0.5408 0.6117 -0.0139 0.0810  -0.0506 39 GLU A OE1 
316 O OE2 . GLU A 40 ? 0.3988 0.5232 0.5912 0.0206  0.0449  -0.0511 39 GLU A OE2 
317 N N   . LEU A 41 ? 0.4761 0.4654 0.4939 0.0358  0.0989  -0.0183 40 LEU A N   
318 C CA  . LEU A 41 ? 0.4945 0.4686 0.4747 0.0451  0.1075  -0.0009 40 LEU A CA  
319 C C   . LEU A 41 ? 0.5195 0.5065 0.4702 0.0540  0.1113  -0.0010 40 LEU A C   
320 O O   . LEU A 41 ? 0.5328 0.5226 0.4506 0.0652  0.1058  0.0122  40 LEU A O   
321 C CB  . LEU A 41 ? 0.4868 0.4573 0.4594 0.0542  0.0924  0.0078  40 LEU A CB  
322 C CG  . LEU A 41 ? 0.4681 0.4136 0.4500 0.0493  0.0967  0.0099  40 LEU A CG  
323 C CD1 . LEU A 41 ? 0.4603 0.4147 0.4429 0.0591  0.0835  0.0138  40 LEU A CD1 
324 C CD2 . LEU A 41 ? 0.5181 0.4216 0.4783 0.0505  0.1220  0.0239  40 LEU A CD2 
325 N N   . SER A 42 ? 0.5514 0.6030 0.4997 -0.0454 0.0937  0.0016  41 SER A N   
326 C CA  . SER A 42 ? 0.5805 0.6170 0.4942 -0.0371 0.1034  0.0029  41 SER A CA  
327 C C   . SER A 42 ? 0.6358 0.6326 0.5004 -0.0535 0.1144  0.0163  41 SER A C   
328 O O   . SER A 42 ? 0.6741 0.6462 0.4927 -0.0483 0.1138  0.0196  41 SER A O   
329 C CB  . SER A 42 ? 0.5734 0.6570 0.5135 -0.0291 0.1235  -0.0087 41 SER A CB  
330 O OG  . SER A 42 ? 0.5626 0.6837 0.5292 -0.0500 0.1437  -0.0096 41 SER A OG  
331 N N   . HIS A 43 ? 0.6567 0.6429 0.5251 -0.0750 0.1244  0.0245  42 HIS A N   
332 C CA  . HIS A 43 ? 0.7216 0.6598 0.5400 -0.0894 0.1350  0.0442  42 HIS A CA  
333 C C   . HIS A 43 ? 0.7366 0.6239 0.5312 -0.0784 0.1107  0.0635  42 HIS A C   
334 O O   . HIS A 43 ? 0.8011 0.6474 0.5474 -0.0814 0.1110  0.0862  42 HIS A O   
335 C CB  . HIS A 43 ? 0.7477 0.6871 0.5792 -0.1200 0.1615  0.0462  42 HIS A CB  
336 C CG  . HIS A 43 ? 0.7521 0.7473 0.6080 -0.1333 0.1891  0.0325  42 HIS A CG  
337 N ND1 . HIS A 43 ? 0.7073 0.7693 0.6272 -0.1341 0.1887  0.0136  42 HIS A ND1 
338 C CD2 . HIS A 43 ? 0.8171 0.8160 0.6444 -0.1452 0.2191  0.0360  42 HIS A CD2 
339 C CE1 . HIS A 43 ? 0.7178 0.8280 0.6582 -0.1431 0.2165  0.0065  42 HIS A CE1 
340 N NE2 . HIS A 43 ? 0.7960 0.8671 0.6801 -0.1509 0.2386  0.0180  42 HIS A NE2 
341 N N   . PHE A 44 ? 0.6905 0.5836 0.5205 -0.0647 0.0910  0.0568  43 PHE A N   
342 C CA  . PHE A 44 ? 0.7008 0.5555 0.5296 -0.0523 0.0727  0.0731  43 PHE A CA  
343 C C   . PHE A 44 ? 0.6756 0.5398 0.5052 -0.0305 0.0448  0.0740  43 PHE A C   
344 O O   . PHE A 44 ? 0.6930 0.5340 0.5102 -0.0192 0.0267  0.0941  43 PHE A O   
345 C CB  . PHE A 44 ? 0.6754 0.5248 0.5444 -0.0572 0.0781  0.0628  43 PHE A CB  
346 C CG  . PHE A 44 ? 0.7291 0.5545 0.5949 -0.0841 0.1039  0.0631  43 PHE A CG  
347 C CD1 . PHE A 44 ? 0.8108 0.6061 0.6388 -0.0975 0.1198  0.0822  43 PHE A CD1 
348 C CD2 . PHE A 44 ? 0.7232 0.5526 0.6180 -0.1001 0.1133  0.0438  43 PHE A CD2 
349 C CE1 . PHE A 44 ? 0.8732 0.6411 0.6991 -0.1273 0.1470  0.0824  43 PHE A CE1 
350 C CE2 . PHE A 44 ? 0.7741 0.5782 0.6655 -0.1316 0.1376  0.0404  43 PHE A CE2 
351 C CZ  . PHE A 44 ? 0.8298 0.6023 0.6903 -0.1454 0.1555  0.0599  43 PHE A CZ  
352 N N   . LEU A 45 ? 0.6354 0.5349 0.4830 -0.0252 0.0414  0.0537  44 LEU A N   
353 C CA  . LEU A 45 ? 0.6174 0.5257 0.4732 -0.0106 0.0192  0.0494  44 LEU A CA  
354 C C   . LEU A 45 ? 0.6229 0.5454 0.4574 -0.0101 0.0222  0.0346  44 LEU A C   
355 O O   . LEU A 45 ? 0.6021 0.5450 0.4471 -0.0121 0.0414  0.0217  44 LEU A O   
356 C CB  . LEU A 45 ? 0.5600 0.4844 0.4624 -0.0037 0.0162  0.0385  44 LEU A CB  
357 C CG  . LEU A 45 ? 0.5954 0.5023 0.5220 -0.0029 0.0188  0.0450  44 LEU A CG  
358 C CD1 . LEU A 45 ? 0.5292 0.4530 0.4888 0.0010  0.0191  0.0310  44 LEU A CD1 
359 C CD2 . LEU A 45 ? 0.6409 0.5234 0.5643 0.0084  0.0044  0.0668  44 LEU A CD2 
360 N N   . GLU A 46 ? 0.6511 0.5642 0.4592 -0.0074 0.0036  0.0357  45 GLU A N   
361 C CA  . GLU A 46 ? 0.6653 0.5796 0.4497 -0.0078 0.0075  0.0165  45 GLU A CA  
362 C C   . GLU A 46 ? 0.6178 0.5481 0.4450 0.0027  0.0150  0.0008  45 GLU A C   
363 O O   . GLU A 46 ? 0.5870 0.5249 0.4517 0.0084  0.0039  0.0041  45 GLU A O   
364 C CB  . GLU A 46 ? 0.7010 0.6042 0.4561 -0.0124 -0.0195 0.0168  45 GLU A CB  
365 C CG  . GLU A 46 ? 0.7916 0.6776 0.4747 -0.0253 -0.0220 0.0207  45 GLU A CG  
366 N N   . GLU A 47 ? 0.6179 0.5518 0.4382 0.0072  0.0358  -0.0144 46 GLU A N   
367 C CA  . GLU A 47 ? 0.5848 0.5299 0.4417 0.0219  0.0428  -0.0242 46 GLU A CA  
368 C C   . GLU A 47 ? 0.5749 0.5017 0.4376 0.0234  0.0245  -0.0274 46 GLU A C   
369 O O   . GLU A 47 ? 0.6000 0.5049 0.4303 0.0130  0.0130  -0.0336 46 GLU A O   
370 C CB  . GLU A 47 ? 0.6178 0.5616 0.4641 0.0312  0.0697  -0.0397 46 GLU A CB  
371 C CG  . GLU A 47 ? 0.5984 0.5574 0.4901 0.0532  0.0780  -0.0423 46 GLU A CG  
372 C CD  . GLU A 47 ? 0.6418 0.5923 0.5306 0.0698  0.1068  -0.0575 46 GLU A CD  
373 O OE1 . GLU A 47 ? 0.7113 0.6573 0.5686 0.0627  0.1270  -0.0678 46 GLU A OE1 
374 O OE2 . GLU A 47 ? 0.6662 0.6108 0.5826 0.0914  0.1119  -0.0582 46 GLU A OE2 
375 N N   . ILE A 48 ? 0.5253 0.4633 0.4265 0.0325  0.0213  -0.0228 47 ILE A N   
376 C CA  . ILE A 48 ? 0.5326 0.4529 0.4425 0.0317  0.0104  -0.0251 47 ILE A CA  
377 C C   . ILE A 48 ? 0.5574 0.4514 0.4605 0.0417  0.0246  -0.0372 47 ILE A C   
378 O O   . ILE A 48 ? 0.5452 0.4486 0.4681 0.0599  0.0385  -0.0337 47 ILE A O   
379 C CB  . ILE A 48 ? 0.4961 0.4327 0.4409 0.0345  0.0038  -0.0134 47 ILE A CB  
380 C CG1 . ILE A 48 ? 0.4826 0.4346 0.4354 0.0271  -0.0044 -0.0042 47 ILE A CG1 
381 C CG2 . ILE A 48 ? 0.5180 0.4368 0.4712 0.0292  -0.0033 -0.0152 47 ILE A CG2 
382 C CD1 . ILE A 48 ? 0.4631 0.4286 0.4437 0.0287  -0.0032 0.0021  47 ILE A CD1 
383 N N   . LYS A 49 ? 0.5920 0.4529 0.4680 0.0292  0.0207  -0.0513 48 LYS A N   
384 C CA  . LYS A 49 ? 0.6512 0.4708 0.5160 0.0360  0.0380  -0.0663 48 LYS A CA  
385 C C   . LYS A 49 ? 0.6714 0.4612 0.5417 0.0222  0.0296  -0.0701 48 LYS A C   
386 O O   . LYS A 49 ? 0.7230 0.4699 0.5902 0.0291  0.0465  -0.0779 48 LYS A O   
387 C CB  . LYS A 49 ? 0.7048 0.4977 0.5208 0.0289  0.0520  -0.0891 48 LYS A CB  
388 C CG  . LYS A 49 ? 0.6985 0.5142 0.5123 0.0443  0.0729  -0.0882 48 LYS A CG  
389 C CD  . LYS A 49 ? 0.8009 0.5892 0.5549 0.0317  0.0884  -0.1116 48 LYS A CD  
390 C CE  . LYS A 49 ? 0.8387 0.6449 0.5977 0.0499  0.1218  -0.1148 48 LYS A CE  
391 N NZ  . LYS A 49 ? 0.9380 0.7252 0.6299 0.0327  0.1374  -0.1337 48 LYS A NZ  
392 N N   . GLU A 50 ? 0.6513 0.4619 0.5328 0.0029  0.0064  -0.0643 49 GLU A N   
393 C CA  . GLU A 50 ? 0.6745 0.4648 0.5666 -0.0165 -0.0002 -0.0697 49 GLU A CA  
394 C C   . GLU A 50 ? 0.6218 0.4363 0.5575 -0.0112 -0.0023 -0.0491 49 GLU A C   
395 O O   . GLU A 50 ? 0.5718 0.4255 0.5263 -0.0038 -0.0102 -0.0353 49 GLU A O   
396 C CB  . GLU A 50 ? 0.7001 0.5038 0.5780 -0.0461 -0.0257 -0.0808 49 GLU A CB  
397 C CG  . GLU A 50 ? 0.7961 0.5731 0.6154 -0.0607 -0.0265 -0.1050 49 GLU A CG  
398 C CD  . GLU A 50 ? 0.9196 0.6309 0.7093 -0.0671 -0.0021 -0.1314 49 GLU A CD  
399 O OE1 . GLU A 50 ? 0.9670 0.6503 0.7744 -0.0807 0.0020  -0.1366 49 GLU A OE1 
400 O OE2 . GLU A 50 ? 0.9893 0.6721 0.7359 -0.0595 0.0168  -0.1478 49 GLU A OE2 
401 N N   . GLN A 51 ? 0.6342 0.4188 0.5804 -0.0172 0.0080  -0.0481 50 GLN A N   
402 C CA  . GLN A 51 ? 0.6082 0.4095 0.5862 -0.0160 0.0112  -0.0297 50 GLN A CA  
403 C C   . GLN A 51 ? 0.5638 0.4126 0.5740 -0.0316 -0.0056 -0.0264 50 GLN A C   
404 O O   . GLN A 51 ? 0.5347 0.4115 0.5673 -0.0231 -0.0026 -0.0129 50 GLN A O   
405 C CB  . GLN A 51 ? 0.6558 0.4084 0.6332 -0.0265 0.0272  -0.0293 50 GLN A CB  
406 C CG  . GLN A 51 ? 0.6592 0.4210 0.6568 -0.0241 0.0369  -0.0079 50 GLN A CG  
407 C CD  . GLN A 51 ? 0.6581 0.4285 0.6455 0.0066  0.0428  0.0116  50 GLN A CD  
408 O OE1 . GLN A 51 ? 0.7390 0.4775 0.7089 0.0270  0.0519  0.0173  50 GLN A OE1 
409 N NE2 . GLN A 51 ? 0.5900 0.4041 0.5899 0.0095  0.0383  0.0214  50 GLN A NE2 
410 N N   . GLU A 52 ? 0.5811 0.4403 0.5948 -0.0540 -0.0231 -0.0393 51 GLU A N   
411 C CA  . GLU A 52 ? 0.5511 0.4626 0.6077 -0.0636 -0.0400 -0.0323 51 GLU A CA  
412 C C   . GLU A 52 ? 0.5110 0.4553 0.5736 -0.0430 -0.0481 -0.0197 51 GLU A C   
413 O O   . GLU A 52 ? 0.4790 0.4588 0.5830 -0.0390 -0.0506 -0.0090 51 GLU A O   
414 C CB  . GLU A 52 ? 0.5945 0.5218 0.6592 -0.0934 -0.0632 -0.0458 51 GLU A CB  
415 C CG  . GLU A 52 ? 0.6548 0.5747 0.6725 -0.0992 -0.0826 -0.0582 51 GLU A CG  
416 C CD  . GLU A 52 ? 0.7266 0.6750 0.7555 -0.1328 -0.1116 -0.0698 51 GLU A CD  
417 O OE1 . GLU A 52 ? 0.7901 0.7015 0.7868 -0.1600 -0.1104 -0.0937 51 GLU A OE1 
418 O OE2 . GLU A 52 ? 0.7319 0.7412 0.8071 -0.1326 -0.1348 -0.0550 51 GLU A OE2 
419 N N   . VAL A 53 ? 0.5093 0.4380 0.5325 -0.0300 -0.0474 -0.0216 52 VAL A N   
420 C CA  . VAL A 53 ? 0.4894 0.4384 0.5122 -0.0141 -0.0507 -0.0102 52 VAL A CA  
421 C C   . VAL A 53 ? 0.4714 0.4222 0.5078 0.0001  -0.0317 -0.0021 52 VAL A C   
422 O O   . VAL A 53 ? 0.4457 0.4163 0.5058 0.0060  -0.0307 0.0061  52 VAL A O   
423 C CB  . VAL A 53 ? 0.5045 0.4398 0.4805 -0.0108 -0.0538 -0.0150 52 VAL A CB  
424 C CG1 . VAL A 53 ? 0.4709 0.4202 0.4476 0.0020  -0.0519 -0.0015 52 VAL A CG1 
425 C CG2 . VAL A 53 ? 0.5458 0.4825 0.4983 -0.0288 -0.0762 -0.0226 52 VAL A CG2 
426 N N   . VAL A 54 ? 0.4863 0.4159 0.5077 0.0057  -0.0168 -0.0043 53 VAL A N   
427 C CA  . VAL A 54 ? 0.4880 0.4229 0.5159 0.0149  -0.0030 0.0042  53 VAL A CA  
428 C C   . VAL A 54 ? 0.4717 0.4207 0.5301 0.0074  0.0023  0.0085  53 VAL A C   
429 O O   . VAL A 54 ? 0.4548 0.4185 0.5221 0.0116  0.0092  0.0114  53 VAL A O   
430 C CB  . VAL A 54 ? 0.5170 0.4261 0.5283 0.0224  0.0081  0.0075  53 VAL A CB  
431 C CG1 . VAL A 54 ? 0.5517 0.4709 0.5615 0.0295  0.0169  0.0197  53 VAL A CG1 
432 C CG2 . VAL A 54 ? 0.5518 0.4506 0.5428 0.0348  0.0092  0.0025  53 VAL A CG2 
433 N N   . ASP A 55 ? 0.4825 0.4249 0.5566 -0.0060 0.0025  0.0064  54 ASP A N   
434 C CA  . ASP A 55 ? 0.4725 0.4312 0.5817 -0.0157 0.0129  0.0098  54 ASP A CA  
435 C C   . ASP A 55 ? 0.4524 0.4470 0.5989 -0.0110 0.0070  0.0110  54 ASP A C   
436 O O   . ASP A 55 ? 0.4433 0.4494 0.6079 -0.0062 0.0242  0.0134  54 ASP A O   
437 C CB  . ASP A 55 ? 0.4920 0.4411 0.6163 -0.0368 0.0115  0.0050  54 ASP A CB  
438 C CG  . ASP A 55 ? 0.5200 0.4216 0.6114 -0.0395 0.0256  0.0075  54 ASP A CG  
439 O OD1 . ASP A 55 ? 0.5028 0.3881 0.5646 -0.0221 0.0343  0.0169  54 ASP A OD1 
440 O OD2 . ASP A 55 ? 0.5434 0.4234 0.6396 -0.0596 0.0273  0.0010  54 ASP A OD2 
441 N N   . LYS A 56 ? 0.4516 0.4597 0.6052 -0.0109 -0.0157 0.0101  55 LYS A N   
442 C CA  . LYS A 56 ? 0.4510 0.4898 0.6419 -0.0011 -0.0244 0.0175  55 LYS A CA  
443 C C   . LYS A 56 ? 0.4408 0.4676 0.6178 0.0157  -0.0110 0.0206  55 LYS A C   
444 O O   . LYS A 56 ? 0.4384 0.4774 0.6500 0.0253  0.0014  0.0240  55 LYS A O   
445 C CB  . LYS A 56 ? 0.4696 0.5227 0.6575 -0.0045 -0.0556 0.0208  55 LYS A CB  
446 C CG  . LYS A 56 ? 0.5073 0.5998 0.7466 0.0069  -0.0699 0.0349  55 LYS A CG  
447 C CD  . LYS A 56 ? 0.5408 0.6792 0.8432 -0.0064 -0.0764 0.0345  55 LYS A CD  
448 C CE  . LYS A 56 ? 0.5446 0.7240 0.9196 0.0135  -0.0699 0.0480  55 LYS A CE  
449 N NZ  . LYS A 56 ? 0.5579 0.7939 1.0046 -0.0021 -0.0748 0.0470  55 LYS A NZ  
450 N N   . VAL A 57 ? 0.4413 0.4444 0.5715 0.0180  -0.0114 0.0178  56 VAL A N   
451 C CA  . VAL A 57 ? 0.4458 0.4378 0.5615 0.0263  0.0002  0.0178  56 VAL A CA  
452 C C   . VAL A 57 ? 0.4410 0.4310 0.5625 0.0251  0.0238  0.0119  56 VAL A C   
453 O O   . VAL A 57 ? 0.4441 0.4314 0.5820 0.0308  0.0377  0.0100  56 VAL A O   
454 C CB  . VAL A 57 ? 0.4502 0.4287 0.5235 0.0250  -0.0029 0.0150  56 VAL A CB  
455 C CG1 . VAL A 57 ? 0.4553 0.4261 0.5164 0.0252  0.0108  0.0114  56 VAL A CG1 
456 C CG2 . VAL A 57 ? 0.4751 0.4514 0.5344 0.0252  -0.0207 0.0201  56 VAL A CG2 
457 N N   . MET A 58 ? 0.4386 0.4254 0.5428 0.0179  0.0302  0.0097  57 MET A N   
458 C CA  . MET A 58 ? 0.4502 0.4347 0.5481 0.0135  0.0527  0.0058  57 MET A CA  
459 C C   . MET A 58 ? 0.4570 0.4540 0.5990 0.0144  0.0695  0.0041  57 MET A C   
460 O O   . MET A 58 ? 0.4570 0.4486 0.5974 0.0155  0.0918  -0.0038 57 MET A O   
461 C CB  . MET A 58 ? 0.4682 0.4440 0.5399 0.0073  0.0555  0.0112  57 MET A CB  
462 C CG  . MET A 58 ? 0.5035 0.4753 0.5515 0.0008  0.0774  0.0101  57 MET A CG  
463 S SD  . MET A 58 ? 0.5151 0.4873 0.5225 -0.0012 0.0794  -0.0001 57 MET A SD  
464 C CE  . MET A 58 ? 0.4947 0.4724 0.4674 0.0033  0.0572  0.0127  57 MET A CE  
465 N N   . GLU A 59 ? 0.4478 0.4641 0.6314 0.0127  0.0600  0.0096  58 GLU A N   
466 C CA  . GLU A 59 ? 0.4695 0.5121 0.7119 0.0151  0.0754  0.0100  58 GLU A CA  
467 C C   . GLU A 59 ? 0.4642 0.5077 0.7313 0.0338  0.0822  0.0094  58 GLU A C   
468 O O   . GLU A 59 ? 0.4782 0.5250 0.7725 0.0404  0.1113  0.0034  58 GLU A O   
469 C CB  . GLU A 59 ? 0.4643 0.5376 0.7512 0.0066  0.0555  0.0159  58 GLU A CB  
470 C CG  . GLU A 59 ? 0.4891 0.6076 0.8545 0.0099  0.0659  0.0189  58 GLU A CG  
471 C CD  . GLU A 59 ? 0.4955 0.6543 0.9058 -0.0038 0.0376  0.0237  58 GLU A CD  
472 O OE1 . GLU A 59 ? 0.5361 0.7383 1.0043 0.0084  0.0199  0.0327  58 GLU A OE1 
473 O OE2 . GLU A 59 ? 0.5469 0.6935 0.9348 -0.0274 0.0323  0.0191  58 GLU A OE2 
474 N N   . THR A 60 ? 0.4561 0.4895 0.7089 0.0423  0.0595  0.0155  59 THR A N   
475 C CA  . THR A 60 ? 0.4794 0.5014 0.7504 0.0606  0.0651  0.0194  59 THR A CA  
476 C C   . THR A 60 ? 0.4952 0.4798 0.7304 0.0585  0.0949  0.0036  59 THR A C   
477 O O   . THR A 60 ? 0.5194 0.4907 0.7814 0.0715  0.1200  -0.0012 59 THR A O   
478 C CB  . THR A 60 ? 0.4846 0.5008 0.7392 0.0661  0.0339  0.0332  59 THR A CB  
479 O OG1 . THR A 60 ? 0.5046 0.5571 0.7870 0.0634  0.0054  0.0441  59 THR A OG1 
480 C CG2 . THR A 60 ? 0.5054 0.5012 0.7775 0.0862  0.0402  0.0434  59 THR A CG2 
481 N N   . LEU A 61 ? 0.4871 0.4563 0.6644 0.0421  0.0928  -0.0054 60 LEU A N   
482 C CA  . LEU A 61 ? 0.5134 0.4530 0.6496 0.0331  0.1129  -0.0221 60 LEU A CA  
483 C C   . LEU A 61 ? 0.5365 0.4728 0.6567 0.0233  0.1423  -0.0376 60 LEU A C   
484 O O   . LEU A 61 ? 0.5663 0.4758 0.6586 0.0155  0.1651  -0.0560 60 LEU A O   
485 C CB  . LEU A 61 ? 0.4962 0.4337 0.5837 0.0196  0.0939  -0.0231 60 LEU A CB  
486 C CG  . LEU A 61 ? 0.4959 0.4313 0.5844 0.0247  0.0717  -0.0112 60 LEU A CG  
487 C CD1 . LEU A 61 ? 0.5102 0.4494 0.5587 0.0106  0.0627  -0.0163 60 LEU A CD1 
488 C CD2 . LEU A 61 ? 0.5341 0.4424 0.6417 0.0352  0.0807  -0.0073 60 LEU A CD2 
489 N N   . ASP A 62 ? 0.5214 0.4803 0.6526 0.0201  0.1438  -0.0314 61 ASP A N   
490 C CA  . ASP A 62 ? 0.5579 0.5128 0.6611 0.0075  0.1720  -0.0422 61 ASP A CA  
491 C C   . ASP A 62 ? 0.5853 0.5413 0.7321 0.0158  0.2106  -0.0521 61 ASP A C   
492 O O   . ASP A 62 ? 0.5849 0.5649 0.7662 0.0150  0.2236  -0.0460 61 ASP A O   
493 C CB  . ASP A 62 ? 0.5481 0.5174 0.6342 -0.0022 0.1605  -0.0284 61 ASP A CB  
494 C CG  . ASP A 62 ? 0.5971 0.5606 0.6493 -0.0160 0.1907  -0.0336 61 ASP A CG  
495 O OD1 . ASP A 62 ? 0.6557 0.6017 0.6653 -0.0241 0.2106  -0.0508 61 ASP A OD1 
496 O OD2 . ASP A 62 ? 0.6344 0.6073 0.6980 -0.0218 0.1959  -0.0214 61 ASP A OD2 
497 N N   . SER A 63 ? 0.6144 0.5423 0.7610 0.0227  0.2325  -0.0684 62 SER A N   
498 C CA  . SER A 63 ? 0.6523 0.5747 0.8458 0.0372  0.2750  -0.0803 62 SER A CA  
499 C C   . SER A 63 ? 0.6923 0.6167 0.8646 0.0236  0.3162  -0.0952 62 SER A C   
500 O O   . SER A 63 ? 0.7095 0.6539 0.9439 0.0368  0.3483  -0.0965 62 SER A O   
501 C CB  . SER A 63 ? 0.6910 0.5641 0.8715 0.0443  0.2947  -0.0986 62 SER A CB  
502 O OG  . SER A 63 ? 0.6890 0.5544 0.8802 0.0539  0.2610  -0.0831 62 SER A OG  
503 N N   . ASP A 64 ? 0.7218 0.6286 0.8078 -0.0024 0.3177  -0.1057 63 ASP A N   
504 C CA  . ASP A 64 ? 0.7826 0.6853 0.8315 -0.0184 0.3592  -0.1189 63 ASP A CA  
505 C C   . ASP A 64 ? 0.7582 0.6921 0.8092 -0.0282 0.3494  -0.0952 63 ASP A C   
506 O O   . ASP A 64 ? 0.8143 0.7445 0.8259 -0.0445 0.3807  -0.0993 63 ASP A O   
507 C CB  . ASP A 64 ? 0.8451 0.7105 0.7918 -0.0438 0.3711  -0.1441 63 ASP A CB  
508 C CG  . ASP A 64 ? 0.8369 0.7096 0.7215 -0.0602 0.3228  -0.1303 63 ASP A CG  
509 O OD1 . ASP A 64 ? 0.7376 0.6372 0.6459 -0.0533 0.2895  -0.1019 63 ASP A OD1 
510 O OD2 . ASP A 64 ? 0.9160 0.7690 0.7297 -0.0807 0.3189  -0.1493 63 ASP A OD2 
511 N N   . GLY A 65 ? 0.6879 0.6241 0.9647 -0.0902 0.3570  -0.0348 64 GLY A N   
512 C CA  . GLY A 65 ? 0.6985 0.6324 0.9945 -0.1209 0.3506  -0.0195 64 GLY A CA  
513 C C   . GLY A 65 ? 0.7664 0.6198 0.9357 -0.1332 0.3608  -0.0173 64 GLY A C   
514 O O   . GLY A 65 ? 0.8154 0.6524 0.9966 -0.1596 0.3871  -0.0020 64 GLY A O   
515 N N   . ASP A 66 ? 0.7755 0.5812 0.8317 -0.1161 0.3374  -0.0271 65 ASP A N   
516 C CA  . ASP A 66 ? 0.8475 0.5801 0.7870 -0.1225 0.3344  -0.0171 65 ASP A CA  
517 C C   . ASP A 66 ? 0.8263 0.5445 0.7487 -0.1178 0.2800  -0.0114 65 ASP A C   
518 O O   . ASP A 66 ? 0.8841 0.5457 0.7216 -0.1135 0.2696  0.0020  65 ASP A O   
519 C CB  . ASP A 66 ? 0.9043 0.5894 0.7289 -0.1110 0.3385  -0.0230 65 ASP A CB  
520 C CG  . ASP A 66 ? 0.8497 0.5620 0.6715 -0.0906 0.2856  -0.0336 65 ASP A CG  
521 O OD1 . ASP A 66 ? 0.7698 0.5321 0.6689 -0.0803 0.2540  -0.0375 65 ASP A OD1 
522 O OD2 . ASP A 66 ? 0.9007 0.5791 0.6368 -0.0891 0.2745  -0.0367 65 ASP A OD2 
523 N N   . GLY A 67 ? 0.7608 0.5215 0.7566 -0.1162 0.2473  -0.0192 66 GLY A N   
524 C CA  . GLY A 67 ? 0.7645 0.4921 0.7307 -0.1107 0.2088  -0.0176 66 GLY A CA  
525 C C   . GLY A 67 ? 0.7432 0.4675 0.6648 -0.0764 0.1803  -0.0193 66 GLY A C   
526 O O   . GLY A 67 ? 0.7558 0.4449 0.6495 -0.0631 0.1611  -0.0161 66 GLY A O   
527 N N   . GLU A 68 ? 0.7113 0.4655 0.6260 -0.0630 0.1814  -0.0230 67 GLU A N   
528 C CA  . GLU A 68 ? 0.6934 0.4591 0.5873 -0.0368 0.1530  -0.0191 67 GLU A CA  
529 C C   . GLU A 68 ? 0.6419 0.4575 0.5772 -0.0320 0.1464  -0.0337 67 GLU A C   
530 O O   . GLU A 68 ? 0.6342 0.4677 0.6037 -0.0438 0.1677  -0.0452 67 GLU A O   
531 C CB  . GLU A 68 ? 0.7464 0.4839 0.5721 -0.0316 0.1467  0.0003  67 GLU A CB  
532 C CG  . GLU A 68 ? 0.8259 0.5050 0.6046 -0.0281 0.1496  0.0230  67 GLU A CG  
533 C CD  . GLU A 68 ? 0.8808 0.5472 0.6118 -0.0109 0.1228  0.0527  67 GLU A CD  
534 O OE1 . GLU A 68 ? 0.8645 0.5756 0.6297 0.0096  0.0950  0.0607  67 GLU A OE1 
535 O OE2 . GLU A 68 ? 0.9821 0.5962 0.6461 -0.0194 0.1277  0.0727  67 GLU A OE2 
536 N N   . CYS A 69 ? 0.6133 0.4494 0.5529 -0.0130 0.1225  -0.0298 68 CYS A N   
537 C CA  . CYS A 69 ? 0.5682 0.4419 0.5398 -0.0101 0.1153  -0.0404 68 CYS A CA  
538 C C   . CYS A 69 ? 0.5927 0.4673 0.5288 -0.0152 0.1031  -0.0344 68 CYS A C   
539 O O   . CYS A 69 ? 0.5960 0.4825 0.5277 -0.0053 0.0794  -0.0148 68 CYS A O   
540 C CB  . CYS A 69 ? 0.5373 0.4298 0.5385 0.0078  0.1005  -0.0390 68 CYS A CB  
541 S SG  . CYS A 69 ? 0.5008 0.4291 0.5394 0.0087  0.0948  -0.0485 68 CYS A SG  
542 N N   . ASP A 70 ? 0.6185 0.4765 0.5300 -0.0316 0.1195  -0.0493 69 ASP A N   
543 C CA  . ASP A 70 ? 0.6672 0.5051 0.5210 -0.0477 0.1023  -0.0487 69 ASP A CA  
544 C C   . ASP A 70 ? 0.6294 0.4944 0.5189 -0.0483 0.0867  -0.0557 69 ASP A C   
545 O O   . ASP A 70 ? 0.5696 0.4665 0.5227 -0.0322 0.0923  -0.0589 69 ASP A O   
546 C CB  . ASP A 70 ? 0.7582 0.5321 0.5295 -0.0679 0.1344  -0.0628 69 ASP A CB  
547 C CG  . ASP A 70 ? 0.7800 0.5433 0.5800 -0.0649 0.1816  -0.0870 69 ASP A CG  
548 O OD1 . ASP A 70 ? 0.7411 0.5368 0.6042 -0.0538 0.1770  -0.0942 69 ASP A OD1 
549 O OD2 . ASP A 70 ? 0.8443 0.5619 0.6024 -0.0716 0.2286  -0.0953 69 ASP A OD2 
550 N N   . PHE A 71 ? 0.6760 0.5210 0.5171 -0.0713 0.0629  -0.0557 70 PHE A N   
551 C CA  . PHE A 71 ? 0.6488 0.5198 0.5285 -0.0776 0.0434  -0.0561 70 PHE A CA  
552 C C   . PHE A 71 ? 0.6374 0.4901 0.5383 -0.0713 0.0767  -0.0801 70 PHE A C   
553 O O   . PHE A 71 ? 0.5803 0.4644 0.5372 -0.0626 0.0709  -0.0757 70 PHE A O   
554 C CB  . PHE A 71 ? 0.7247 0.5761 0.5505 -0.1142 0.0008  -0.0488 70 PHE A CB  
555 C CG  . PHE A 71 ? 0.6968 0.5828 0.5777 -0.1260 -0.0210 -0.0426 70 PHE A CG  
556 C CD1 . PHE A 71 ? 0.6107 0.5762 0.5879 -0.1072 -0.0353 -0.0129 70 PHE A CD1 
557 C CD2 . PHE A 71 ? 0.7843 0.6127 0.6169 -0.1553 -0.0182 -0.0660 70 PHE A CD2 
558 C CE1 . PHE A 71 ? 0.6060 0.6045 0.6397 -0.1198 -0.0469 -0.0033 70 PHE A CE1 
559 C CE2 . PHE A 71 ? 0.7583 0.6129 0.6426 -0.1707 -0.0363 -0.0580 70 PHE A CE2 
560 C CZ  . PHE A 71 ? 0.6804 0.6256 0.6696 -0.1544 -0.0508 -0.0250 70 PHE A CZ  
561 N N   . GLN A 72 ? 0.6971 0.4968 0.5556 -0.0727 0.1160  -0.1011 71 GLN A N   
562 C CA  . GLN A 72 ? 0.6938 0.4796 0.5893 -0.0576 0.1524  -0.1169 71 GLN A CA  
563 C C   . GLN A 72 ? 0.6076 0.4546 0.5994 -0.0296 0.1558  -0.1054 71 GLN A C   
564 O O   . GLN A 72 ? 0.5858 0.4484 0.6282 -0.0161 0.1552  -0.1036 71 GLN A O   
565 C CB  . GLN A 72 ? 0.7917 0.5071 0.6294 -0.0598 0.2059  -0.1374 71 GLN A CB  
566 C CG  . GLN A 72 ? 0.9221 0.5453 0.6304 -0.0930 0.2039  -0.1549 71 GLN A CG  
567 C CD  . GLN A 72 ? 0.9827 0.5682 0.6769 -0.1054 0.1931  -0.1673 71 GLN A CD  
568 N N   . GLU A 73 ? 0.5769 0.4478 0.5825 -0.0248 0.1549  -0.0961 72 GLU A N   
569 C CA  . GLU A 73 ? 0.5165 0.4313 0.5909 -0.0090 0.1461  -0.0857 72 GLU A CA  
570 C C   . GLU A 73 ? 0.4821 0.4210 0.5683 -0.0016 0.1141  -0.0746 72 GLU A C   
571 O O   . GLU A 73 ? 0.4582 0.4134 0.5822 0.0095  0.1058  -0.0702 72 GLU A O   
572 C CB  . GLU A 73 ? 0.5186 0.4354 0.5910 -0.0135 0.1528  -0.0800 72 GLU A CB  
573 C CG  . GLU A 73 ? 0.5436 0.4476 0.6320 -0.0184 0.1966  -0.0858 72 GLU A CG  
574 C CD  . GLU A 73 ? 0.5913 0.4763 0.6454 -0.0316 0.2089  -0.0793 72 GLU A CD  
575 O OE1 . GLU A 73 ? 0.5869 0.4603 0.5955 -0.0343 0.1819  -0.0708 72 GLU A OE1 
576 O OE2 . GLU A 73 ? 0.6341 0.5135 0.7106 -0.0375 0.2506  -0.0790 72 GLU A OE2 
577 N N   . PHE A 74 ? 0.4835 0.4239 0.5385 -0.0078 0.0970  -0.0662 73 PHE A N   
578 C CA  . PHE A 74 ? 0.4647 0.4304 0.5407 0.0013  0.0806  -0.0517 73 PHE A CA  
579 C C   . PHE A 74 ? 0.4597 0.4247 0.5548 -0.0008 0.0813  -0.0543 73 PHE A C   
580 O O   . PHE A 74 ? 0.4546 0.4295 0.5683 0.0115  0.0798  -0.0452 73 PHE A O   
581 C CB  . PHE A 74 ? 0.4801 0.4631 0.5472 -0.0045 0.0628  -0.0335 73 PHE A CB  
582 C CG  . PHE A 74 ? 0.4521 0.4704 0.5601 0.0067  0.0578  -0.0128 73 PHE A CG  
583 C CD1 . PHE A 74 ? 0.4417 0.4616 0.5592 0.0334  0.0728  -0.0035 73 PHE A CD1 
584 C CD2 . PHE A 74 ? 0.4366 0.4783 0.5685 -0.0123 0.0425  -0.0017 73 PHE A CD2 
585 C CE1 . PHE A 74 ? 0.4509 0.4961 0.6025 0.0479  0.0840  0.0174  73 PHE A CE1 
586 C CE2 . PHE A 74 ? 0.4437 0.5254 0.6287 -0.0028 0.0472  0.0226  73 PHE A CE2 
587 C CZ  . PHE A 74 ? 0.4524 0.5371 0.6484 0.0309  0.0735  0.0330  73 PHE A CZ  
588 N N   . MET A 75 ? 0.4943 0.4326 0.5701 -0.0177 0.0863  -0.0666 74 MET A N   
589 C CA  . MET A 75 ? 0.5068 0.4272 0.5938 -0.0209 0.0904  -0.0694 74 MET A CA  
590 C C   . MET A 75 ? 0.4851 0.4038 0.6072 0.0027  0.1028  -0.0693 74 MET A C   
591 O O   . MET A 75 ? 0.4849 0.4014 0.6229 0.0097  0.0984  -0.0590 74 MET A O   
592 C CB  . MET A 75 ? 0.5736 0.4394 0.6124 -0.0454 0.0977  -0.0872 74 MET A CB  
593 C CG  . MET A 75 ? 0.6183 0.4832 0.6254 -0.0808 0.0667  -0.0807 74 MET A CG  
594 S SD  . MET A 75 ? 0.6269 0.5442 0.6970 -0.0877 0.0460  -0.0526 74 MET A SD  
595 C CE  . MET A 75 ? 0.6324 0.4954 0.7019 -0.0849 0.0690  -0.0631 74 MET A CE  
596 N N   . ALA A 76 ? 0.4793 0.4010 0.6179 0.0127  0.1156  -0.0756 75 ALA A N   
597 C CA  . ALA A 76 ? 0.4644 0.4022 0.6560 0.0319  0.1139  -0.0666 75 ALA A CA  
598 C C   . ALA A 76 ? 0.4453 0.4022 0.6338 0.0365  0.0846  -0.0516 75 ALA A C   
599 O O   . ALA A 76 ? 0.4576 0.4132 0.6633 0.0468  0.0695  -0.0387 75 ALA A O   
600 C CB  . ALA A 76 ? 0.4746 0.4263 0.7019 0.0351  0.1322  -0.0705 75 ALA A CB  
601 N N   . PHE A 77 ? 0.4318 0.3944 0.5883 0.0303  0.0786  -0.0522 76 PHE A N   
602 C CA  . PHE A 77 ? 0.4456 0.4017 0.5730 0.0361  0.0641  -0.0425 76 PHE A CA  
603 C C   . PHE A 77 ? 0.4576 0.4043 0.5703 0.0412  0.0672  -0.0309 76 PHE A C   
604 O O   . PHE A 77 ? 0.4906 0.4165 0.5800 0.0479  0.0571  -0.0210 76 PHE A O   
605 C CB  . PHE A 77 ? 0.4420 0.3962 0.5416 0.0350  0.0701  -0.0440 76 PHE A CB  
606 C CG  . PHE A 77 ? 0.4929 0.4198 0.5482 0.0454  0.0697  -0.0374 76 PHE A CG  
607 C CD1 . PHE A 77 ? 0.5385 0.4328 0.5604 0.0438  0.0524  -0.0379 76 PHE A CD1 
608 C CD2 . PHE A 77 ? 0.5062 0.4318 0.5472 0.0570  0.0872  -0.0292 76 PHE A CD2 
609 C CE1 . PHE A 77 ? 0.5718 0.4136 0.5220 0.0510  0.0584  -0.0368 76 PHE A CE1 
610 C CE2 . PHE A 77 ? 0.5447 0.4276 0.5351 0.0730  0.1024  -0.0247 76 PHE A CE2 
611 C CZ  . PHE A 77 ? 0.5844 0.4155 0.5165 0.0685  0.0908  -0.0321 76 PHE A CZ  
612 N N   . VAL A 78 ? 0.4422 0.3997 0.5638 0.0332  0.0785  -0.0296 77 VAL A N   
613 C CA  . VAL A 78 ? 0.4587 0.4121 0.5812 0.0309  0.0854  -0.0154 77 VAL A CA  
614 C C   . VAL A 78 ? 0.4852 0.4103 0.6093 0.0349  0.0814  -0.0119 77 VAL A C   
615 O O   . VAL A 78 ? 0.5189 0.4245 0.6212 0.0409  0.0835  0.0042  77 VAL A O   
616 C CB  . VAL A 78 ? 0.4560 0.4285 0.5996 0.0097  0.0870  -0.0133 77 VAL A CB  
617 C CG1 . VAL A 78 ? 0.4884 0.4595 0.6462 0.0001  0.0954  0.0046  77 VAL A CG1 
618 C CG2 . VAL A 78 ? 0.4400 0.4468 0.5934 0.0102  0.0843  -0.0060 77 VAL A CG2 
619 N N   . ALA A 79 ? 0.4672 0.3836 0.6139 0.0347  0.0810  -0.0238 78 ALA A N   
620 C CA  . ALA A 79 ? 0.4948 0.3859 0.6588 0.0476  0.0783  -0.0152 78 ALA A CA  
621 C C   . ALA A 79 ? 0.4995 0.3922 0.6559 0.0616  0.0526  0.0020  78 ALA A C   
622 O O   . ALA A 79 ? 0.5456 0.4111 0.6864 0.0693  0.0432  0.0214  78 ALA A O   
623 C CB  . ALA A 79 ? 0.4964 0.3794 0.6959 0.0539  0.0936  -0.0288 78 ALA A CB  
624 N N   . MET A 80 ? 0.4564 0.4751 0.7556 0.0330  0.0422  -0.1298 79 MET A N   
625 C CA  . MET A 80 ? 0.5105 0.5202 0.7871 0.0186  0.0157  -0.1477 79 MET A CA  
626 C C   . MET A 80 ? 0.5699 0.5043 0.7627 0.0210  0.0213  -0.1518 79 MET A C   
627 O O   . MET A 80 ? 0.6251 0.5601 0.7678 0.0339  -0.0060 -0.1599 79 MET A O   
628 C CB  . MET A 80 ? 0.5269 0.5411 0.8405 -0.0273 0.0303  -0.1651 79 MET A CB  
629 C CG  . MET A 80 ? 0.4877 0.6054 0.8910 -0.0415 0.0231  -0.1594 79 MET A CG  
630 S SD  . MET A 80 ? 0.5870 0.6425 1.0055 -0.1192 0.0764  -0.1767 79 MET A SD  
631 C CE  . MET A 80 ? 0.5001 0.6871 1.0356 -0.1002 0.0854  -0.1396 79 MET A CE  
632 N N   . ILE A 81 ? 0.5701 0.4715 0.7438 0.0245  0.0608  -0.1370 80 ILE A N   
633 C CA  . ILE A 81 ? 0.6285 0.4771 0.7217 0.0389  0.0765  -0.1299 80 ILE A CA  
634 C C   . ILE A 81 ? 0.6522 0.4981 0.7109 0.0427  0.0678  -0.1169 80 ILE A C   
635 O O   . ILE A 81 ? 0.7281 0.5298 0.7188 0.0605  0.0587  -0.1161 80 ILE A O   
636 C CB  . ILE A 81 ? 0.6245 0.4966 0.7060 0.0679  0.1317  -0.0966 80 ILE A CB  
637 C CG1 . ILE A 81 ? 0.6705 0.4674 0.7368 0.0824  0.1729  -0.0980 80 ILE A CG1 
638 C CG2 . ILE A 81 ? 0.6785 0.5370 0.6794 0.0969  0.1529  -0.0748 80 ILE A CG2 
639 C CD1 . ILE A 81 ? 0.6615 0.5095 0.7132 0.1538  0.2445  -0.0413 80 ILE A CD1 
640 N N   . THR A 82 ? 0.6185 0.4931 0.7045 0.0214  0.0815  -0.1099 81 THR A N   
641 C CA  . THR A 82 ? 0.6989 0.5144 0.7220 -0.0009 0.1038  -0.1022 81 THR A CA  
642 C C   . THR A 82 ? 0.7942 0.5118 0.7534 0.0469  0.0931  -0.0950 81 THR A C   
643 O O   . THR A 82 ? 0.9077 0.5397 0.7802 0.0614  0.1191  -0.0744 81 THR A O   
644 C CB  . THR A 82 ? 0.7020 0.5383 0.7373 -0.0598 0.1305  -0.1178 81 THR A CB  
645 O OG1 . THR A 82 ? 0.6947 0.5082 0.7567 -0.0330 0.1150  -0.1301 81 THR A OG1 
646 C CG2 . THR A 82 ? 0.6130 0.6251 0.7088 -0.0912 0.1416  -0.1148 81 THR A CG2 
647 N N   . THR A 83 ? 0.7672 0.5220 0.7650 0.0826  0.0631  -0.1014 82 THR A N   
648 C CA  . THR A 83 ? 0.8556 0.5978 0.7972 0.1589  0.0525  -0.0800 82 THR A CA  
649 C C   . THR A 83 ? 0.8827 0.6876 0.7953 0.1871  0.0180  -0.0811 82 THR A C   
650 O O   . THR A 83 ? 0.9886 0.7741 0.8149 0.2596  0.0277  -0.0493 82 THR A O   
651 C CB  . THR A 83 ? 0.8093 0.6467 0.8115 0.1922  0.0298  -0.0789 82 THR A CB  
652 O OG1 . THR A 83 ? 0.8160 0.5732 0.8149 0.1740  0.0679  -0.0821 82 THR A OG1 
653 C CG2 . THR A 83 ? 0.9202 0.8087 0.8562 0.3017  0.0263  -0.0382 82 THR A CG2 
654 N N   . ALA A 84 ? 0.8330 0.6950 0.7920 0.1365  -0.0103 -0.1170 83 ALA A N   
655 C CA  . ALA A 84 ? 0.9014 0.8020 0.8043 0.1459  -0.0386 -0.1369 83 ALA A CA  
656 C C   . ALA A 84 ? 0.9847 0.7938 0.7926 0.1815  -0.0080 -0.1078 83 ALA A C   
657 O O   . ALA A 84 ? 1.0533 0.8868 0.7959 0.2013  -0.0271 -0.1226 83 ALA A O   
658 C CB  . ALA A 84 ? 0.8917 0.7962 0.8191 0.0748  -0.0494 -0.1898 83 ALA A CB  
659 N N   . CYS A 85 ? 1.0150 0.7284 0.8052 0.1804  0.0430  -0.0706 84 CYS A N   
660 C CA  . CYS A 85 ? 1.0680 0.7155 0.7947 0.1772  0.0838  -0.0439 84 CYS A CA  
661 C C   . CYS A 85 ? 1.1444 0.6865 0.8268 0.1458  0.1522  -0.0086 84 CYS A C   
662 O O   . CYS A 85 ? 1.1568 0.6883 0.8048 0.1222  0.1874  0.0136  84 CYS A O   
663 C CB  . CYS A 85 ? 0.9921 0.6828 0.7641 0.1349  0.0863  -0.0618 84 CYS A CB  
664 S SG  . CYS A 85 ? 1.0171 0.7317 0.7736 0.1044  0.1457  -0.0201 84 CYS A SG  
665 N N   . HIS A 86 ? 1.2214 0.6675 0.8760 0.1417  0.1855  -0.0023 85 HIS A N   
666 C CA  . HIS A 86 ? 1.3651 0.7205 0.9287 0.2402  0.2070  0.0312  85 HIS A CA  
667 C C   . HIS A 86 ? 1.3405 0.8342 0.9166 0.3463  0.1479  0.0389  85 HIS A C   
668 O O   . HIS A 86 ? 1.3373 0.8688 0.9386 0.3813  0.1385  0.0400  85 HIS A O   
669 C CB  . HIS A 86 ? 1.4837 0.6695 0.9907 0.2071  0.2749  0.0300  85 HIS A CB  
670 C CG  . HIS A 86 ? 1.7652 0.7223 1.0904 0.2961  0.3689  0.0872  85 HIS A CG  
671 N ND1 . HIS A 86 ? 1.9429 0.7590 1.1544 0.2978  0.4402  0.1274  85 HIS A ND1 
672 C CD2 . HIS A 86 ? 1.9394 0.7680 1.1550 0.4059  0.4210  0.1236  85 HIS A CD2 
673 C CE1 . HIS A 86 ? 2.2103 0.7941 1.2402 0.4050  0.5394  0.1869  85 HIS A CE1 
674 N NE2 . HIS A 86 ? 2.2293 0.8150 1.2511 0.4813  0.5318  0.1878  85 HIS A NE2 
675 N N   . GLU A 87 ? 1.3529 0.9406 0.8972 0.3986  0.1149  0.0471  86 GLU A N   
676 C CA  . GLU A 87 ? 1.3867 1.1531 0.9068 0.5026  0.0684  0.0608  86 GLU A CA  
677 C C   . GLU A 87 ? 1.4201 1.2658 0.8857 0.5280  0.0400  0.0535  86 GLU A C   
678 O O   . GLU A 87 ? 1.5440 1.4546 0.9095 0.6500  0.0519  0.1039  86 GLU A O   
679 C CB  . GLU A 87 ? 1.2528 1.2200 0.8947 0.4553  -0.0058 0.0079  86 GLU A CB  
680 C CG  . GLU A 87 ? 1.2967 1.3571 0.9381 0.5482  0.0023  0.0507  86 GLU A CG  
681 C CD  . GLU A 87 ? 1.1624 1.4215 0.9414 0.4774  -0.0602 0.0022  86 GLU A CD  
682 O OE1 . GLU A 87 ? 1.0885 1.4253 0.9402 0.3623  -0.1110 -0.0681 86 GLU A OE1 
683 O OE2 . GLU A 87 ? 1.1778 1.4942 0.9744 0.5404  -0.0452 0.0384  86 GLU A OE2 
684 N N   . PHE A 88 ? 1.3323 1.1694 0.8454 0.4298  0.0121  -0.0033 87 PHE A N   
685 C CA  . PHE A 88 ? 1.3793 1.2463 0.8237 0.4413  -0.0055 -0.0220 87 PHE A CA  
686 C C   . PHE A 88 ? 1.5057 1.2742 0.8363 0.5309  0.0579  0.0544  87 PHE A C   
687 O O   . PHE A 88 ? 1.5607 1.1592 0.8690 0.5378  0.1392  0.1154  87 PHE A O   
688 C CB  . PHE A 88 ? 1.3133 1.1072 0.7967 0.3465  -0.0041 -0.0696 87 PHE A CB  
689 C CG  . PHE A 88 ? 1.3981 1.1962 0.7882 0.3586  -0.0174 -0.1026 87 PHE A CG  
690 C CD1 . PHE A 88 ? 1.4547 1.3426 0.8122 0.3192  -0.0726 -0.1857 87 PHE A CD1 
691 C CD2 . PHE A 88 ? 1.4535 1.1677 0.7756 0.3979  0.0319  -0.0561 87 PHE A CD2 
692 C CE1 . PHE A 88 ? 1.5825 1.4370 0.8167 0.3239  -0.0759 -0.2307 87 PHE A CE1 
693 C CE2 . PHE A 88 ? 1.5551 1.2588 0.7688 0.4263  0.0269  -0.0843 87 PHE A CE2 
694 C CZ  . PHE A 88 ? 1.6259 1.3800 0.7841 0.3917  -0.0258 -0.1760 87 PHE A CZ  
# 
